data_5HP5
#
_entry.id   5HP5
#
_cell.length_a   90.815
_cell.length_b   90.815
_cell.length_c   373.049
_cell.angle_alpha   90.00
_cell.angle_beta   90.00
_cell.angle_gamma   120.00
#
_symmetry.space_group_name_H-M   'P 61'
#
loop_
_entity.id
_entity.type
_entity.pdbx_description
1 polymer 'Protein-arginine deiminase type-1'
2 non-polymer 'CALCIUM ION'
3 water water
#
_entity_poly.entity_id   1
_entity_poly.type   'polypeptide(L)'
_entity_poly.pdbx_seq_one_letter_code
;MGHHHHHHHHHHSSGHIEGRHMAPKRVVQLSLKMPTHAVCVVGVEAHVDIHSDVPKGANSFRVSGSSGVEVFMVYNRTRV
KEPIGKARWPLDTDADMVVSVGTASKELKDFKVRVSYFGEQEDQALGRSVLYLTGVDISLEVDTGRTGKVKRSQGDKKTW
RWGPEGYGAILLVNCDRDNHRSAEPDLTHSWLMSLADLQDMSPMLLSCNGPDKLFDSHKLVLNVPFSDSKRVRVFCARGG
NSLSDYKQVLGPQCLSYEVERQPGEQEIKFYVEGLTFPDADFLGLVSLSVSLVDPGTLPEVTLFTDTVGFRMAPWIMTPN
TQPPEELYVCRVMDTHGSNEKFLEDMSYLTLKANCKLTICPQVENRNDRWIQDEMEFGYIEAPHKSFPVVFDSPRNRGLK
DFPYKRILGPDFGYVTREIPLPGPSSLDSFGNLDVSPPVTVGGTEYPLGRILIGSSFPKSGGRQMARAVRNFLKAQQVQA
PVELYSDWLSVGHVDEFLTFVPTSDQKGFRLLLASPSACLKLFQEKKEEGYGEAAQFDGLKHQAKRSINEMLADRHLQRD
NLHAQKCIDWNRNVLKRELGLAESDIVDIPQLFFLKNFYAEAFFPDMVNMVVLGKYLGIPKPYGPIINGRCCLEEKVQSL
LEPLGLHCIFIDDYLSYHELQGEIHCGTNVRRKPFPFKWWNMVP
;
_entity_poly.pdbx_strand_id   A,B
#
# COMPACT_ATOMS: atom_id res chain seq x y z
N HIS A 16 32.28 -25.77 45.82
CA HIS A 16 33.40 -24.85 45.78
C HIS A 16 33.81 -24.55 44.33
N ILE A 17 32.86 -24.09 43.54
CA ILE A 17 33.11 -23.70 42.15
C ILE A 17 34.11 -22.55 42.11
N GLU A 18 35.04 -22.60 41.15
CA GLU A 18 36.13 -21.63 41.08
C GLU A 18 35.65 -20.18 41.00
N GLY A 19 34.85 -19.87 39.98
CA GLY A 19 34.41 -18.51 39.80
C GLY A 19 33.08 -18.39 39.09
N ARG A 20 32.40 -17.29 39.35
CA ARG A 20 31.08 -17.05 38.79
C ARG A 20 30.84 -15.55 38.63
N HIS A 21 30.21 -15.16 37.53
CA HIS A 21 29.71 -13.80 37.43
C HIS A 21 28.44 -13.77 38.25
N MET A 22 28.39 -12.92 39.28
CA MET A 22 27.21 -12.93 40.15
C MET A 22 26.64 -11.54 40.40
N ALA A 23 25.32 -11.49 40.44
CA ALA A 23 24.55 -10.26 40.57
C ALA A 23 24.96 -9.41 41.77
N PRO A 24 24.98 -8.08 41.58
CA PRO A 24 25.26 -7.11 42.64
C PRO A 24 24.16 -7.11 43.71
N LYS A 25 24.55 -6.88 44.96
CA LYS A 25 23.58 -6.80 46.04
C LYS A 25 23.54 -5.40 46.63
N ARG A 26 22.45 -4.67 46.42
CA ARG A 26 22.29 -3.40 47.12
C ARG A 26 21.48 -3.64 48.38
N VAL A 27 22.10 -3.36 49.52
CA VAL A 27 21.45 -3.50 50.80
C VAL A 27 21.40 -2.15 51.50
N VAL A 28 20.20 -1.63 51.72
CA VAL A 28 20.04 -0.31 52.30
C VAL A 28 20.31 -0.33 53.79
N GLN A 29 21.29 0.48 54.22
CA GLN A 29 21.62 0.58 55.63
C GLN A 29 20.65 1.52 56.34
N LEU A 30 20.45 1.29 57.63
CA LEU A 30 19.56 2.12 58.43
C LEU A 30 20.30 2.78 59.58
N SER A 31 19.77 3.91 60.04
CA SER A 31 20.34 4.61 61.18
C SER A 31 19.25 5.17 62.09
N LEU A 32 19.38 4.92 63.38
CA LEU A 32 18.45 5.48 64.35
C LEU A 32 18.78 6.96 64.57
N LYS A 33 20.03 7.31 64.30
CA LYS A 33 20.50 8.68 64.45
C LYS A 33 20.02 9.57 63.29
N MET A 34 20.15 9.06 62.07
CA MET A 34 19.77 9.82 60.88
C MET A 34 18.86 9.02 59.96
N PRO A 35 17.87 9.69 59.34
CA PRO A 35 17.02 9.02 58.36
C PRO A 35 17.78 8.77 57.06
N THR A 36 17.54 7.62 56.44
CA THR A 36 18.24 7.26 55.21
C THR A 36 17.25 7.24 54.06
N HIS A 37 17.74 7.53 52.85
CA HIS A 37 16.88 7.53 51.67
C HIS A 37 17.33 6.45 50.69
N ALA A 38 16.41 6.02 49.83
CA ALA A 38 16.70 4.96 48.88
C ALA A 38 15.85 5.09 47.61
N VAL A 39 16.43 4.62 46.51
CA VAL A 39 15.76 4.54 45.21
C VAL A 39 15.19 3.15 44.99
N CYS A 40 14.00 3.05 44.43
CA CYS A 40 13.53 1.71 44.06
C CYS A 40 12.64 1.72 42.82
N VAL A 41 12.84 0.73 41.96
CA VAL A 41 12.05 0.58 40.75
C VAL A 41 10.76 -0.18 41.06
N VAL A 42 9.66 0.25 40.46
CA VAL A 42 8.36 -0.36 40.68
C VAL A 42 8.36 -1.87 40.40
N GLY A 43 7.86 -2.64 41.36
CA GLY A 43 7.72 -4.08 41.19
C GLY A 43 9.01 -4.83 41.46
N VAL A 44 10.01 -4.12 41.96
CA VAL A 44 11.29 -4.75 42.29
C VAL A 44 11.59 -4.61 43.77
N GLU A 45 11.91 -5.73 44.41
CA GLU A 45 12.21 -5.75 45.83
C GLU A 45 13.36 -4.83 46.20
N ALA A 46 13.26 -4.22 47.38
CA ALA A 46 14.36 -3.44 47.91
C ALA A 46 14.90 -4.05 49.19
N HIS A 47 16.10 -4.61 49.12
CA HIS A 47 16.69 -5.23 50.30
C HIS A 47 17.09 -4.17 51.32
N VAL A 48 16.54 -4.28 52.53
CA VAL A 48 16.92 -3.38 53.60
C VAL A 48 17.46 -4.21 54.76
N ASP A 49 18.47 -3.67 55.44
CA ASP A 49 19.12 -4.38 56.53
C ASP A 49 18.63 -3.86 57.88
N ILE A 50 17.87 -4.69 58.58
CA ILE A 50 17.31 -4.30 59.86
C ILE A 50 18.34 -4.53 60.97
N HIS A 51 19.40 -5.26 60.62
CA HIS A 51 20.48 -5.55 61.57
C HIS A 51 21.58 -4.49 61.53
N SER A 52 21.43 -3.51 60.64
CA SER A 52 22.46 -2.49 60.44
C SER A 52 22.77 -1.73 61.72
N ASP A 53 21.75 -1.09 62.29
CA ASP A 53 21.90 -0.44 63.58
C ASP A 53 20.78 -0.90 64.52
N VAL A 54 21.15 -1.65 65.54
CA VAL A 54 20.21 -2.17 66.52
C VAL A 54 20.43 -1.51 67.87
N PRO A 55 19.42 -0.80 68.38
CA PRO A 55 19.59 -0.02 69.61
C PRO A 55 19.59 -0.81 70.92
N LYS A 56 20.50 -0.44 71.83
CA LYS A 56 20.29 -0.65 73.26
C LYS A 56 19.79 -2.03 73.71
N GLY A 57 20.31 -3.10 73.11
CA GLY A 57 19.88 -4.44 73.48
C GLY A 57 18.39 -4.69 73.27
N ALA A 58 17.88 -4.35 72.08
CA ALA A 58 16.47 -4.52 71.76
C ALA A 58 16.18 -5.97 71.34
N ASN A 59 15.05 -6.49 71.81
CA ASN A 59 14.72 -7.91 71.58
C ASN A 59 14.16 -8.18 70.18
N SER A 60 13.34 -7.26 69.67
CA SER A 60 12.66 -7.48 68.39
C SER A 60 12.28 -6.14 67.74
N PHE A 61 11.48 -6.18 66.68
CA PHE A 61 11.13 -4.94 66.02
C PHE A 61 9.71 -4.87 65.46
N ARG A 62 9.27 -3.63 65.25
CA ARG A 62 8.06 -3.33 64.52
C ARG A 62 8.21 -2.25 63.44
N VAL A 63 7.86 -2.61 62.21
CA VAL A 63 7.99 -1.66 61.10
C VAL A 63 6.71 -1.43 60.31
N SER A 64 6.28 -0.16 60.25
CA SER A 64 5.14 0.20 59.44
C SER A 64 5.51 1.32 58.47
N GLY A 65 4.94 1.26 57.27
CA GLY A 65 5.27 2.20 56.23
C GLY A 65 4.04 2.48 55.38
N SER A 66 4.13 3.52 54.56
CA SER A 66 2.96 4.08 53.91
C SER A 66 3.37 5.22 52.96
N SER A 67 2.50 5.54 52.00
CA SER A 67 1.36 4.68 51.65
C SER A 67 1.54 4.18 50.23
N GLY A 68 1.14 2.93 50.00
CA GLY A 68 1.42 2.29 48.73
C GLY A 68 2.69 1.49 48.85
N VAL A 69 3.31 1.57 50.03
CA VAL A 69 4.51 0.81 50.33
C VAL A 69 4.14 -0.57 50.86
N GLU A 70 4.91 -1.58 50.45
CA GLU A 70 4.70 -2.93 50.94
C GLU A 70 5.97 -3.44 51.61
N VAL A 71 5.84 -4.12 52.73
CA VAL A 71 7.00 -4.67 53.42
C VAL A 71 6.87 -6.17 53.61
N PHE A 72 7.90 -6.90 53.21
CA PHE A 72 7.89 -8.36 53.31
C PHE A 72 9.17 -8.88 53.97
N MET A 73 9.08 -10.09 54.52
CA MET A 73 10.24 -10.81 55.02
C MET A 73 10.47 -12.03 54.16
N VAL A 74 11.73 -12.28 53.83
CA VAL A 74 12.09 -13.40 52.97
C VAL A 74 13.17 -14.26 53.62
N TYR A 75 12.83 -15.51 53.93
CA TYR A 75 13.79 -16.43 54.50
C TYR A 75 14.85 -16.71 53.44
N ASN A 76 16.03 -17.15 53.85
CA ASN A 76 17.21 -17.01 52.99
C ASN A 76 17.30 -18.09 51.91
N ARG A 77 16.26 -18.92 51.83
CA ARG A 77 16.00 -19.72 50.64
C ARG A 77 15.40 -18.79 49.57
N THR A 78 15.13 -19.30 48.38
CA THR A 78 14.57 -18.47 47.29
C THR A 78 13.10 -18.07 47.50
N ARG A 79 12.39 -18.79 48.38
CA ARG A 79 10.93 -18.71 48.45
C ARG A 79 10.30 -17.95 49.62
N VAL A 80 8.97 -18.06 49.69
CA VAL A 80 8.08 -17.50 50.73
C VAL A 80 8.32 -16.02 51.11
N LYS A 81 7.86 -15.12 50.25
CA LYS A 81 7.53 -13.80 50.75
C LYS A 81 6.51 -13.99 51.86
N GLU A 82 6.83 -13.50 53.06
CA GLU A 82 5.81 -13.43 54.11
C GLU A 82 5.60 -11.98 54.49
N PRO A 83 4.40 -11.45 54.20
CA PRO A 83 4.09 -10.06 54.49
C PRO A 83 4.02 -9.78 55.98
N ILE A 84 4.66 -8.68 56.38
CA ILE A 84 4.60 -8.23 57.76
C ILE A 84 3.24 -7.57 58.03
N GLY A 85 2.63 -8.01 59.11
CA GLY A 85 1.32 -7.57 59.54
C GLY A 85 1.45 -6.37 60.46
N LYS A 86 0.66 -6.28 61.52
CA LYS A 86 0.99 -5.28 62.54
C LYS A 86 1.76 -5.99 63.70
N ALA A 87 2.19 -7.24 63.50
CA ALA A 87 2.69 -8.04 64.57
C ALA A 87 4.18 -7.83 64.83
N ARG A 88 4.62 -7.90 66.09
CA ARG A 88 6.05 -7.69 66.43
C ARG A 88 6.93 -8.83 65.93
N TRP A 89 7.94 -8.50 65.13
CA TRP A 89 8.81 -9.51 64.51
C TRP A 89 10.14 -9.70 65.26
N PRO A 90 10.49 -10.96 65.59
CA PRO A 90 11.76 -11.26 66.26
C PRO A 90 12.97 -10.74 65.48
N LEU A 91 13.93 -10.16 66.18
CA LEU A 91 15.04 -9.50 65.51
C LEU A 91 16.06 -10.52 65.01
N ASP A 92 15.98 -11.76 65.49
CA ASP A 92 16.74 -12.82 64.86
C ASP A 92 15.83 -13.74 64.05
N THR A 93 15.93 -13.57 62.74
CA THR A 93 15.24 -14.41 61.77
C THR A 93 16.35 -14.79 60.79
N ASP A 94 16.01 -15.47 59.72
CA ASP A 94 16.95 -15.59 58.63
C ASP A 94 16.96 -14.23 57.93
N ALA A 95 18.12 -13.59 57.91
CA ALA A 95 18.23 -12.14 57.79
C ALA A 95 17.76 -11.53 56.47
N ASP A 96 16.86 -10.56 56.58
CA ASP A 96 16.36 -9.78 55.45
C ASP A 96 15.28 -8.77 55.83
N MET A 97 15.04 -7.82 54.94
CA MET A 97 13.75 -7.13 54.83
C MET A 97 13.63 -6.63 53.39
N VAL A 98 12.42 -6.63 52.85
CA VAL A 98 12.25 -6.12 51.49
C VAL A 98 11.08 -5.15 51.38
N VAL A 99 11.30 -4.01 50.74
CA VAL A 99 10.22 -3.05 50.55
C VAL A 99 9.91 -2.87 49.06
N SER A 100 8.64 -2.66 48.76
CA SER A 100 8.16 -2.54 47.40
C SER A 100 7.30 -1.30 47.23
N VAL A 101 7.56 -0.54 46.17
CA VAL A 101 6.77 0.65 45.88
C VAL A 101 5.87 0.38 44.67
N GLY A 102 4.57 0.62 44.84
CA GLY A 102 3.58 0.25 43.84
C GLY A 102 3.46 1.19 42.66
N THR A 103 3.68 2.47 42.87
CA THR A 103 3.53 3.47 41.81
C THR A 103 4.82 4.26 41.58
N ALA A 104 4.76 5.21 40.67
CA ALA A 104 5.88 6.13 40.46
C ALA A 104 5.73 7.34 41.36
N SER A 105 6.79 7.66 42.10
CA SER A 105 6.76 8.76 43.06
C SER A 105 6.63 10.12 42.36
N LYS A 106 5.71 10.95 42.86
CA LYS A 106 5.49 12.26 42.30
C LYS A 106 6.57 13.25 42.71
N GLU A 107 7.21 12.98 43.85
CA GLU A 107 8.28 13.84 44.34
C GLU A 107 9.36 13.02 45.03
N LEU A 108 10.57 13.57 45.09
CA LEU A 108 11.70 12.90 45.72
C LEU A 108 11.41 12.61 47.18
N LYS A 109 11.63 11.36 47.58
CA LYS A 109 11.44 10.91 48.97
C LYS A 109 10.00 11.04 49.47
N ASP A 110 9.02 10.72 48.64
CA ASP A 110 7.63 10.84 49.09
C ASP A 110 7.02 9.53 49.60
N PHE A 111 7.79 8.44 49.58
CA PHE A 111 7.33 7.22 50.23
C PHE A 111 7.99 7.10 51.60
N LYS A 112 7.27 6.63 52.61
CA LYS A 112 7.86 6.56 53.95
C LYS A 112 7.81 5.17 54.56
N VAL A 113 8.87 4.79 55.24
CA VAL A 113 8.92 3.54 56.00
C VAL A 113 9.59 3.79 57.35
N ARG A 114 8.90 3.44 58.43
CA ARG A 114 9.48 3.63 59.75
C ARG A 114 9.61 2.31 60.49
N VAL A 115 10.81 2.09 61.05
CA VAL A 115 11.07 0.94 61.88
C VAL A 115 11.23 1.38 63.33
N SER A 116 10.59 0.66 64.24
CA SER A 116 10.69 0.92 65.67
C SER A 116 11.15 -0.33 66.38
N TYR A 117 12.19 -0.23 67.21
CA TYR A 117 12.70 -1.42 67.87
C TYR A 117 12.15 -1.55 69.29
N PHE A 118 11.88 -2.78 69.70
CA PHE A 118 11.24 -3.04 71.00
C PHE A 118 12.14 -3.89 71.90
N GLY A 119 11.68 -4.09 73.13
CA GLY A 119 12.33 -4.94 74.11
C GLY A 119 11.22 -5.33 75.06
N GLU A 120 11.48 -6.18 76.04
CA GLU A 120 10.49 -6.36 77.08
C GLU A 120 10.74 -5.88 78.57
N GLN A 121 11.69 -5.02 78.95
CA GLN A 121 12.41 -3.97 78.22
C GLN A 121 11.42 -3.05 77.43
N GLU A 122 10.35 -2.63 78.16
CA GLU A 122 9.39 -1.63 77.68
C GLU A 122 9.59 -0.25 78.41
N ASP A 123 8.87 0.86 78.09
CA ASP A 123 7.52 0.94 77.51
C ASP A 123 7.40 0.70 76.01
N GLN A 124 7.81 1.66 75.20
CA GLN A 124 7.74 1.46 73.76
C GLN A 124 9.08 1.90 73.19
N ALA A 125 9.14 2.09 71.88
CA ALA A 125 10.38 1.95 71.11
C ALA A 125 11.62 2.58 71.74
N LEU A 126 12.69 1.79 71.70
CA LEU A 126 13.95 2.09 72.33
C LEU A 126 14.75 2.93 71.34
N GLY A 127 14.21 2.98 70.13
CA GLY A 127 14.73 3.80 69.05
C GLY A 127 13.97 3.51 67.78
N ARG A 128 14.05 4.44 66.85
CA ARG A 128 13.40 4.30 65.55
C ARG A 128 14.34 4.69 64.42
N SER A 129 14.29 3.92 63.33
CA SER A 129 15.03 4.23 62.12
C SER A 129 14.05 4.63 61.01
N VAL A 130 14.39 5.68 60.27
CA VAL A 130 13.51 6.20 59.24
C VAL A 130 14.11 5.98 57.84
N LEU A 131 13.26 5.55 56.91
CA LEU A 131 13.68 5.27 55.55
C LEU A 131 12.72 5.90 54.53
N TYR A 132 13.24 6.83 53.74
CA TYR A 132 12.44 7.44 52.67
C TYR A 132 12.68 6.71 51.37
N LEU A 133 11.62 6.53 50.59
CA LEU A 133 11.71 5.83 49.32
C LEU A 133 11.27 6.71 48.15
N THR A 134 12.06 6.65 47.09
CA THR A 134 11.69 7.28 45.83
C THR A 134 11.36 6.20 44.79
N GLY A 135 10.08 6.13 44.44
CA GLY A 135 9.60 5.20 43.44
C GLY A 135 9.92 5.62 42.02
N VAL A 136 10.39 4.66 41.23
CA VAL A 136 10.69 4.89 39.82
C VAL A 136 10.06 3.79 38.98
N ASP A 137 9.69 4.14 37.75
CA ASP A 137 9.23 3.13 36.80
C ASP A 137 10.22 3.04 35.65
N ILE A 138 10.99 1.95 35.61
CA ILE A 138 11.91 1.73 34.50
C ILE A 138 11.54 0.45 33.79
N SER A 139 11.00 0.57 32.59
CA SER A 139 10.67 -0.62 31.81
C SER A 139 11.04 -0.47 30.36
N LEU A 140 11.90 -1.35 29.87
CA LEU A 140 12.14 -1.45 28.45
C LEU A 140 11.07 -2.36 27.88
N GLU A 141 10.31 -1.84 26.94
CA GLU A 141 9.15 -2.55 26.42
C GLU A 141 9.22 -2.69 24.91
N VAL A 142 8.82 -3.87 24.44
CA VAL A 142 8.75 -4.10 23.01
C VAL A 142 7.37 -4.62 22.61
N ASP A 143 7.22 -4.97 21.36
CA ASP A 143 6.01 -5.59 20.85
C ASP A 143 6.02 -7.09 21.20
N THR A 144 5.07 -7.57 22.03
CA THR A 144 5.15 -8.91 22.64
C THR A 144 4.00 -9.87 22.26
N GLY A 145 2.74 -9.53 22.51
CA GLY A 145 1.66 -10.10 21.69
C GLY A 145 1.59 -9.42 20.31
N ARG A 146 1.57 -10.17 19.20
CA ARG A 146 2.01 -9.58 17.91
C ARG A 146 0.94 -8.92 17.12
N THR A 147 1.03 -7.61 17.15
CA THR A 147 -0.03 -6.75 16.70
C THR A 147 0.59 -5.39 16.54
N GLY A 148 -0.20 -4.43 16.12
CA GLY A 148 -0.17 -3.13 16.77
C GLY A 148 1.18 -2.54 17.08
N LYS A 149 1.32 -2.17 18.36
CA LYS A 149 2.51 -1.52 18.87
C LYS A 149 3.07 -2.25 20.10
N VAL A 150 4.13 -1.69 20.66
CA VAL A 150 4.83 -2.20 21.84
C VAL A 150 3.90 -2.51 23.01
N LYS A 151 4.07 -3.67 23.66
CA LYS A 151 3.29 -3.96 24.85
C LYS A 151 4.03 -4.44 26.10
N ARG A 152 4.25 -3.54 27.05
CA ARG A 152 4.01 -3.74 28.50
C ARG A 152 4.13 -5.20 29.00
N SER A 153 5.31 -5.80 29.05
CA SER A 153 5.25 -7.06 29.78
C SER A 153 6.07 -7.04 31.08
N GLN A 154 5.38 -6.82 32.19
CA GLN A 154 5.86 -7.29 33.47
C GLN A 154 4.72 -7.80 34.39
N GLY A 155 4.57 -9.12 34.54
CA GLY A 155 4.73 -10.09 33.46
C GLY A 155 6.03 -10.37 32.74
N ASP A 156 7.06 -10.77 33.48
CA ASP A 156 8.31 -11.17 32.84
C ASP A 156 8.14 -12.56 32.22
N LYS A 157 8.39 -12.64 30.91
CA LYS A 157 8.30 -13.90 30.21
C LYS A 157 9.61 -14.19 29.47
N LYS A 158 9.67 -15.32 28.78
CA LYS A 158 10.86 -15.67 28.02
C LYS A 158 11.02 -14.76 26.81
N THR A 159 12.26 -14.61 26.34
CA THR A 159 12.54 -13.72 25.22
C THR A 159 12.00 -14.25 23.90
N TRP A 160 11.80 -15.56 23.81
CA TRP A 160 11.11 -16.13 22.64
C TRP A 160 10.46 -17.49 22.95
N ARG A 161 9.36 -17.76 22.24
CA ARG A 161 8.62 -19.02 22.29
C ARG A 161 7.99 -19.23 20.91
N TRP A 162 7.92 -20.47 20.45
CA TRP A 162 7.73 -20.68 19.02
C TRP A 162 6.31 -20.85 18.47
N GLY A 163 5.30 -21.01 19.32
CA GLY A 163 3.99 -21.37 18.80
C GLY A 163 3.02 -20.23 18.55
N PRO A 164 1.74 -20.57 18.34
CA PRO A 164 0.61 -19.64 18.42
C PRO A 164 0.50 -19.09 19.84
N GLU A 165 1.24 -19.74 20.73
CA GLU A 165 1.37 -19.43 22.15
C GLU A 165 1.69 -17.96 22.55
N GLY A 166 2.66 -17.34 21.90
CA GLY A 166 3.19 -16.06 22.35
C GLY A 166 4.59 -16.14 22.92
N TYR A 167 5.33 -15.03 22.81
CA TYR A 167 6.81 -15.06 22.86
C TYR A 167 7.40 -13.64 23.08
N GLY A 168 8.68 -13.43 22.77
CA GLY A 168 9.24 -12.07 22.70
C GLY A 168 9.32 -11.46 21.29
N ALA A 169 9.92 -10.28 21.14
CA ALA A 169 9.73 -9.44 19.94
C ALA A 169 10.36 -9.93 18.62
N ILE A 170 9.86 -9.38 17.50
CA ILE A 170 10.37 -9.69 16.16
C ILE A 170 11.04 -8.47 15.53
N LEU A 171 12.13 -8.69 14.79
CA LEU A 171 12.85 -7.60 14.13
C LEU A 171 13.21 -7.95 12.69
N LEU A 172 12.89 -7.05 11.77
CA LEU A 172 13.24 -7.23 10.37
C LEU A 172 14.69 -6.86 10.11
N VAL A 173 15.41 -7.73 9.39
CA VAL A 173 16.70 -7.32 8.87
C VAL A 173 16.40 -6.29 7.79
N ASN A 174 16.94 -5.09 7.94
CA ASN A 174 16.55 -4.04 7.02
C ASN A 174 17.52 -4.00 5.85
N CYS A 175 17.07 -4.52 4.72
CA CYS A 175 17.83 -4.42 3.48
C CYS A 175 16.89 -4.06 2.35
N ASP A 176 17.05 -2.84 1.84
CA ASP A 176 16.27 -2.31 0.73
C ASP A 176 16.69 -0.85 0.62
N ARG A 177 16.33 -0.20 -0.48
CA ARG A 177 16.55 1.23 -0.52
C ARG A 177 15.23 1.99 -0.57
N ASP A 178 14.81 2.52 0.57
CA ASP A 178 13.67 3.44 0.64
C ASP A 178 14.24 4.80 0.33
N ASN A 179 15.54 4.75 0.04
CA ASN A 179 16.39 5.87 -0.23
C ASN A 179 16.93 5.72 -1.66
N HIS A 180 16.77 6.76 -2.47
CA HIS A 180 17.40 6.77 -3.80
C HIS A 180 18.72 7.57 -3.82
N ARG A 181 19.12 8.10 -2.67
CA ARG A 181 20.42 8.77 -2.52
C ARG A 181 21.56 7.79 -2.75
N SER A 182 21.41 6.59 -2.21
CA SER A 182 22.53 5.66 -2.10
C SER A 182 22.34 4.36 -2.90
N ALA A 183 23.46 3.71 -3.20
CA ALA A 183 23.45 2.48 -3.99
C ALA A 183 23.21 1.24 -3.13
N GLU A 184 23.34 1.40 -1.81
CA GLU A 184 23.29 0.26 -0.90
C GLU A 184 22.07 0.31 0.00
N PRO A 185 21.62 -0.86 0.48
CA PRO A 185 20.51 -0.93 1.44
C PRO A 185 20.78 -0.09 2.69
N ASP A 186 19.71 0.39 3.32
CA ASP A 186 19.81 1.27 4.49
C ASP A 186 20.58 0.62 5.64
N LEU A 187 20.74 -0.69 5.54
CA LEU A 187 21.49 -1.52 6.46
C LEU A 187 22.89 -0.99 6.76
N THR A 188 23.55 -0.45 5.74
CA THR A 188 24.96 -0.11 5.82
C THR A 188 25.21 1.29 6.39
N HIS A 189 24.14 2.05 6.57
CA HIS A 189 24.28 3.46 6.92
C HIS A 189 24.01 3.73 8.40
N SER A 190 24.76 4.69 8.92
CA SER A 190 24.84 4.96 10.34
C SER A 190 23.91 6.10 10.72
N TRP A 191 23.24 6.63 9.70
CA TRP A 191 22.32 7.72 9.88
C TRP A 191 21.06 7.44 9.08
N LEU A 192 19.93 7.98 9.53
CA LEU A 192 18.68 7.79 8.83
C LEU A 192 18.71 8.55 7.50
N MET A 193 18.08 7.99 6.48
CA MET A 193 18.03 8.65 5.18
C MET A 193 16.59 9.04 4.84
N SER A 194 15.78 8.04 4.49
CA SER A 194 14.35 8.24 4.31
C SER A 194 13.61 8.18 5.65
N LEU A 195 12.46 8.85 5.72
CA LEU A 195 11.57 8.67 6.86
C LEU A 195 10.85 7.33 6.72
N ALA A 196 10.61 6.93 5.48
CA ALA A 196 9.89 5.69 5.18
C ALA A 196 10.68 4.46 5.66
N ASP A 197 11.98 4.64 5.83
CA ASP A 197 12.84 3.57 6.35
C ASP A 197 12.37 3.14 7.73
N LEU A 198 11.79 4.09 8.47
CA LEU A 198 11.25 3.81 9.80
C LEU A 198 10.12 2.79 9.77
N GLN A 199 9.47 2.64 8.62
CA GLN A 199 8.38 1.68 8.51
C GLN A 199 8.95 0.26 8.50
N ASP A 200 10.24 0.14 8.24
CA ASP A 200 10.92 -1.15 8.21
C ASP A 200 11.48 -1.55 9.57
N MET A 201 11.22 -0.73 10.59
CA MET A 201 11.84 -0.94 11.90
C MET A 201 10.85 -1.31 13.00
N SER A 202 11.34 -2.02 14.00
CA SER A 202 10.53 -2.42 15.15
C SER A 202 10.56 -1.37 16.25
N PRO A 203 9.38 -1.05 16.81
CA PRO A 203 9.24 -0.07 17.88
C PRO A 203 9.72 -0.59 19.24
N MET A 204 10.40 0.26 20.00
CA MET A 204 10.76 -0.08 21.38
C MET A 204 10.51 1.12 22.30
N LEU A 205 9.61 0.97 23.26
CA LEU A 205 9.29 2.05 24.18
C LEU A 205 10.08 1.94 25.47
N LEU A 206 10.78 3.01 25.85
CA LEU A 206 11.42 3.07 27.14
C LEU A 206 10.58 3.91 28.09
N SER A 207 10.03 3.26 29.11
CA SER A 207 9.25 3.96 30.12
C SER A 207 10.13 4.32 31.31
N CYS A 208 10.39 5.61 31.47
CA CYS A 208 11.10 6.12 32.64
C CYS A 208 10.22 7.13 33.36
N ASN A 209 9.72 6.74 34.54
CA ASN A 209 8.67 7.52 35.18
C ASN A 209 9.00 7.85 36.63
N GLY A 210 9.10 9.15 36.93
CA GLY A 210 9.37 9.59 38.27
C GLY A 210 9.88 11.01 38.36
N PRO A 211 10.46 11.38 39.50
CA PRO A 211 10.99 12.72 39.76
C PRO A 211 12.20 13.05 38.88
N ASP A 212 12.23 14.27 38.35
CA ASP A 212 13.35 14.70 37.52
C ASP A 212 14.60 14.89 38.37
N LYS A 213 14.39 15.33 39.61
CA LYS A 213 15.49 15.57 40.54
C LYS A 213 16.21 14.27 40.87
N LEU A 214 15.51 13.15 40.65
CA LEU A 214 16.10 11.84 40.79
C LEU A 214 17.05 11.53 39.65
N PHE A 215 16.62 11.87 38.44
CA PHE A 215 17.37 11.55 37.23
C PHE A 215 18.62 12.43 37.10
N ASP A 216 18.72 13.48 37.91
CA ASP A 216 19.89 14.35 37.84
C ASP A 216 21.08 13.73 38.55
N SER A 217 20.82 12.70 39.33
CA SER A 217 21.87 11.97 40.03
C SER A 217 22.06 10.60 39.40
N HIS A 218 21.02 9.78 39.48
CA HIS A 218 21.02 8.45 38.86
C HIS A 218 20.66 8.55 37.39
N LYS A 219 21.47 7.91 36.54
CA LYS A 219 21.31 8.04 35.10
C LYS A 219 20.89 6.75 34.41
N LEU A 220 20.08 6.87 33.37
CA LEU A 220 19.69 5.73 32.56
C LEU A 220 20.68 5.50 31.42
N VAL A 221 21.07 4.24 31.21
CA VAL A 221 22.02 3.93 30.15
C VAL A 221 21.53 2.74 29.34
N LEU A 222 21.65 2.84 28.02
CA LEU A 222 21.04 1.86 27.11
C LEU A 222 22.11 1.08 26.34
N ASN A 223 22.09 -0.25 26.49
CA ASN A 223 23.19 -1.08 25.99
C ASN A 223 22.79 -2.19 25.01
N VAL A 224 23.77 -2.58 24.20
CA VAL A 224 23.70 -3.80 23.40
C VAL A 224 25.02 -4.55 23.60
N PRO A 225 24.95 -5.88 23.72
CA PRO A 225 26.18 -6.67 23.87
C PRO A 225 27.11 -6.55 22.66
N PHE A 226 28.41 -6.75 22.87
CA PHE A 226 29.38 -6.68 21.80
C PHE A 226 29.12 -7.78 20.76
N SER A 227 28.58 -8.90 21.23
CA SER A 227 28.22 -10.00 20.35
C SER A 227 27.21 -9.56 19.30
N ASP A 228 26.20 -8.83 19.75
CA ASP A 228 25.11 -8.38 18.89
C ASP A 228 25.30 -6.97 18.36
N SER A 229 26.44 -6.36 18.67
CA SER A 229 26.71 -4.97 18.32
C SER A 229 26.57 -4.69 16.82
N LYS A 230 27.02 -5.63 16.00
CA LYS A 230 27.02 -5.43 14.55
C LYS A 230 25.76 -6.00 13.90
N ARG A 231 24.86 -6.55 14.71
CA ARG A 231 23.64 -7.15 14.17
C ARG A 231 22.42 -6.23 14.25
N VAL A 232 22.57 -5.06 14.86
CA VAL A 232 21.42 -4.19 15.10
C VAL A 232 21.79 -2.71 15.13
N ARG A 233 20.92 -1.87 14.57
CA ARG A 233 21.04 -0.43 14.75
C ARG A 233 19.82 0.12 15.49
N VAL A 234 20.07 0.99 16.46
CA VAL A 234 19.00 1.63 17.21
C VAL A 234 19.08 3.14 17.05
N PHE A 235 17.99 3.71 16.53
CA PHE A 235 17.85 5.15 16.28
C PHE A 235 16.87 5.78 17.26
N CYS A 236 17.12 7.04 17.58
CA CYS A 236 16.21 7.83 18.41
C CYS A 236 16.26 9.30 17.99
N ALA A 237 15.14 9.98 18.14
CA ALA A 237 15.07 11.39 17.73
C ALA A 237 15.17 12.32 18.93
N ARG A 238 16.31 13.01 19.05
CA ARG A 238 16.45 14.04 20.08
C ARG A 238 16.49 15.39 19.38
N GLY A 239 15.36 16.09 19.48
CA GLY A 239 14.99 17.14 18.58
C GLY A 239 13.52 16.82 18.63
N GLY A 240 12.78 17.04 17.55
CA GLY A 240 11.67 16.13 17.37
C GLY A 240 11.16 15.89 15.97
N ASN A 241 10.72 14.65 15.76
CA ASN A 241 9.86 14.22 14.67
C ASN A 241 10.18 14.83 13.31
N SER A 242 11.47 14.96 13.03
CA SER A 242 11.94 15.46 11.75
C SER A 242 13.17 14.66 11.34
N LEU A 243 13.35 14.47 10.04
CA LEU A 243 14.39 13.60 9.50
C LEU A 243 15.79 13.88 10.06
N SER A 244 16.09 15.15 10.27
CA SER A 244 17.41 15.55 10.72
C SER A 244 17.64 15.28 12.21
N ASP A 245 16.55 15.10 12.96
CA ASP A 245 16.63 14.97 14.41
C ASP A 245 16.93 13.54 14.88
N TYR A 246 17.01 12.61 13.94
CA TYR A 246 17.26 11.21 14.30
C TYR A 246 18.75 10.91 14.32
N LYS A 247 19.23 10.49 15.50
CA LYS A 247 20.62 10.09 15.67
C LYS A 247 20.68 8.61 16.00
N GLN A 248 21.81 7.97 15.72
CA GLN A 248 21.94 6.56 16.05
C GLN A 248 22.47 6.43 17.46
N VAL A 249 21.63 5.95 18.36
CA VAL A 249 22.03 5.79 19.75
C VAL A 249 22.80 4.49 19.94
N LEU A 250 22.49 3.47 19.15
CA LEU A 250 23.23 2.22 19.24
C LEU A 250 23.61 1.67 17.86
N GLY A 251 24.80 1.12 17.75
CA GLY A 251 25.30 0.61 16.49
C GLY A 251 26.51 -0.29 16.65
N PRO A 252 27.16 -0.63 15.54
CA PRO A 252 28.30 -1.57 15.53
C PRO A 252 29.44 -1.18 16.48
N GLN A 253 29.89 0.08 16.41
CA GLN A 253 30.95 0.55 17.30
C GLN A 253 30.45 1.39 18.48
N CYS A 254 29.14 1.56 18.61
CA CYS A 254 28.57 2.21 19.78
C CYS A 254 27.82 1.18 20.63
N LEU A 255 28.39 0.82 21.77
CA LEU A 255 27.82 -0.21 22.62
C LEU A 255 26.88 0.34 23.68
N SER A 256 26.90 1.65 23.89
CA SER A 256 26.15 2.25 24.97
C SER A 256 25.66 3.65 24.61
N TYR A 257 24.52 4.01 25.19
CA TYR A 257 23.92 5.32 24.97
C TYR A 257 23.55 5.93 26.31
N GLU A 258 24.06 7.13 26.57
CA GLU A 258 23.72 7.82 27.80
C GLU A 258 22.49 8.64 27.51
N VAL A 259 21.37 8.23 28.11
CA VAL A 259 20.06 8.73 27.71
C VAL A 259 19.90 10.21 28.03
N GLU A 260 19.51 10.99 27.02
CA GLU A 260 19.21 12.39 27.25
C GLU A 260 17.73 12.49 27.54
N ARG A 261 17.41 12.78 28.80
CA ARG A 261 16.02 12.80 29.23
C ARG A 261 15.65 14.16 29.80
N GLN A 262 14.75 14.86 29.11
CA GLN A 262 14.34 16.19 29.52
C GLN A 262 13.13 16.10 30.45
N PRO A 263 13.09 16.96 31.49
CA PRO A 263 12.35 16.73 32.74
C PRO A 263 10.91 16.23 32.59
N GLY A 264 10.15 16.81 31.68
CA GLY A 264 8.76 16.44 31.53
C GLY A 264 8.53 15.16 30.74
N GLU A 265 9.57 14.70 30.05
CA GLU A 265 9.43 13.56 29.15
C GLU A 265 9.75 12.25 29.86
N GLN A 266 8.70 11.49 30.15
CA GLN A 266 8.82 10.25 30.89
C GLN A 266 8.68 8.96 30.07
N GLU A 267 8.43 9.09 28.78
CA GLU A 267 8.45 7.93 27.88
C GLU A 267 9.11 8.26 26.56
N ILE A 268 10.13 7.47 26.20
CA ILE A 268 10.92 7.74 25.00
C ILE A 268 10.79 6.61 23.97
N LYS A 269 10.52 6.97 22.72
CA LYS A 269 10.40 5.96 21.67
C LYS A 269 11.72 5.73 20.96
N PHE A 270 11.99 4.45 20.67
CA PHE A 270 13.20 4.04 19.97
C PHE A 270 12.84 3.19 18.76
N TYR A 271 13.67 3.26 17.72
CA TYR A 271 13.44 2.44 16.53
C TYR A 271 14.60 1.48 16.31
N VAL A 272 14.28 0.22 16.03
CA VAL A 272 15.31 -0.82 15.93
C VAL A 272 15.30 -1.49 14.55
N GLU A 273 16.47 -1.70 13.97
CA GLU A 273 16.57 -2.36 12.67
C GLU A 273 17.66 -3.43 12.64
N GLY A 274 17.31 -4.60 12.11
CA GLY A 274 18.24 -5.71 11.99
C GLY A 274 19.30 -5.57 10.91
N LEU A 275 20.56 -5.76 11.28
CA LEU A 275 21.66 -5.75 10.33
C LEU A 275 21.94 -7.10 9.64
N THR A 276 21.75 -8.21 10.35
CA THR A 276 22.14 -9.51 9.78
C THR A 276 21.09 -10.60 9.93
N PHE A 277 20.87 -11.35 8.84
CA PHE A 277 20.03 -12.54 8.87
C PHE A 277 20.67 -13.62 9.72
N PRO A 278 19.86 -14.56 10.25
CA PRO A 278 20.42 -15.70 11.00
C PRO A 278 21.40 -16.50 10.16
N ASP A 279 22.54 -16.87 10.75
CA ASP A 279 23.57 -17.62 10.06
C ASP A 279 24.25 -18.60 11.01
N ALA A 280 25.35 -19.20 10.58
CA ALA A 280 26.07 -20.16 11.42
C ALA A 280 26.59 -19.50 12.68
N ASP A 281 26.89 -18.21 12.60
CA ASP A 281 27.39 -17.46 13.75
C ASP A 281 26.27 -16.85 14.58
N PHE A 282 25.05 -16.89 14.05
CA PHE A 282 23.94 -16.19 14.68
C PHE A 282 22.63 -16.98 14.69
N LEU A 283 22.08 -17.21 15.88
CA LEU A 283 20.86 -18.01 15.98
C LEU A 283 19.59 -17.16 15.94
N GLY A 284 19.74 -15.85 15.86
CA GLY A 284 18.61 -14.97 15.65
C GLY A 284 18.13 -14.15 16.83
N LEU A 285 18.67 -14.43 18.01
CA LEU A 285 18.23 -13.72 19.22
C LEU A 285 19.14 -12.52 19.56
N VAL A 286 18.52 -11.35 19.67
CA VAL A 286 19.24 -10.12 20.03
C VAL A 286 18.67 -9.50 21.29
N SER A 287 19.54 -9.19 22.25
CA SER A 287 19.11 -8.62 23.51
C SER A 287 19.51 -7.15 23.65
N LEU A 288 18.56 -6.32 24.09
CA LEU A 288 18.82 -4.90 24.35
C LEU A 288 18.52 -4.58 25.81
N SER A 289 19.30 -3.68 26.39
CA SER A 289 19.16 -3.41 27.82
C SER A 289 18.96 -1.93 28.14
N VAL A 290 18.11 -1.67 29.12
CA VAL A 290 18.11 -0.37 29.78
C VAL A 290 18.48 -0.56 31.24
N SER A 291 19.66 -0.08 31.61
CA SER A 291 20.06 -0.12 33.00
C SER A 291 19.95 1.26 33.62
N LEU A 292 20.16 1.31 34.93
CA LEU A 292 20.11 2.54 35.69
C LEU A 292 21.26 2.53 36.66
N VAL A 293 22.17 3.49 36.53
CA VAL A 293 23.41 3.48 37.28
C VAL A 293 23.53 4.74 38.14
N ASP A 294 24.41 4.69 39.13
CA ASP A 294 24.63 5.85 39.99
C ASP A 294 26.08 6.30 39.89
N PRO A 295 26.35 7.26 39.00
CA PRO A 295 27.69 7.80 38.68
C PRO A 295 28.47 8.36 39.87
N GLY A 296 27.82 8.61 41.01
CA GLY A 296 28.49 9.20 42.17
C GLY A 296 29.31 8.18 42.91
N THR A 297 29.59 7.09 42.21
CA THR A 297 30.20 5.91 42.77
C THR A 297 31.34 5.33 41.92
N LEU A 298 32.43 5.00 42.57
CA LEU A 298 33.55 4.26 41.98
C LEU A 298 34.19 3.17 42.86
N PRO A 299 33.75 1.90 42.75
CA PRO A 299 33.04 1.21 41.66
C PRO A 299 31.61 1.67 41.47
N GLU A 300 31.18 1.77 40.21
CA GLU A 300 29.85 2.30 39.94
C GLU A 300 28.84 1.19 40.09
N VAL A 301 27.69 1.53 40.66
CA VAL A 301 26.67 0.53 40.89
C VAL A 301 25.53 0.70 39.88
N THR A 302 25.04 -0.44 39.41
CA THR A 302 23.85 -0.54 38.58
C THR A 302 22.71 -1.03 39.45
N LEU A 303 21.76 -0.14 39.73
CA LEU A 303 20.65 -0.44 40.62
C LEU A 303 19.61 -1.35 39.98
N PHE A 304 19.38 -1.18 38.67
CA PHE A 304 18.35 -1.95 37.99
C PHE A 304 18.64 -2.18 36.52
N THR A 305 18.17 -3.32 36.00
CA THR A 305 18.30 -3.64 34.58
C THR A 305 17.05 -4.35 34.05
N ASP A 306 16.56 -3.88 32.91
CA ASP A 306 15.48 -4.58 32.19
C ASP A 306 15.99 -4.96 30.80
N THR A 307 15.82 -6.23 30.46
CA THR A 307 16.30 -6.74 29.17
C THR A 307 15.16 -7.28 28.30
N VAL A 308 15.05 -6.75 27.10
CA VAL A 308 14.09 -7.25 26.12
C VAL A 308 14.82 -8.10 25.06
N GLY A 309 14.06 -8.62 24.11
CA GLY A 309 14.70 -9.37 23.04
C GLY A 309 13.95 -9.43 21.72
N PHE A 310 14.74 -9.60 20.65
CA PHE A 310 14.22 -9.62 19.29
C PHE A 310 14.62 -10.90 18.57
N ARG A 311 13.90 -11.22 17.51
CA ARG A 311 14.21 -12.35 16.65
C ARG A 311 14.24 -11.89 15.21
N MET A 312 15.37 -12.11 14.53
CA MET A 312 15.47 -11.73 13.13
C MET A 312 14.48 -12.52 12.30
N ALA A 313 13.67 -11.82 11.53
CA ALA A 313 12.74 -12.47 10.63
C ALA A 313 13.53 -13.18 9.54
N PRO A 314 13.34 -14.51 9.43
CA PRO A 314 14.11 -15.38 8.54
C PRO A 314 13.79 -15.14 7.06
N TRP A 315 14.68 -15.60 6.19
CA TRP A 315 14.45 -15.53 4.76
C TRP A 315 13.68 -16.76 4.30
N ILE A 316 12.56 -16.54 3.62
CA ILE A 316 11.66 -17.62 3.25
C ILE A 316 11.56 -17.77 1.73
N MET A 317 11.43 -19.01 1.26
CA MET A 317 11.31 -19.29 -0.17
C MET A 317 9.89 -19.67 -0.58
N THR A 318 9.52 -19.31 -1.80
CA THR A 318 8.22 -19.68 -2.35
C THR A 318 8.34 -20.80 -3.38
N PRO A 319 7.64 -21.92 -3.15
CA PRO A 319 7.61 -23.04 -4.08
C PRO A 319 6.76 -22.74 -5.31
N ASN A 320 6.91 -23.54 -6.36
CA ASN A 320 6.19 -23.32 -7.62
C ASN A 320 4.68 -23.37 -7.46
N THR A 321 4.21 -23.95 -6.35
CA THR A 321 2.78 -24.07 -6.10
C THR A 321 2.15 -22.73 -5.70
N GLN A 322 2.99 -21.75 -5.41
CA GLN A 322 2.50 -20.42 -5.06
C GLN A 322 2.09 -19.63 -6.30
N PRO A 323 1.08 -18.76 -6.15
CA PRO A 323 0.61 -17.91 -7.26
C PRO A 323 1.71 -16.99 -7.78
N PRO A 324 1.88 -16.95 -9.11
CA PRO A 324 2.89 -16.11 -9.76
C PRO A 324 2.56 -14.62 -9.69
N GLU A 325 3.58 -13.79 -9.54
CA GLU A 325 3.41 -12.35 -9.54
C GLU A 325 4.17 -11.74 -10.72
N GLU A 326 5.50 -11.90 -10.70
CA GLU A 326 6.34 -11.38 -11.77
C GLU A 326 7.27 -12.46 -12.30
N LEU A 327 7.30 -12.60 -13.62
CA LEU A 327 8.19 -13.56 -14.27
C LEU A 327 9.37 -12.83 -14.90
N TYR A 328 10.57 -13.37 -14.75
CA TYR A 328 11.76 -12.70 -15.26
C TYR A 328 12.41 -13.48 -16.40
N VAL A 329 12.56 -12.84 -17.54
CA VAL A 329 13.27 -13.44 -18.66
C VAL A 329 14.15 -12.40 -19.33
N CYS A 330 15.38 -12.77 -19.65
CA CYS A 330 16.32 -11.82 -20.22
C CYS A 330 16.36 -11.92 -21.75
N ARG A 331 16.33 -10.78 -22.42
CA ARG A 331 16.52 -10.79 -23.86
C ARG A 331 18.00 -10.93 -24.13
N VAL A 332 18.37 -12.02 -24.78
CA VAL A 332 19.75 -12.26 -25.14
C VAL A 332 19.83 -12.48 -26.62
N MET A 333 20.73 -11.79 -27.32
CA MET A 333 21.10 -12.41 -28.56
C MET A 333 22.55 -12.32 -29.03
N ASP A 334 23.28 -13.42 -28.88
CA ASP A 334 23.79 -14.13 -30.05
C ASP A 334 24.23 -15.58 -29.81
N THR A 335 23.76 -16.45 -30.69
CA THR A 335 24.64 -17.16 -31.59
C THR A 335 23.87 -16.99 -32.90
N HIS A 336 24.26 -16.00 -33.71
CA HIS A 336 23.72 -15.78 -35.06
C HIS A 336 22.17 -15.93 -35.25
N GLY A 337 21.34 -15.18 -34.51
CA GLY A 337 19.92 -15.53 -34.39
C GLY A 337 19.06 -14.52 -33.62
N SER A 338 18.00 -14.99 -32.96
CA SER A 338 17.49 -14.30 -31.75
C SER A 338 16.37 -15.06 -31.03
N ASN A 339 16.20 -14.75 -29.74
CA ASN A 339 15.26 -15.43 -28.86
C ASN A 339 13.93 -14.69 -28.74
N GLU A 340 13.80 -13.62 -29.52
CA GLU A 340 12.61 -12.78 -29.49
C GLU A 340 11.31 -13.58 -29.61
N LYS A 341 11.32 -14.60 -30.47
CA LYS A 341 10.18 -15.50 -30.61
C LYS A 341 9.82 -16.11 -29.26
N PHE A 342 10.82 -16.68 -28.60
CA PHE A 342 10.67 -17.26 -27.27
C PHE A 342 10.12 -16.23 -26.28
N LEU A 343 10.57 -14.99 -26.42
CA LEU A 343 10.12 -13.90 -25.56
C LEU A 343 8.65 -13.60 -25.79
N GLU A 344 8.20 -13.72 -27.03
CA GLU A 344 6.79 -13.50 -27.36
C GLU A 344 5.94 -14.63 -26.81
N ASP A 345 6.43 -15.86 -26.95
CA ASP A 345 5.77 -17.01 -26.34
C ASP A 345 5.61 -16.77 -24.85
N MET A 346 6.66 -16.22 -24.23
CA MET A 346 6.69 -15.98 -22.80
C MET A 346 5.75 -14.84 -22.40
N SER A 347 5.57 -13.86 -23.28
CA SER A 347 4.64 -12.76 -23.04
C SER A 347 3.22 -13.29 -23.06
N TYR A 348 2.93 -14.03 -24.12
CA TYR A 348 1.67 -14.71 -24.32
C TYR A 348 1.32 -15.51 -23.05
N LEU A 349 2.22 -16.41 -22.70
CA LEU A 349 2.10 -17.31 -21.56
C LEU A 349 1.96 -16.60 -20.21
N THR A 350 2.67 -15.49 -20.04
CA THR A 350 2.61 -14.77 -18.79
C THR A 350 1.28 -14.03 -18.65
N LEU A 351 0.81 -13.44 -19.74
CA LEU A 351 -0.38 -12.61 -19.66
C LEU A 351 -1.67 -13.42 -19.69
N LYS A 352 -1.59 -14.72 -19.95
CA LYS A 352 -2.77 -15.54 -19.63
C LYS A 352 -2.90 -15.82 -18.14
N ALA A 353 -1.76 -15.95 -17.48
CA ALA A 353 -1.75 -16.24 -16.05
C ALA A 353 -2.06 -14.98 -15.26
N ASN A 354 -2.20 -13.86 -15.95
CA ASN A 354 -2.25 -12.55 -15.32
C ASN A 354 -1.06 -12.43 -14.37
N CYS A 355 0.12 -12.25 -14.95
CA CYS A 355 1.27 -11.85 -14.17
C CYS A 355 2.19 -10.94 -14.95
N LYS A 356 2.90 -10.09 -14.23
CA LYS A 356 3.82 -9.15 -14.85
C LYS A 356 4.95 -9.91 -15.52
N LEU A 357 5.37 -9.41 -16.68
CA LEU A 357 6.49 -10.00 -17.39
C LEU A 357 7.62 -8.98 -17.48
N THR A 358 8.71 -9.26 -16.78
CA THR A 358 9.88 -8.40 -16.81
C THR A 358 10.95 -9.00 -17.73
N ILE A 359 11.32 -8.21 -18.74
CA ILE A 359 12.34 -8.62 -19.68
C ILE A 359 13.62 -7.85 -19.41
N CYS A 360 14.66 -8.56 -18.99
CA CYS A 360 15.97 -7.95 -18.79
C CYS A 360 16.67 -7.74 -20.12
N PRO A 361 16.85 -6.47 -20.54
CA PRO A 361 17.54 -6.31 -21.81
C PRO A 361 19.00 -6.81 -21.84
N GLN A 362 19.48 -6.96 -23.06
CA GLN A 362 20.76 -7.59 -23.36
C GLN A 362 21.98 -6.86 -22.82
N VAL A 363 21.87 -5.55 -22.66
CA VAL A 363 23.00 -4.77 -22.18
C VAL A 363 23.28 -5.03 -20.71
N GLU A 364 22.27 -5.41 -19.93
CA GLU A 364 22.48 -5.74 -18.52
C GLU A 364 22.95 -7.16 -18.29
N ASN A 365 22.45 -8.10 -19.08
CA ASN A 365 22.72 -9.51 -18.84
C ASN A 365 24.01 -10.03 -19.47
N ARG A 366 24.57 -9.24 -20.39
CA ARG A 366 25.77 -9.63 -21.13
C ARG A 366 25.57 -11.00 -21.80
N ASN A 367 24.40 -11.17 -22.43
CA ASN A 367 24.00 -12.43 -23.04
C ASN A 367 24.09 -13.64 -22.10
N ASP A 368 23.83 -13.42 -20.83
CA ASP A 368 23.68 -14.52 -19.89
C ASP A 368 22.20 -14.85 -19.80
N ARG A 369 21.81 -15.99 -20.36
CA ARG A 369 20.41 -16.32 -20.53
C ARG A 369 19.78 -17.02 -19.34
N TRP A 370 20.61 -17.52 -18.42
CA TRP A 370 20.05 -18.25 -17.29
C TRP A 370 19.85 -17.29 -16.13
N ILE A 371 18.59 -16.94 -15.89
CA ILE A 371 18.24 -16.02 -14.82
C ILE A 371 17.72 -16.78 -13.61
N GLN A 372 17.60 -18.10 -13.77
CA GLN A 372 17.16 -18.98 -12.69
C GLN A 372 18.32 -19.27 -11.74
N ASP A 373 19.52 -19.30 -12.30
CA ASP A 373 20.72 -19.66 -11.56
C ASP A 373 21.26 -18.53 -10.70
N GLU A 374 21.07 -17.29 -11.15
CA GLU A 374 21.72 -16.14 -10.53
C GLU A 374 21.11 -15.73 -9.20
N MET A 375 19.81 -15.95 -9.04
CA MET A 375 19.12 -15.45 -7.85
C MET A 375 17.92 -16.30 -7.46
N GLU A 376 17.55 -16.22 -6.18
CA GLU A 376 16.34 -16.86 -5.70
C GLU A 376 15.44 -15.85 -5.03
N PHE A 377 14.19 -15.77 -5.48
CA PHE A 377 13.24 -14.82 -4.90
C PHE A 377 12.70 -15.34 -3.57
N GLY A 378 12.49 -14.42 -2.63
CA GLY A 378 12.08 -14.77 -1.29
C GLY A 378 11.36 -13.60 -0.65
N TYR A 379 11.09 -13.69 0.65
CA TYR A 379 10.46 -12.57 1.35
C TYR A 379 10.77 -12.55 2.85
N ILE A 380 10.56 -11.39 3.46
CA ILE A 380 10.74 -11.22 4.90
C ILE A 380 9.48 -10.56 5.49
N GLU A 381 9.17 -10.87 6.75
CA GLU A 381 7.88 -10.47 7.32
C GLU A 381 7.92 -10.19 8.83
N ALA A 382 7.19 -9.16 9.25
CA ALA A 382 7.12 -8.71 10.64
C ALA A 382 5.66 -8.77 11.12
N PRO A 383 5.35 -8.31 12.34
CA PRO A 383 3.92 -8.29 12.71
C PRO A 383 3.04 -7.65 11.63
N HIS A 384 3.35 -6.43 11.16
CA HIS A 384 3.46 -6.23 9.72
C HIS A 384 4.45 -5.13 9.34
N LYS A 385 5.55 -5.54 8.73
CA LYS A 385 5.94 -5.00 7.43
C LYS A 385 6.55 -6.18 6.72
N SER A 386 6.00 -6.47 5.55
CA SER A 386 6.40 -7.66 4.82
C SER A 386 6.82 -7.30 3.41
N PHE A 387 8.09 -7.51 3.11
CA PHE A 387 8.59 -7.21 1.79
C PHE A 387 9.57 -8.28 1.30
N PRO A 388 9.51 -8.59 0.00
CA PRO A 388 10.35 -9.64 -0.60
C PRO A 388 11.84 -9.30 -0.65
N VAL A 389 12.66 -10.35 -0.61
CA VAL A 389 14.11 -10.23 -0.59
C VAL A 389 14.72 -11.14 -1.64
N VAL A 390 15.72 -10.63 -2.35
CA VAL A 390 16.46 -11.43 -3.32
C VAL A 390 17.67 -12.09 -2.68
N PHE A 391 17.86 -13.37 -2.94
CA PHE A 391 19.10 -14.03 -2.56
C PHE A 391 19.97 -14.08 -3.80
N ASP A 392 21.02 -13.27 -3.81
CA ASP A 392 21.91 -13.18 -4.95
C ASP A 392 22.99 -14.24 -4.82
N SER A 393 23.02 -15.16 -5.79
CA SER A 393 23.96 -16.26 -5.77
C SER A 393 25.39 -15.76 -6.01
N PRO A 394 26.37 -16.46 -5.44
CA PRO A 394 27.81 -16.28 -5.66
C PRO A 394 28.22 -16.50 -7.12
N ARG A 395 27.30 -17.02 -7.93
CA ARG A 395 27.55 -17.48 -9.30
C ARG A 395 28.40 -16.50 -10.13
N ASN A 396 28.05 -15.21 -10.10
CA ASN A 396 28.88 -14.16 -10.67
C ASN A 396 29.38 -14.38 -12.10
N ARG A 397 28.49 -14.37 -13.09
CA ARG A 397 28.98 -14.53 -14.46
C ARG A 397 28.61 -13.39 -15.41
N GLY A 398 27.39 -13.36 -15.93
CA GLY A 398 26.95 -12.22 -16.72
C GLY A 398 25.92 -11.36 -16.02
N LEU A 399 25.27 -11.95 -15.02
CA LEU A 399 24.17 -11.31 -14.30
C LEU A 399 24.59 -10.69 -12.98
N LYS A 400 25.90 -10.64 -12.72
CA LYS A 400 26.44 -10.27 -11.41
C LYS A 400 25.77 -9.05 -10.80
N ASP A 401 25.53 -8.04 -11.62
CA ASP A 401 25.04 -6.75 -11.14
C ASP A 401 23.52 -6.61 -11.14
N PHE A 402 22.82 -7.58 -11.73
CA PHE A 402 21.37 -7.43 -11.92
C PHE A 402 20.58 -7.37 -10.60
N PRO A 403 20.82 -8.30 -9.66
CA PRO A 403 20.06 -8.14 -8.40
C PRO A 403 20.42 -6.88 -7.62
N TYR A 404 21.71 -6.55 -7.60
CA TYR A 404 22.20 -5.42 -6.81
C TYR A 404 21.78 -4.07 -7.39
N LYS A 405 21.76 -3.97 -8.71
CA LYS A 405 21.39 -2.74 -9.39
C LYS A 405 19.90 -2.69 -9.71
N ARG A 406 19.46 -3.63 -10.54
CA ARG A 406 18.13 -3.59 -11.13
C ARG A 406 16.98 -3.87 -10.19
N ILE A 407 17.18 -4.81 -9.27
CA ILE A 407 16.11 -5.30 -8.42
C ILE A 407 16.01 -4.53 -7.13
N LEU A 408 17.09 -4.53 -6.36
CA LEU A 408 17.12 -3.89 -5.04
C LEU A 408 16.57 -2.48 -5.11
N GLY A 409 15.59 -2.21 -4.26
CA GLY A 409 14.78 -1.01 -4.35
C GLY A 409 14.00 -0.79 -3.07
N PRO A 410 12.98 0.09 -3.11
CA PRO A 410 12.32 0.53 -1.88
C PRO A 410 11.69 -0.58 -1.05
N ASP A 411 10.86 -1.41 -1.67
CA ASP A 411 10.26 -2.53 -0.94
C ASP A 411 10.91 -3.88 -1.24
N PHE A 412 11.97 -3.91 -2.04
CA PHE A 412 12.61 -5.19 -2.31
C PHE A 412 13.99 -5.31 -1.66
N GLY A 413 14.26 -6.48 -1.11
CA GLY A 413 15.46 -6.71 -0.33
C GLY A 413 16.62 -7.34 -1.08
N TYR A 414 17.80 -7.26 -0.48
CA TYR A 414 18.99 -7.87 -1.03
C TYR A 414 19.76 -8.60 0.05
N VAL A 415 20.15 -9.83 -0.24
CA VAL A 415 21.00 -10.59 0.66
C VAL A 415 21.90 -11.51 -0.17
N THR A 416 23.13 -11.69 0.27
CA THR A 416 24.07 -12.53 -0.46
C THR A 416 25.17 -13.08 0.44
N ARG A 417 25.82 -14.13 -0.04
CA ARG A 417 26.96 -14.70 0.65
C ARG A 417 28.09 -14.89 -0.35
N GLU A 418 29.28 -14.39 -0.02
CA GLU A 418 30.41 -14.55 -0.92
C GLU A 418 31.12 -15.86 -0.66
N ILE A 419 32.13 -16.17 -1.46
CA ILE A 419 32.69 -17.52 -1.49
C ILE A 419 34.22 -17.52 -1.56
N PRO A 420 34.86 -18.45 -0.84
CA PRO A 420 36.31 -18.68 -0.95
C PRO A 420 36.72 -19.26 -2.30
N LEU A 421 37.98 -19.62 -2.46
CA LEU A 421 38.47 -20.13 -3.73
C LEU A 421 38.36 -21.65 -3.84
N PRO A 422 38.25 -22.17 -5.07
CA PRO A 422 37.93 -21.46 -6.31
C PRO A 422 36.45 -21.54 -6.68
N GLY A 423 35.56 -21.11 -5.80
CA GLY A 423 34.13 -21.15 -6.09
C GLY A 423 33.77 -20.08 -7.10
N PRO A 424 32.53 -20.13 -7.64
CA PRO A 424 31.48 -21.14 -7.48
C PRO A 424 31.66 -22.39 -8.33
N SER A 425 30.98 -23.47 -7.96
CA SER A 425 30.80 -24.60 -8.86
C SER A 425 29.44 -24.46 -9.54
N SER A 426 29.05 -25.46 -10.32
CA SER A 426 27.76 -25.41 -11.00
C SER A 426 26.61 -25.66 -10.01
N LEU A 427 26.92 -26.36 -8.93
CA LEU A 427 25.92 -26.66 -7.90
C LEU A 427 25.57 -25.40 -7.10
N ASP A 428 26.34 -24.33 -7.30
CA ASP A 428 26.06 -23.07 -6.63
C ASP A 428 24.99 -22.27 -7.36
N SER A 429 24.73 -22.65 -8.61
CA SER A 429 23.67 -22.03 -9.39
C SER A 429 22.33 -22.29 -8.70
N PHE A 430 21.46 -21.29 -8.67
CA PHE A 430 20.26 -21.37 -7.84
C PHE A 430 19.11 -22.12 -8.52
N GLY A 431 19.38 -22.66 -9.70
CA GLY A 431 18.48 -23.64 -10.29
C GLY A 431 18.56 -24.90 -9.46
N ASN A 432 19.67 -25.05 -8.73
CA ASN A 432 19.88 -26.17 -7.83
C ASN A 432 19.24 -25.93 -6.46
N LEU A 433 18.69 -24.73 -6.28
CA LEU A 433 18.02 -24.36 -5.03
C LEU A 433 16.52 -24.22 -5.23
N ASP A 434 15.76 -25.12 -4.64
CA ASP A 434 14.30 -25.08 -4.75
C ASP A 434 13.65 -25.25 -3.38
N VAL A 435 12.32 -25.34 -3.35
CA VAL A 435 11.62 -25.57 -2.10
C VAL A 435 10.28 -26.29 -2.34
N SER A 436 9.87 -27.12 -1.40
CA SER A 436 8.64 -27.89 -1.51
C SER A 436 7.42 -27.08 -1.06
N PRO A 437 6.22 -27.47 -1.53
CA PRO A 437 4.95 -26.92 -1.03
C PRO A 437 4.73 -27.34 0.43
N PRO A 438 3.82 -26.67 1.14
CA PRO A 438 3.58 -26.99 2.56
C PRO A 438 3.27 -28.47 2.78
N VAL A 439 3.99 -29.10 3.70
CA VAL A 439 3.83 -30.54 3.94
C VAL A 439 3.94 -30.91 5.41
N THR A 440 2.98 -31.69 5.90
CA THR A 440 3.02 -32.19 7.27
C THR A 440 3.52 -33.62 7.27
N VAL A 441 4.61 -33.88 7.99
CA VAL A 441 5.27 -35.18 7.93
C VAL A 441 5.47 -35.83 9.30
N GLY A 442 4.86 -37.00 9.48
CA GLY A 442 5.05 -37.80 10.69
C GLY A 442 4.72 -37.08 11.97
N GLY A 443 3.69 -36.23 11.94
CA GLY A 443 3.28 -35.48 13.11
C GLY A 443 3.97 -34.13 13.22
N THR A 444 5.11 -34.00 12.56
CA THR A 444 5.85 -32.74 12.52
C THR A 444 5.51 -31.99 11.23
N GLU A 445 4.84 -30.86 11.35
CA GLU A 445 4.37 -30.16 10.16
C GLU A 445 5.31 -29.04 9.72
N TYR A 446 5.43 -28.90 8.40
CA TYR A 446 6.22 -27.86 7.77
C TYR A 446 5.32 -27.01 6.88
N PRO A 447 4.72 -25.97 7.47
CA PRO A 447 3.74 -25.11 6.79
C PRO A 447 4.34 -24.27 5.68
N LEU A 448 5.63 -23.94 5.79
CA LEU A 448 6.29 -23.12 4.79
C LEU A 448 7.06 -23.95 3.78
N GLY A 449 6.97 -25.27 3.91
CA GLY A 449 7.61 -26.16 2.97
C GLY A 449 8.99 -26.60 3.43
N ARG A 450 9.73 -27.25 2.54
CA ARG A 450 11.09 -27.67 2.83
C ARG A 450 12.03 -27.36 1.67
N ILE A 451 13.17 -26.76 1.99
CA ILE A 451 14.15 -26.39 0.98
C ILE A 451 14.83 -27.63 0.39
N LEU A 452 15.05 -27.63 -0.91
CA LEU A 452 15.69 -28.75 -1.60
C LEU A 452 16.91 -28.28 -2.36
N ILE A 453 18.08 -28.80 -1.99
CA ILE A 453 19.31 -28.50 -2.72
C ILE A 453 20.01 -29.78 -3.15
N GLY A 454 20.59 -29.76 -4.34
CA GLY A 454 21.29 -30.92 -4.87
C GLY A 454 22.73 -30.97 -4.42
N SER A 455 23.25 -32.17 -4.26
CA SER A 455 24.65 -32.37 -3.90
C SER A 455 25.18 -33.63 -4.58
N SER A 456 26.47 -33.89 -4.39
CA SER A 456 27.03 -35.16 -4.81
C SER A 456 26.48 -36.21 -3.87
N PHE A 457 26.46 -37.46 -4.32
CA PHE A 457 25.99 -38.57 -3.50
C PHE A 457 26.70 -38.50 -2.17
N PRO A 458 25.99 -38.84 -1.10
CA PRO A 458 26.65 -38.81 0.21
C PRO A 458 27.95 -39.63 0.18
N LYS A 459 28.87 -39.32 1.09
CA LYS A 459 30.19 -39.96 1.18
C LYS A 459 31.11 -39.67 -0.01
N SER A 460 30.98 -38.52 -0.67
CA SER A 460 31.95 -38.07 -1.70
C SER A 460 31.62 -36.74 -2.40
N GLY A 461 32.63 -36.21 -3.10
CA GLY A 461 32.43 -35.23 -4.15
C GLY A 461 32.05 -33.80 -3.81
N GLY A 462 31.89 -33.00 -4.86
CA GLY A 462 31.54 -31.59 -4.72
C GLY A 462 30.15 -31.37 -4.17
N ARG A 463 30.08 -30.59 -3.08
CA ARG A 463 28.82 -30.19 -2.48
C ARG A 463 28.31 -28.95 -3.19
N GLN A 464 27.31 -28.28 -2.60
CA GLN A 464 27.03 -26.94 -3.06
C GLN A 464 28.25 -26.17 -2.61
N MET A 465 28.96 -25.58 -3.57
CA MET A 465 30.34 -25.13 -3.33
C MET A 465 30.41 -24.01 -2.31
N ALA A 466 29.25 -23.49 -1.94
CA ALA A 466 29.16 -22.59 -0.81
C ALA A 466 28.73 -23.36 0.42
N ARG A 467 29.65 -23.49 1.38
CA ARG A 467 29.28 -23.93 2.71
C ARG A 467 28.56 -22.75 3.34
N ALA A 468 28.82 -21.56 2.80
CA ALA A 468 28.22 -20.33 3.25
C ALA A 468 26.70 -20.27 3.02
N VAL A 469 26.28 -20.49 1.78
CA VAL A 469 24.84 -20.42 1.48
C VAL A 469 24.12 -21.60 2.09
N ARG A 470 24.80 -22.73 2.22
CA ARG A 470 24.20 -23.88 2.89
C ARG A 470 23.92 -23.49 4.33
N ASN A 471 24.97 -23.08 5.03
CA ASN A 471 24.85 -22.59 6.41
C ASN A 471 23.73 -21.57 6.55
N PHE A 472 23.69 -20.61 5.63
CA PHE A 472 22.67 -19.56 5.63
C PHE A 472 21.26 -20.13 5.49
N LEU A 473 21.12 -21.19 4.69
CA LEU A 473 19.81 -21.78 4.46
C LEU A 473 19.34 -22.64 5.64
N LYS A 474 20.20 -23.45 6.23
CA LYS A 474 19.78 -24.24 7.39
C LYS A 474 19.61 -23.34 8.61
N ALA A 475 20.30 -22.20 8.61
CA ALA A 475 20.26 -21.30 9.76
C ALA A 475 18.90 -20.63 9.95
N GLN A 476 18.16 -20.48 8.86
CA GLN A 476 16.86 -19.82 8.93
C GLN A 476 15.91 -20.60 9.85
N GLN A 477 16.19 -21.90 10.02
CA GLN A 477 15.53 -22.76 11.01
C GLN A 477 14.05 -23.01 10.68
N VAL A 478 13.55 -22.23 9.73
CA VAL A 478 12.29 -22.46 9.04
C VAL A 478 12.65 -23.53 8.01
N GLN A 479 12.03 -23.52 6.83
CA GLN A 479 11.78 -24.69 5.98
C GLN A 479 12.82 -25.83 6.00
N ALA A 480 14.05 -25.56 6.47
CA ALA A 480 14.94 -26.65 6.90
C ALA A 480 15.32 -27.64 5.81
N PRO A 481 16.25 -27.22 4.93
CA PRO A 481 16.64 -27.90 3.69
C PRO A 481 16.96 -29.39 3.84
N VAL A 482 16.48 -30.16 2.86
CA VAL A 482 16.89 -31.54 2.70
C VAL A 482 17.81 -31.58 1.48
N GLU A 483 18.77 -32.51 1.48
CA GLU A 483 19.74 -32.55 0.39
C GLU A 483 19.48 -33.71 -0.56
N LEU A 484 19.42 -33.40 -1.85
CA LEU A 484 19.14 -34.38 -2.89
C LEU A 484 20.41 -34.76 -3.63
N TYR A 485 20.29 -35.65 -4.61
CA TYR A 485 21.45 -36.07 -5.39
C TYR A 485 21.33 -35.60 -6.84
N SER A 486 22.02 -34.53 -7.17
CA SER A 486 22.01 -33.96 -8.51
C SER A 486 23.27 -34.21 -9.35
N ASP A 487 24.29 -34.83 -8.77
CA ASP A 487 25.62 -34.80 -9.37
C ASP A 487 25.76 -35.66 -10.63
N TRP A 488 24.91 -36.68 -10.74
CA TRP A 488 24.92 -37.55 -11.91
C TRP A 488 24.65 -36.76 -13.19
N LEU A 489 23.89 -35.68 -13.06
CA LEU A 489 23.66 -34.75 -14.16
C LEU A 489 24.88 -33.88 -14.41
N SER A 490 25.17 -33.60 -15.67
CA SER A 490 26.33 -32.79 -16.04
C SER A 490 26.25 -31.39 -15.44
N VAL A 491 25.11 -30.74 -15.61
CA VAL A 491 24.88 -29.43 -15.03
C VAL A 491 24.66 -29.55 -13.53
N GLY A 492 23.92 -30.58 -13.13
CA GLY A 492 23.72 -30.90 -11.73
C GLY A 492 22.82 -29.97 -10.95
N HIS A 493 21.63 -29.70 -11.49
CA HIS A 493 20.62 -28.92 -10.77
C HIS A 493 19.40 -29.80 -10.49
N VAL A 494 18.72 -29.55 -9.38
CA VAL A 494 17.55 -30.33 -9.03
C VAL A 494 16.36 -30.02 -9.93
N ASP A 495 16.39 -28.85 -10.57
CA ASP A 495 15.26 -28.41 -11.38
C ASP A 495 15.16 -29.19 -12.69
N GLU A 496 16.16 -30.03 -12.96
CA GLU A 496 16.17 -30.85 -14.16
C GLU A 496 15.21 -32.04 -14.05
N PHE A 497 15.32 -32.79 -12.96
CA PHE A 497 14.49 -33.97 -12.76
C PHE A 497 13.29 -33.76 -11.83
N LEU A 498 13.11 -32.55 -11.32
CA LEU A 498 12.13 -32.31 -10.26
C LEU A 498 11.32 -31.02 -10.45
N THR A 499 10.03 -31.08 -10.13
CA THR A 499 9.25 -29.85 -9.95
C THR A 499 7.94 -30.10 -9.19
N PHE A 500 7.13 -29.06 -9.04
CA PHE A 500 5.85 -29.16 -8.37
C PHE A 500 4.74 -28.43 -9.14
N VAL A 501 3.53 -28.94 -9.07
CA VAL A 501 2.39 -28.27 -9.69
C VAL A 501 1.20 -28.18 -8.71
N PRO A 502 0.45 -27.07 -8.76
CA PRO A 502 -0.69 -26.89 -7.84
C PRO A 502 -1.89 -27.73 -8.25
N THR A 503 -2.71 -28.11 -7.26
CA THR A 503 -3.86 -28.95 -7.52
C THR A 503 -4.97 -28.65 -6.49
N SER A 504 -6.23 -28.83 -6.91
CA SER A 504 -7.37 -28.57 -6.03
C SER A 504 -7.45 -29.61 -4.92
N ASP A 505 -7.29 -30.88 -5.30
CA ASP A 505 -7.03 -31.96 -4.35
C ASP A 505 -5.51 -32.04 -4.25
N GLN A 506 -4.92 -32.87 -3.40
CA GLN A 506 -5.53 -33.48 -2.24
C GLN A 506 -5.00 -32.73 -1.03
N LYS A 507 -3.68 -32.79 -0.86
CA LYS A 507 -2.97 -31.94 0.10
C LYS A 507 -3.21 -30.42 -0.08
N GLY A 508 -2.99 -29.83 -1.27
CA GLY A 508 -2.72 -30.56 -2.50
C GLY A 508 -1.86 -29.90 -3.55
N PHE A 509 -1.23 -30.77 -4.33
CA PHE A 509 -0.18 -30.45 -5.29
C PHE A 509 0.28 -31.79 -5.82
N ARG A 510 1.08 -31.79 -6.89
CA ARG A 510 1.73 -33.03 -7.30
C ARG A 510 3.18 -32.77 -7.72
N LEU A 511 4.05 -33.65 -7.25
CA LEU A 511 5.48 -33.58 -7.55
C LEU A 511 5.76 -34.26 -8.88
N LEU A 512 6.39 -33.55 -9.81
CA LEU A 512 6.74 -34.16 -11.09
C LEU A 512 8.19 -34.61 -11.10
N LEU A 513 8.39 -35.90 -11.40
CA LEU A 513 9.71 -36.50 -11.52
C LEU A 513 10.00 -36.92 -12.95
N ALA A 514 11.23 -36.72 -13.39
CA ALA A 514 11.67 -37.23 -14.69
C ALA A 514 11.74 -38.75 -14.63
N SER A 515 11.15 -39.41 -15.62
CA SER A 515 11.07 -40.87 -15.62
C SER A 515 11.44 -41.50 -16.95
N PRO A 516 12.73 -41.84 -17.12
CA PRO A 516 13.22 -42.56 -18.31
C PRO A 516 12.45 -43.85 -18.58
N SER A 517 12.20 -44.61 -17.51
CA SER A 517 11.50 -45.88 -17.62
C SER A 517 10.08 -45.70 -18.16
N ALA A 518 9.43 -44.61 -17.75
CA ALA A 518 8.08 -44.32 -18.21
C ALA A 518 8.08 -43.96 -19.69
N CYS A 519 9.15 -43.33 -20.13
CA CYS A 519 9.28 -42.88 -21.51
C CYS A 519 9.49 -44.10 -22.41
N LEU A 520 10.44 -44.95 -22.02
CA LEU A 520 10.68 -46.21 -22.72
C LEU A 520 9.42 -47.07 -22.74
N LYS A 521 8.69 -47.03 -21.62
CA LYS A 521 7.40 -47.70 -21.49
C LYS A 521 6.40 -47.22 -22.54
N LEU A 522 6.25 -45.90 -22.64
CA LEU A 522 5.36 -45.28 -23.61
C LEU A 522 5.72 -45.67 -25.04
N PHE A 523 7.01 -45.60 -25.33
CA PHE A 523 7.49 -45.89 -26.67
C PHE A 523 7.26 -47.34 -27.04
N GLN A 524 7.44 -48.24 -26.08
CA GLN A 524 7.21 -49.64 -26.35
C GLN A 524 5.73 -49.94 -26.52
N GLU A 525 4.88 -49.29 -25.73
CA GLU A 525 3.45 -49.57 -25.83
C GLU A 525 2.86 -48.93 -27.08
N LYS A 526 3.56 -47.95 -27.66
CA LYS A 526 3.15 -47.43 -28.97
C LYS A 526 3.86 -48.17 -30.12
N LYS A 527 4.86 -48.97 -29.79
CA LYS A 527 5.48 -49.88 -30.75
C LYS A 527 4.57 -51.09 -30.86
N GLU A 528 3.80 -51.27 -29.80
CA GLU A 528 2.83 -52.34 -29.67
C GLU A 528 1.67 -52.11 -30.64
N GLU A 529 1.64 -50.91 -31.21
CA GLU A 529 0.64 -50.51 -32.19
C GLU A 529 1.41 -50.28 -33.49
N GLY A 530 0.76 -49.85 -34.58
CA GLY A 530 1.47 -49.90 -35.84
C GLY A 530 2.65 -48.94 -35.81
N TYR A 531 2.42 -47.63 -35.86
CA TYR A 531 2.92 -46.66 -34.86
C TYR A 531 4.39 -46.79 -34.46
N GLY A 532 5.03 -47.86 -34.90
CA GLY A 532 6.27 -48.33 -34.32
C GLY A 532 7.44 -47.51 -34.75
N GLU A 533 7.47 -47.11 -36.02
CA GLU A 533 8.61 -46.35 -36.46
C GLU A 533 8.54 -44.83 -36.56
N ALA A 534 7.46 -44.24 -36.10
CA ALA A 534 7.42 -42.79 -35.90
C ALA A 534 8.63 -42.32 -35.09
N ALA A 535 9.20 -41.18 -35.46
CA ALA A 535 10.56 -40.86 -35.04
C ALA A 535 10.73 -39.67 -34.08
N GLN A 536 11.96 -39.40 -33.69
CA GLN A 536 12.27 -38.34 -32.73
C GLN A 536 12.82 -37.14 -33.49
N PHE A 537 12.56 -35.94 -32.95
CA PHE A 537 12.96 -34.69 -33.59
C PHE A 537 12.23 -34.51 -34.92
N ASP A 538 10.96 -34.94 -34.95
CA ASP A 538 10.17 -34.94 -36.17
C ASP A 538 9.64 -33.58 -36.58
N GLY A 539 9.19 -32.78 -35.62
CA GLY A 539 8.51 -31.54 -35.88
C GLY A 539 9.21 -30.66 -36.89
N LEU A 540 10.51 -30.52 -36.74
CA LEU A 540 11.35 -29.91 -37.75
C LEU A 540 12.76 -30.41 -37.48
N LYS A 541 13.70 -30.04 -38.33
CA LYS A 541 15.04 -30.59 -38.26
C LYS A 541 16.01 -29.98 -39.25
N HIS A 542 17.25 -29.80 -38.80
CA HIS A 542 18.44 -29.97 -39.59
C HIS A 542 19.17 -31.18 -38.98
N GLN A 543 18.58 -31.73 -37.91
CA GLN A 543 19.25 -32.74 -37.04
C GLN A 543 18.69 -34.14 -36.97
N ALA A 544 19.55 -35.06 -37.31
CA ALA A 544 19.21 -36.38 -37.77
C ALA A 544 18.07 -36.98 -37.01
N LYS A 545 17.09 -37.41 -37.79
CA LYS A 545 15.85 -38.02 -37.32
C LYS A 545 16.21 -39.27 -36.56
N ARG A 546 15.41 -39.64 -35.57
CA ARG A 546 15.54 -41.02 -35.13
C ARG A 546 14.29 -41.57 -34.41
N SER A 547 14.26 -42.90 -34.42
CA SER A 547 13.06 -43.75 -34.47
C SER A 547 12.37 -44.09 -33.14
N ILE A 548 11.34 -44.94 -33.14
CA ILE A 548 10.97 -45.59 -31.88
C ILE A 548 11.70 -46.96 -31.61
N ASN A 549 11.96 -47.80 -32.63
CA ASN A 549 12.60 -49.12 -32.37
C ASN A 549 14.12 -49.31 -32.25
N GLU A 550 14.96 -48.36 -32.70
CA GLU A 550 16.40 -48.45 -32.44
C GLU A 550 16.75 -47.51 -31.28
N MET A 551 15.73 -46.88 -30.69
CA MET A 551 15.82 -46.48 -29.29
C MET A 551 16.02 -47.78 -28.61
N LEU A 552 14.92 -48.53 -28.70
CA LEU A 552 14.66 -49.74 -27.96
C LEU A 552 15.69 -50.81 -28.32
N ALA A 553 16.13 -50.82 -29.57
CA ALA A 553 17.13 -51.78 -30.01
C ALA A 553 18.52 -51.37 -29.53
N ASP A 554 18.77 -50.07 -29.49
CA ASP A 554 20.04 -49.56 -28.98
C ASP A 554 20.10 -49.81 -27.49
N ARG A 555 21.08 -50.55 -27.02
CA ARG A 555 21.39 -50.47 -25.61
C ARG A 555 22.77 -49.87 -25.46
N HIS A 556 22.76 -48.55 -25.31
CA HIS A 556 23.82 -47.73 -24.77
C HIS A 556 23.03 -46.75 -23.96
N LEU A 557 22.18 -46.05 -24.71
CA LEU A 557 21.20 -45.09 -24.24
C LEU A 557 20.30 -45.61 -23.12
N GLN A 558 20.03 -46.92 -23.10
CA GLN A 558 19.22 -47.50 -22.03
C GLN A 558 20.04 -47.90 -20.81
N ARG A 559 21.36 -48.00 -20.98
CA ARG A 559 22.23 -48.03 -19.81
C ARG A 559 22.12 -46.67 -19.16
N ASP A 560 22.21 -45.65 -20.00
CA ASP A 560 22.09 -44.26 -19.60
C ASP A 560 20.78 -44.01 -18.85
N ASN A 561 19.68 -44.49 -19.43
CA ASN A 561 18.36 -44.23 -18.90
C ASN A 561 17.99 -45.10 -17.72
N LEU A 562 18.54 -46.31 -17.64
CA LEU A 562 18.31 -47.15 -16.47
C LEU A 562 19.10 -46.61 -15.29
N HIS A 563 20.31 -46.10 -15.57
CA HIS A 563 21.12 -45.46 -14.56
C HIS A 563 20.45 -44.17 -14.07
N ALA A 564 19.99 -43.36 -15.01
CA ALA A 564 19.31 -42.11 -14.70
C ALA A 564 18.06 -42.39 -13.86
N GLN A 565 17.24 -43.33 -14.32
CA GLN A 565 16.04 -43.73 -13.60
C GLN A 565 16.38 -44.24 -12.21
N LYS A 566 17.54 -44.88 -12.09
CA LYS A 566 18.01 -45.39 -10.81
C LYS A 566 18.31 -44.23 -9.84
N CYS A 567 19.04 -43.23 -10.34
CA CYS A 567 19.38 -42.05 -9.54
C CYS A 567 18.11 -41.31 -9.11
N ILE A 568 17.20 -41.14 -10.06
CA ILE A 568 15.93 -40.47 -9.79
C ILE A 568 15.09 -41.31 -8.82
N ASP A 569 15.33 -42.62 -8.80
CA ASP A 569 14.68 -43.50 -7.83
C ASP A 569 15.23 -43.26 -6.43
N TRP A 570 16.54 -43.06 -6.35
CA TRP A 570 17.17 -42.71 -5.07
C TRP A 570 16.58 -41.41 -4.54
N ASN A 571 16.63 -40.36 -5.38
CA ASN A 571 16.04 -39.08 -5.01
C ASN A 571 14.55 -39.23 -4.69
N ARG A 572 13.91 -40.23 -5.27
CA ARG A 572 12.52 -40.53 -5.00
C ARG A 572 12.36 -41.07 -3.58
N ASN A 573 13.29 -41.92 -3.15
CA ASN A 573 13.19 -42.49 -1.80
C ASN A 573 13.44 -41.39 -0.77
N VAL A 574 14.42 -40.54 -1.04
CA VAL A 574 14.70 -39.42 -0.15
C VAL A 574 13.52 -38.46 -0.06
N LEU A 575 12.99 -38.07 -1.20
CA LEU A 575 11.86 -37.13 -1.24
C LEU A 575 10.61 -37.70 -0.57
N LYS A 576 10.31 -38.97 -0.83
CA LYS A 576 9.16 -39.61 -0.20
C LYS A 576 9.34 -39.69 1.31
N ARG A 577 10.56 -39.99 1.75
CA ARG A 577 10.83 -40.06 3.19
C ARG A 577 10.71 -38.70 3.87
N GLU A 578 11.37 -37.70 3.33
CA GLU A 578 11.48 -36.39 3.98
C GLU A 578 10.23 -35.52 3.84
N LEU A 579 9.54 -35.64 2.72
CA LEU A 579 8.35 -34.82 2.48
C LEU A 579 7.06 -35.54 2.87
N GLY A 580 7.18 -36.77 3.35
CA GLY A 580 6.03 -37.56 3.76
C GLY A 580 5.06 -37.78 2.62
N LEU A 581 5.57 -38.34 1.53
CA LEU A 581 4.79 -38.48 0.31
C LEU A 581 4.36 -39.92 0.03
N ALA A 582 3.21 -40.07 -0.60
CA ALA A 582 2.73 -41.35 -1.06
C ALA A 582 2.65 -41.32 -2.58
N GLU A 583 2.65 -42.49 -3.21
CA GLU A 583 2.75 -42.59 -4.66
C GLU A 583 1.68 -41.79 -5.41
N SER A 584 0.59 -41.47 -4.72
CA SER A 584 -0.45 -40.62 -5.28
C SER A 584 0.05 -39.18 -5.47
N ASP A 585 1.01 -38.78 -4.63
CA ASP A 585 1.58 -37.44 -4.70
C ASP A 585 2.53 -37.30 -5.88
N ILE A 586 3.20 -38.39 -6.23
CA ILE A 586 4.19 -38.38 -7.29
C ILE A 586 3.55 -38.61 -8.66
N VAL A 587 4.08 -37.90 -9.66
CA VAL A 587 3.70 -38.10 -11.05
C VAL A 587 4.97 -38.22 -11.89
N ASP A 588 5.03 -39.21 -12.77
CA ASP A 588 6.22 -39.46 -13.57
C ASP A 588 6.06 -38.96 -15.00
N ILE A 589 6.79 -37.89 -15.32
CA ILE A 589 6.81 -37.33 -16.67
C ILE A 589 7.90 -38.00 -17.48
N PRO A 590 7.55 -38.53 -18.66
CA PRO A 590 8.55 -39.23 -19.46
C PRO A 590 9.70 -38.32 -19.90
N GLN A 591 10.93 -38.70 -19.57
CA GLN A 591 12.11 -37.95 -19.99
C GLN A 591 13.28 -38.88 -20.28
N LEU A 592 13.93 -38.70 -21.42
CA LEU A 592 15.09 -39.52 -21.75
C LEU A 592 16.39 -38.74 -21.58
N PHE A 593 17.43 -39.41 -21.12
CA PHE A 593 18.72 -38.78 -20.93
C PHE A 593 19.79 -39.51 -21.75
N PHE A 594 21.02 -38.99 -21.71
CA PHE A 594 22.14 -39.68 -22.34
C PHE A 594 23.43 -39.31 -21.62
N LEU A 595 24.45 -40.15 -21.78
CA LEU A 595 25.68 -39.99 -21.02
C LEU A 595 26.83 -39.43 -21.85
N LYS A 596 27.44 -38.37 -21.33
CA LYS A 596 28.63 -37.76 -21.91
C LYS A 596 29.64 -37.57 -20.80
N ASN A 597 30.81 -38.17 -20.95
CA ASN A 597 31.86 -38.13 -19.92
C ASN A 597 31.31 -38.53 -18.56
N PHE A 598 30.56 -39.64 -18.54
CA PHE A 598 29.98 -40.21 -17.32
C PHE A 598 28.86 -39.37 -16.72
N TYR A 599 28.56 -38.21 -17.32
CA TYR A 599 27.54 -37.33 -16.77
C TYR A 599 26.28 -37.27 -17.64
N ALA A 600 25.14 -37.05 -17.00
CA ALA A 600 23.85 -37.14 -17.69
C ALA A 600 23.36 -35.81 -18.24
N GLU A 601 23.22 -35.75 -19.56
CA GLU A 601 22.52 -34.65 -20.21
C GLU A 601 21.16 -35.13 -20.72
N ALA A 602 20.38 -34.23 -21.30
CA ALA A 602 19.04 -34.58 -21.76
C ALA A 602 19.04 -34.94 -23.25
N PHE A 603 18.41 -36.06 -23.59
CA PHE A 603 18.37 -36.54 -24.97
C PHE A 603 17.48 -35.64 -25.83
N PHE A 604 16.31 -35.30 -25.30
CA PHE A 604 15.44 -34.30 -25.91
C PHE A 604 15.17 -33.25 -24.84
N PRO A 605 14.65 -32.07 -25.23
CA PRO A 605 14.42 -31.01 -24.24
C PRO A 605 13.68 -31.50 -23.01
N ASP A 606 14.05 -30.98 -21.84
CA ASP A 606 13.63 -31.58 -20.58
C ASP A 606 12.32 -30.96 -20.11
N MET A 607 11.26 -31.77 -20.19
CA MET A 607 9.91 -31.28 -19.91
C MET A 607 9.70 -30.97 -18.43
N VAL A 608 10.39 -31.72 -17.57
CA VAL A 608 10.27 -31.51 -16.14
C VAL A 608 10.73 -30.10 -15.78
N ASN A 609 11.78 -29.63 -16.44
CA ASN A 609 12.21 -28.26 -16.21
C ASN A 609 11.24 -27.38 -16.97
N MET A 610 10.45 -26.60 -16.23
CA MET A 610 9.34 -25.87 -16.81
C MET A 610 8.90 -24.74 -15.90
N VAL A 611 8.20 -23.75 -16.45
CA VAL A 611 7.73 -22.65 -15.62
C VAL A 611 6.29 -22.89 -15.21
N VAL A 612 6.03 -22.82 -13.90
CA VAL A 612 4.70 -23.06 -13.38
C VAL A 612 4.03 -21.77 -12.92
N LEU A 613 3.04 -21.30 -13.68
CA LEU A 613 2.25 -20.16 -13.26
C LEU A 613 0.80 -20.59 -13.06
N GLY A 614 0.37 -20.70 -11.81
CA GLY A 614 -0.96 -21.19 -11.51
C GLY A 614 -1.25 -22.51 -12.18
N LYS A 615 -2.38 -22.61 -12.88
CA LYS A 615 -2.74 -23.83 -13.57
C LYS A 615 -2.14 -23.86 -14.98
N TYR A 616 -1.50 -22.76 -15.36
CA TYR A 616 -0.81 -22.67 -16.65
C TYR A 616 0.65 -23.10 -16.54
N LEU A 617 1.03 -24.11 -17.32
CA LEU A 617 2.39 -24.61 -17.29
C LEU A 617 3.13 -24.36 -18.60
N GLY A 618 4.06 -23.41 -18.59
CA GLY A 618 4.97 -23.28 -19.70
C GLY A 618 5.91 -24.45 -19.71
N ILE A 619 5.94 -25.21 -20.81
CA ILE A 619 6.75 -26.40 -20.89
C ILE A 619 7.59 -26.39 -22.17
N PRO A 620 8.86 -26.80 -22.06
CA PRO A 620 9.69 -26.98 -23.26
C PRO A 620 9.10 -28.06 -24.14
N LYS A 621 9.14 -27.84 -25.45
CA LYS A 621 8.47 -28.71 -26.39
C LYS A 621 9.42 -29.80 -26.88
N PRO A 622 9.19 -31.04 -26.43
CA PRO A 622 10.00 -32.15 -26.94
C PRO A 622 9.55 -32.48 -28.35
N TYR A 623 10.46 -32.90 -29.21
CA TYR A 623 10.01 -33.37 -30.51
C TYR A 623 10.14 -34.88 -30.53
N GLY A 624 9.01 -35.55 -30.39
CA GLY A 624 8.96 -36.99 -30.27
C GLY A 624 8.32 -37.64 -31.48
N PRO A 625 7.99 -38.94 -31.35
CA PRO A 625 7.25 -39.65 -32.41
C PRO A 625 5.94 -38.96 -32.75
N ILE A 626 5.74 -38.69 -34.02
CA ILE A 626 4.52 -38.06 -34.50
C ILE A 626 3.54 -39.16 -34.90
N ILE A 627 2.46 -39.28 -34.14
CA ILE A 627 1.47 -40.30 -34.44
C ILE A 627 0.08 -39.67 -34.55
N ASN A 628 -0.44 -39.66 -35.77
CA ASN A 628 -1.76 -39.14 -36.09
C ASN A 628 -1.98 -37.69 -35.65
N GLY A 629 -1.09 -36.80 -36.09
CA GLY A 629 -1.29 -35.37 -35.94
C GLY A 629 -0.64 -34.74 -34.73
N ARG A 630 -0.15 -35.56 -33.80
CA ARG A 630 0.35 -35.05 -32.54
C ARG A 630 1.67 -35.68 -32.09
N CYS A 631 2.42 -34.94 -31.28
CA CYS A 631 3.55 -35.52 -30.58
C CYS A 631 3.02 -36.34 -29.40
N CYS A 632 3.35 -37.62 -29.39
CA CYS A 632 2.76 -38.55 -28.43
C CYS A 632 3.24 -38.29 -27.00
N LEU A 633 4.48 -37.81 -26.87
CA LEU A 633 5.02 -37.45 -25.56
C LEU A 633 4.21 -36.31 -24.96
N GLU A 634 3.97 -35.29 -25.77
CA GLU A 634 3.18 -34.13 -25.37
C GLU A 634 1.83 -34.55 -24.83
N GLU A 635 1.16 -35.46 -25.53
CA GLU A 635 -0.19 -35.90 -25.15
C GLU A 635 -0.17 -36.89 -23.99
N LYS A 636 0.94 -37.60 -23.81
CA LYS A 636 1.11 -38.43 -22.63
C LYS A 636 1.12 -37.49 -21.42
N VAL A 637 1.92 -36.43 -21.54
CA VAL A 637 1.98 -35.39 -20.53
C VAL A 637 0.61 -34.77 -20.27
N GLN A 638 -0.10 -34.44 -21.34
CA GLN A 638 -1.42 -33.82 -21.22
C GLN A 638 -2.39 -34.75 -20.49
N SER A 639 -2.33 -36.04 -20.81
CA SER A 639 -3.18 -37.03 -20.15
C SER A 639 -2.82 -37.17 -18.68
N LEU A 640 -1.55 -36.95 -18.37
CA LEU A 640 -1.07 -37.04 -16.98
C LEU A 640 -1.41 -35.80 -16.15
N LEU A 641 -1.52 -34.65 -16.81
CA LEU A 641 -1.64 -33.37 -16.11
C LEU A 641 -3.06 -32.80 -16.16
N GLU A 642 -3.57 -32.57 -17.37
CA GLU A 642 -4.87 -31.94 -17.60
C GLU A 642 -6.03 -32.40 -16.69
N PRO A 643 -6.13 -33.70 -16.36
CA PRO A 643 -7.16 -34.08 -15.39
C PRO A 643 -7.08 -33.34 -14.04
N LEU A 644 -5.92 -32.77 -13.73
CA LEU A 644 -5.77 -32.00 -12.50
C LEU A 644 -6.16 -30.53 -12.70
N GLY A 645 -6.42 -30.16 -13.94
CA GLY A 645 -6.83 -28.81 -14.26
C GLY A 645 -5.70 -27.96 -14.83
N LEU A 646 -4.57 -28.61 -15.10
CA LEU A 646 -3.39 -27.92 -15.62
C LEU A 646 -3.37 -27.92 -17.14
N HIS A 647 -3.48 -26.73 -17.73
CA HIS A 647 -3.39 -26.60 -19.17
C HIS A 647 -1.93 -26.62 -19.60
N CYS A 648 -1.58 -27.57 -20.46
CA CYS A 648 -0.19 -27.74 -20.86
C CYS A 648 0.15 -26.96 -22.13
N ILE A 649 0.97 -25.94 -21.98
CA ILE A 649 1.44 -25.14 -23.11
C ILE A 649 2.86 -25.55 -23.44
N PHE A 650 3.12 -25.84 -24.71
CA PHE A 650 4.44 -26.31 -25.14
C PHE A 650 5.16 -25.25 -25.96
N ILE A 651 6.30 -24.80 -25.45
CA ILE A 651 7.06 -23.71 -26.07
C ILE A 651 8.41 -24.22 -26.59
N ASP A 652 8.84 -23.72 -27.75
CA ASP A 652 10.13 -24.11 -28.29
C ASP A 652 11.24 -23.30 -27.61
N ASP A 653 12.08 -23.99 -26.84
CA ASP A 653 13.31 -23.41 -26.31
C ASP A 653 14.57 -23.87 -27.04
N TYR A 654 14.40 -24.70 -28.07
CA TYR A 654 15.46 -25.60 -28.53
C TYR A 654 16.81 -24.96 -28.84
N LEU A 655 16.84 -24.02 -29.77
CA LEU A 655 18.12 -23.46 -30.22
C LEU A 655 18.73 -22.49 -29.22
N SER A 656 17.90 -21.65 -28.62
CA SER A 656 18.40 -20.61 -27.72
C SER A 656 18.62 -21.11 -26.29
N TYR A 657 18.10 -22.29 -25.97
CA TYR A 657 18.26 -22.82 -24.62
C TYR A 657 18.76 -24.27 -24.55
N HIS A 658 17.97 -25.21 -25.07
CA HIS A 658 18.29 -26.63 -24.97
C HIS A 658 19.68 -26.98 -25.52
N GLU A 659 20.06 -26.32 -26.60
CA GLU A 659 21.38 -26.51 -27.20
C GLU A 659 22.49 -26.23 -26.20
N LEU A 660 22.21 -25.32 -25.27
CA LEU A 660 23.15 -24.91 -24.24
C LEU A 660 22.95 -25.71 -22.95
N GLN A 661 22.12 -26.76 -23.04
CA GLN A 661 21.83 -27.66 -21.93
C GLN A 661 21.07 -26.99 -20.79
N GLY A 662 20.02 -26.25 -21.15
CA GLY A 662 19.12 -25.67 -20.19
C GLY A 662 17.73 -25.51 -20.80
N GLU A 663 16.71 -25.41 -19.96
CA GLU A 663 15.33 -25.37 -20.45
C GLU A 663 14.56 -24.17 -19.89
N ILE A 664 13.25 -24.15 -20.16
CA ILE A 664 12.40 -23.00 -19.86
C ILE A 664 12.47 -22.47 -18.43
N HIS A 665 12.26 -23.35 -17.44
CA HIS A 665 12.37 -22.94 -16.04
C HIS A 665 13.74 -22.38 -15.75
N CYS A 666 14.73 -22.91 -16.45
CA CYS A 666 16.10 -22.51 -16.20
C CYS A 666 16.41 -21.19 -16.88
N GLY A 667 15.62 -20.84 -17.90
CA GLY A 667 15.81 -19.59 -18.61
C GLY A 667 14.93 -18.49 -18.06
N THR A 668 14.12 -18.84 -17.06
CA THR A 668 13.21 -17.87 -16.44
C THR A 668 13.31 -17.90 -14.92
N ASN A 669 12.87 -16.83 -14.27
CA ASN A 669 12.81 -16.78 -12.82
C ASN A 669 11.52 -16.13 -12.35
N VAL A 670 10.80 -16.81 -11.48
CA VAL A 670 9.47 -16.37 -11.10
C VAL A 670 9.36 -15.96 -9.63
N ARG A 671 8.93 -14.73 -9.39
CA ARG A 671 8.64 -14.26 -8.04
C ARG A 671 7.16 -14.52 -7.73
N ARG A 672 6.90 -15.07 -6.56
CA ARG A 672 5.55 -15.49 -6.21
C ARG A 672 5.04 -14.86 -4.92
N LYS A 673 3.72 -14.91 -4.73
CA LYS A 673 3.11 -14.35 -3.53
C LYS A 673 3.51 -15.14 -2.28
N PRO A 674 3.90 -14.41 -1.21
CA PRO A 674 4.31 -15.01 0.06
C PRO A 674 3.22 -15.86 0.69
N PHE A 675 3.60 -16.77 1.58
CA PHE A 675 2.66 -17.62 2.28
C PHE A 675 1.71 -16.81 3.16
N PRO A 676 0.41 -17.18 3.14
CA PRO A 676 -0.55 -16.56 4.04
C PRO A 676 -0.25 -16.94 5.49
N PHE A 677 0.28 -18.14 5.68
CA PHE A 677 0.69 -18.59 7.01
C PHE A 677 1.85 -17.73 7.50
N LYS A 678 1.91 -17.52 8.80
CA LYS A 678 2.93 -16.67 9.38
C LYS A 678 4.01 -17.52 10.05
N TRP A 679 5.25 -17.34 9.62
CA TRP A 679 6.38 -18.18 10.00
C TRP A 679 6.51 -18.35 11.51
N TRP A 680 6.12 -17.31 12.24
CA TRP A 680 6.29 -17.30 13.68
C TRP A 680 5.29 -18.19 14.41
N ASN A 681 4.33 -18.74 13.67
CA ASN A 681 3.30 -19.59 14.27
C ASN A 681 3.58 -21.09 14.17
N MET A 682 4.70 -21.47 13.56
CA MET A 682 5.04 -22.88 13.45
C MET A 682 6.04 -23.31 14.52
N VAL A 683 6.35 -24.59 14.59
CA VAL A 683 7.27 -25.11 15.59
C VAL A 683 8.38 -25.93 14.94
N PRO A 684 9.48 -25.26 14.58
CA PRO A 684 10.64 -25.92 13.96
C PRO A 684 11.39 -26.83 14.92
N HIS B 16 -17.69 58.73 -12.23
CA HIS B 16 -16.88 57.62 -11.75
C HIS B 16 -17.74 56.72 -10.86
N ILE B 17 -17.36 55.44 -10.75
CA ILE B 17 -18.19 54.43 -10.08
C ILE B 17 -18.54 54.78 -8.64
N GLU B 18 -19.72 54.35 -8.21
CA GLU B 18 -20.25 54.61 -6.88
C GLU B 18 -19.34 54.20 -5.74
N GLY B 19 -18.95 52.93 -5.71
CA GLY B 19 -18.18 52.41 -4.61
C GLY B 19 -17.39 51.19 -4.98
N ARG B 20 -16.30 50.99 -4.26
CA ARG B 20 -15.38 49.93 -4.56
C ARG B 20 -14.66 49.49 -3.28
N HIS B 21 -14.41 48.19 -3.15
CA HIS B 21 -13.55 47.73 -2.07
C HIS B 21 -12.11 47.94 -2.51
N MET B 22 -11.39 48.77 -1.77
CA MET B 22 -10.06 49.20 -2.16
C MET B 22 -9.08 49.03 -1.00
N ALA B 23 -8.04 48.24 -1.23
CA ALA B 23 -7.05 47.96 -0.20
C ALA B 23 -6.21 49.19 0.09
N PRO B 24 -6.23 49.67 1.35
CA PRO B 24 -5.50 50.87 1.76
C PRO B 24 -3.99 50.74 1.55
N LYS B 25 -3.31 51.87 1.47
CA LYS B 25 -1.91 51.90 1.04
C LYS B 25 -1.03 52.22 2.23
N ARG B 26 0.04 51.46 2.45
CA ARG B 26 1.00 51.86 3.46
C ARG B 26 1.99 52.83 2.83
N VAL B 27 1.97 54.07 3.33
CA VAL B 27 2.90 55.07 2.85
C VAL B 27 3.85 55.43 3.99
N VAL B 28 5.10 55.00 3.87
CA VAL B 28 6.08 55.30 4.89
C VAL B 28 6.51 56.74 4.74
N GLN B 29 6.29 57.54 5.78
CA GLN B 29 6.67 58.93 5.71
C GLN B 29 8.03 59.11 6.36
N LEU B 30 8.57 60.32 6.31
CA LEU B 30 9.94 60.56 6.73
C LEU B 30 10.09 61.81 7.57
N SER B 31 11.10 61.81 8.44
CA SER B 31 11.40 62.96 9.27
C SER B 31 12.87 63.33 9.16
N LEU B 32 13.15 64.61 8.98
CA LEU B 32 14.52 65.12 8.96
C LEU B 32 15.04 65.18 10.38
N LYS B 33 14.14 65.49 11.30
CA LYS B 33 14.41 65.47 12.72
C LYS B 33 14.93 64.11 13.19
N MET B 34 14.08 63.11 13.05
CA MET B 34 14.27 61.79 13.63
C MET B 34 14.19 60.73 12.54
N PRO B 35 14.95 59.63 12.67
CA PRO B 35 14.76 58.58 11.67
C PRO B 35 13.41 57.89 11.80
N THR B 36 13.11 56.97 10.90
CA THR B 36 11.87 56.21 10.97
C THR B 36 12.20 54.75 10.72
N HIS B 37 11.20 53.88 10.79
CA HIS B 37 11.41 52.47 10.52
C HIS B 37 10.15 51.82 9.96
N ALA B 38 10.34 50.75 9.19
CA ALA B 38 9.23 50.07 8.55
C ALA B 38 9.58 48.61 8.28
N VAL B 39 8.54 47.81 8.04
CA VAL B 39 8.72 46.40 7.76
C VAL B 39 8.45 46.12 6.28
N CYS B 40 9.28 45.26 5.69
CA CYS B 40 9.14 44.95 4.28
C CYS B 40 9.06 43.44 4.05
N VAL B 41 7.92 42.98 3.57
CA VAL B 41 7.79 41.59 3.15
C VAL B 41 8.60 41.40 1.87
N VAL B 42 9.43 40.37 1.86
CA VAL B 42 10.35 40.11 0.75
C VAL B 42 9.63 40.04 -0.60
N GLY B 43 10.13 40.77 -1.58
CA GLY B 43 9.57 40.77 -2.92
C GLY B 43 8.37 41.67 -3.05
N VAL B 44 8.11 42.46 -2.00
CA VAL B 44 6.98 43.38 -2.01
C VAL B 44 7.45 44.81 -1.83
N GLU B 45 7.05 45.68 -2.76
CA GLU B 45 7.39 47.10 -2.69
C GLU B 45 6.87 47.72 -1.40
N ALA B 46 7.70 48.55 -0.78
CA ALA B 46 7.25 49.40 0.31
C ALA B 46 7.19 50.84 -0.19
N HIS B 47 5.99 51.41 -0.18
CA HIS B 47 5.79 52.76 -0.70
C HIS B 47 6.31 53.82 0.27
N VAL B 48 7.23 54.63 -0.24
CA VAL B 48 7.79 55.74 0.53
C VAL B 48 7.49 57.06 -0.17
N ASP B 49 7.12 58.04 0.65
CA ASP B 49 6.80 59.38 0.19
C ASP B 49 7.97 60.30 0.53
N ILE B 50 8.66 60.76 -0.50
CA ILE B 50 9.83 61.59 -0.32
C ILE B 50 9.41 63.05 -0.14
N HIS B 51 8.11 63.32 -0.24
CA HIS B 51 7.56 64.67 -0.14
C HIS B 51 7.14 65.01 1.29
N SER B 52 7.22 64.03 2.18
CA SER B 52 6.73 64.16 3.56
C SER B 52 7.36 65.33 4.31
N ASP B 53 8.69 65.31 4.42
CA ASP B 53 9.41 66.41 5.04
C ASP B 53 10.62 66.81 4.19
N VAL B 54 10.59 68.03 3.67
CA VAL B 54 11.70 68.55 2.87
C VAL B 54 12.19 69.87 3.44
N PRO B 55 13.52 70.08 3.44
CA PRO B 55 14.05 71.37 3.87
C PRO B 55 13.83 72.52 2.89
N LYS B 56 13.25 73.63 3.34
CA LYS B 56 13.64 75.00 2.94
C LYS B 56 14.17 75.18 1.50
N GLY B 57 13.29 75.14 0.51
CA GLY B 57 13.72 75.40 -0.86
C GLY B 57 14.68 74.38 -1.40
N ALA B 58 14.27 73.12 -1.42
CA ALA B 58 15.15 72.05 -1.87
C ALA B 58 14.66 71.57 -3.23
N ASN B 59 15.49 71.71 -4.25
CA ASN B 59 15.02 71.31 -5.57
C ASN B 59 15.25 69.88 -6.05
N SER B 60 15.91 69.08 -5.23
CA SER B 60 16.29 67.71 -5.60
C SER B 60 16.48 66.77 -4.39
N PHE B 61 16.61 65.47 -4.67
CA PHE B 61 17.02 64.51 -3.66
C PHE B 61 17.90 63.44 -4.28
N ARG B 62 18.73 62.79 -3.46
CA ARG B 62 19.43 61.59 -3.90
C ARG B 62 19.43 60.55 -2.80
N VAL B 63 19.22 59.31 -3.22
CA VAL B 63 19.02 58.21 -2.29
C VAL B 63 20.19 57.25 -2.32
N SER B 64 20.71 56.94 -1.14
CA SER B 64 21.65 55.84 -1.01
C SER B 64 20.99 54.85 -0.07
N GLY B 65 21.05 53.56 -0.36
CA GLY B 65 20.46 52.61 0.57
C GLY B 65 21.24 51.34 0.50
N SER B 66 21.21 50.54 1.57
CA SER B 66 22.16 49.46 1.66
C SER B 66 22.01 48.49 2.85
N SER B 67 22.44 47.24 2.59
CA SER B 67 22.61 46.77 1.21
C SER B 67 21.96 45.38 1.06
N GLY B 68 21.43 45.08 -0.11
CA GLY B 68 20.40 44.07 -0.27
C GLY B 68 19.13 44.88 -0.52
N VAL B 69 19.27 46.19 -0.32
CA VAL B 69 18.18 47.12 -0.52
C VAL B 69 18.16 47.69 -1.95
N GLU B 70 16.97 47.75 -2.52
CA GLU B 70 16.79 48.37 -3.84
C GLU B 70 15.76 49.49 -3.79
N VAL B 71 16.04 50.60 -4.48
CA VAL B 71 15.12 51.73 -4.48
C VAL B 71 14.69 52.08 -5.91
N PHE B 72 13.38 52.17 -6.12
CA PHE B 72 12.84 52.49 -7.45
C PHE B 72 11.88 53.66 -7.42
N MET B 73 11.66 54.26 -8.59
CA MET B 73 10.62 55.28 -8.77
C MET B 73 9.58 54.73 -9.74
N VAL B 74 8.31 54.78 -9.32
CA VAL B 74 7.23 54.26 -10.15
C VAL B 74 6.29 55.38 -10.59
N TYR B 75 6.29 55.69 -11.88
CA TYR B 75 5.48 56.77 -12.39
C TYR B 75 4.01 56.43 -12.23
N ASN B 76 3.14 57.44 -12.31
CA ASN B 76 1.74 57.24 -11.98
C ASN B 76 0.96 56.65 -13.15
N ARG B 77 1.68 56.33 -14.22
CA ARG B 77 1.33 55.14 -14.98
C ARG B 77 2.14 54.09 -14.23
N THR B 78 1.46 53.21 -13.51
CA THR B 78 2.09 52.51 -12.39
C THR B 78 2.97 51.36 -12.87
N ARG B 79 3.06 51.25 -14.19
CA ARG B 79 4.11 50.49 -14.84
C ARG B 79 5.40 51.30 -14.80
N VAL B 80 6.39 50.88 -15.59
CA VAL B 80 7.71 51.53 -15.73
C VAL B 80 8.41 51.89 -14.40
N LYS B 81 8.89 50.86 -13.71
CA LYS B 81 9.85 51.03 -12.63
C LYS B 81 11.15 51.62 -13.18
N GLU B 82 11.59 52.75 -12.62
CA GLU B 82 12.93 53.24 -12.93
C GLU B 82 13.81 53.34 -11.68
N PRO B 83 14.87 52.52 -11.64
CA PRO B 83 15.81 52.45 -10.50
C PRO B 83 16.73 53.66 -10.41
N ILE B 84 17.13 54.05 -9.21
CA ILE B 84 18.17 55.07 -9.03
C ILE B 84 19.41 54.47 -8.35
N GLY B 85 20.49 54.23 -9.09
CA GLY B 85 21.72 53.85 -8.41
C GLY B 85 22.33 55.02 -7.68
N LYS B 86 22.79 56.01 -8.45
CA LYS B 86 22.99 57.37 -7.96
C LYS B 86 22.60 58.34 -9.06
N ALA B 87 21.55 59.13 -8.83
CA ALA B 87 21.23 60.22 -9.74
C ALA B 87 20.48 61.29 -8.99
N ARG B 88 20.79 62.55 -9.25
CA ARG B 88 20.09 63.60 -8.52
C ARG B 88 18.73 63.70 -9.15
N TRP B 89 17.71 63.39 -8.34
CA TRP B 89 16.36 63.24 -8.84
C TRP B 89 15.55 64.48 -8.48
N PRO B 90 14.88 65.06 -9.48
CA PRO B 90 14.04 66.24 -9.28
C PRO B 90 13.00 65.99 -8.20
N LEU B 91 12.90 66.91 -7.26
CA LEU B 91 11.97 66.73 -6.14
C LEU B 91 10.54 66.81 -6.64
N ASP B 92 10.34 67.41 -7.81
CA ASP B 92 9.02 67.39 -8.41
C ASP B 92 8.97 66.41 -9.58
N THR B 93 8.25 65.33 -9.31
CA THR B 93 7.94 64.27 -10.24
C THR B 93 6.53 63.92 -9.80
N ASP B 94 5.98 62.80 -10.22
CA ASP B 94 4.79 62.34 -9.55
C ASP B 94 5.26 61.84 -8.18
N ALA B 95 4.35 61.38 -7.34
CA ALA B 95 4.79 61.02 -6.00
C ALA B 95 5.00 59.53 -5.92
N ASP B 96 6.27 59.14 -5.95
CA ASP B 96 6.66 57.75 -5.86
C ASP B 96 8.01 57.52 -5.21
N MET B 97 8.07 56.57 -4.30
CA MET B 97 9.32 55.85 -4.07
C MET B 97 8.93 54.45 -3.63
N VAL B 98 9.72 53.46 -4.00
CA VAL B 98 9.44 52.10 -3.54
C VAL B 98 10.73 51.41 -3.13
N VAL B 99 10.75 50.86 -1.93
CA VAL B 99 11.93 50.13 -1.47
C VAL B 99 11.64 48.64 -1.42
N SER B 100 12.58 47.86 -1.96
CA SER B 100 12.48 46.41 -2.00
C SER B 100 13.64 45.79 -1.23
N VAL B 101 13.32 44.79 -0.42
CA VAL B 101 14.32 44.08 0.35
C VAL B 101 14.52 42.67 -0.19
N GLY B 102 15.77 42.34 -0.50
CA GLY B 102 16.10 41.07 -1.13
C GLY B 102 15.97 39.86 -0.22
N THR B 103 16.44 40.01 1.02
CA THR B 103 16.44 38.90 1.97
C THR B 103 15.59 39.20 3.19
N ALA B 104 15.52 38.24 4.11
CA ALA B 104 14.87 38.47 5.40
C ALA B 104 15.90 38.90 6.43
N SER B 105 15.55 39.92 7.21
CA SER B 105 16.48 40.50 8.18
C SER B 105 16.78 39.55 9.34
N LYS B 106 18.04 39.49 9.74
CA LYS B 106 18.45 38.66 10.87
C LYS B 106 18.21 39.37 12.19
N GLU B 107 18.08 40.69 12.13
CA GLU B 107 17.85 41.48 13.33
C GLU B 107 17.00 42.71 13.02
N LEU B 108 16.31 43.22 14.03
CA LEU B 108 15.40 44.35 13.85
C LEU B 108 16.13 45.59 13.34
N LYS B 109 15.58 46.18 12.27
CA LYS B 109 16.10 47.41 11.67
C LYS B 109 17.52 47.30 11.12
N ASP B 110 17.86 46.21 10.43
CA ASP B 110 19.21 46.08 9.90
C ASP B 110 19.37 46.49 8.43
N PHE B 111 18.29 46.94 7.78
CA PHE B 111 18.45 47.51 6.44
C PHE B 111 18.39 49.03 6.53
N LYS B 112 19.19 49.74 5.74
CA LYS B 112 19.22 51.20 5.94
C LYS B 112 19.11 52.03 4.67
N VAL B 113 18.15 52.95 4.63
CA VAL B 113 17.98 53.85 3.49
C VAL B 113 18.14 55.31 3.91
N ARG B 114 19.13 55.98 3.34
CA ARG B 114 19.35 57.40 3.60
C ARG B 114 18.96 58.25 2.39
N VAL B 115 18.29 59.37 2.66
CA VAL B 115 17.89 60.31 1.63
C VAL B 115 18.44 61.71 1.90
N SER B 116 19.11 62.29 0.91
CA SER B 116 19.67 63.63 1.05
C SER B 116 19.00 64.56 0.03
N TYR B 117 19.05 65.88 0.27
CA TYR B 117 18.33 66.82 -0.59
C TYR B 117 19.26 67.84 -1.26
N PHE B 118 19.15 68.03 -2.58
CA PHE B 118 20.17 68.76 -3.37
C PHE B 118 19.64 69.82 -4.35
N GLY B 119 20.53 70.58 -5.01
CA GLY B 119 20.12 71.60 -5.96
C GLY B 119 21.03 72.83 -5.95
N GLU B 120 20.68 73.91 -6.65
CA GLU B 120 21.23 75.21 -6.25
C GLU B 120 20.25 75.74 -5.30
N GLN B 121 20.69 76.09 -4.10
CA GLN B 121 20.36 75.26 -2.95
C GLN B 121 21.66 74.50 -2.68
N GLU B 122 22.67 74.73 -3.51
CA GLU B 122 24.03 74.14 -3.34
C GLU B 122 24.94 74.88 -2.33
N ASP B 123 26.16 74.37 -2.03
CA ASP B 123 26.79 73.27 -2.79
C ASP B 123 26.57 71.86 -2.26
N GLN B 124 25.92 71.71 -1.11
CA GLN B 124 25.47 70.38 -0.67
C GLN B 124 24.23 70.40 0.23
N ALA B 125 23.94 69.22 0.77
CA ALA B 125 22.66 68.85 1.39
C ALA B 125 22.15 69.76 2.51
N LEU B 126 20.84 70.05 2.44
CA LEU B 126 20.14 70.79 3.49
C LEU B 126 19.46 69.87 4.51
N GLY B 127 19.44 68.58 4.23
CA GLY B 127 18.80 67.64 5.13
C GLY B 127 19.07 66.18 4.83
N ARG B 128 18.96 65.36 5.87
CA ARG B 128 19.17 63.93 5.75
C ARG B 128 18.06 63.16 6.46
N SER B 129 17.29 62.39 5.71
CA SER B 129 16.25 61.56 6.30
C SER B 129 16.69 60.10 6.34
N VAL B 130 16.51 59.46 7.49
CA VAL B 130 16.94 58.09 7.69
C VAL B 130 15.76 57.15 7.85
N LEU B 131 15.82 56.01 7.16
CA LEU B 131 14.76 55.01 7.20
C LEU B 131 15.33 53.63 7.44
N TYR B 132 14.90 52.97 8.50
CA TYR B 132 15.34 51.61 8.79
C TYR B 132 14.32 50.61 8.28
N LEU B 133 14.79 49.51 7.72
CA LEU B 133 13.92 48.48 7.16
C LEU B 133 14.17 47.12 7.80
N THR B 134 13.08 46.45 8.13
CA THR B 134 13.11 45.10 8.68
C THR B 134 12.56 44.11 7.67
N GLY B 135 13.44 43.27 7.13
CA GLY B 135 13.05 42.29 6.13
C GLY B 135 12.28 41.12 6.72
N VAL B 136 11.20 40.73 6.05
CA VAL B 136 10.40 39.58 6.46
C VAL B 136 10.09 38.69 5.28
N ASP B 137 10.17 37.37 5.49
CA ASP B 137 9.69 36.44 4.49
C ASP B 137 8.37 35.85 4.97
N ILE B 138 7.28 36.26 4.33
CA ILE B 138 5.96 35.73 4.64
C ILE B 138 5.37 35.07 3.40
N SER B 139 5.25 33.75 3.42
CA SER B 139 4.66 33.11 2.24
C SER B 139 3.81 31.89 2.58
N LEU B 140 2.67 31.79 1.92
CA LEU B 140 1.81 30.62 2.02
C LEU B 140 2.05 29.76 0.79
N GLU B 141 2.52 28.54 1.01
CA GLU B 141 2.94 27.68 -0.08
C GLU B 141 2.16 26.38 -0.11
N VAL B 142 1.74 25.97 -1.30
CA VAL B 142 1.06 24.69 -1.47
C VAL B 142 1.79 23.88 -2.52
N ASP B 143 1.23 22.74 -2.90
CA ASP B 143 1.83 21.98 -3.97
C ASP B 143 1.20 22.52 -5.23
N THR B 144 1.97 23.29 -5.99
CA THR B 144 1.40 24.04 -7.09
C THR B 144 1.52 23.20 -8.36
N GLY B 145 2.71 23.11 -8.93
CA GLY B 145 2.96 22.09 -9.93
C GLY B 145 2.68 20.84 -9.13
N ARG B 146 1.81 19.97 -9.62
CA ARG B 146 1.28 18.97 -8.69
C ARG B 146 2.11 17.72 -8.82
N THR B 147 3.08 17.63 -7.92
CA THR B 147 3.97 16.49 -7.76
C THR B 147 4.28 16.39 -6.28
N GLY B 148 4.06 15.22 -5.67
CA GLY B 148 4.49 15.02 -4.30
C GLY B 148 3.99 16.10 -3.36
N LYS B 149 4.92 16.77 -2.68
CA LYS B 149 4.58 17.83 -1.75
C LYS B 149 4.88 19.26 -2.25
N VAL B 150 4.65 20.21 -1.35
CA VAL B 150 4.63 21.65 -1.63
C VAL B 150 5.89 22.26 -2.22
N LYS B 151 5.73 23.05 -3.30
CA LYS B 151 6.79 23.97 -3.67
C LYS B 151 6.36 25.42 -3.97
N ARG B 152 6.67 26.32 -3.05
CA ARG B 152 7.21 27.65 -3.32
C ARG B 152 6.68 28.32 -4.61
N SER B 153 5.47 28.86 -4.56
CA SER B 153 5.10 29.83 -5.58
C SER B 153 5.12 31.21 -4.95
N GLN B 154 6.14 31.99 -5.28
CA GLN B 154 6.28 33.33 -4.74
C GLN B 154 6.45 34.28 -5.92
N GLY B 155 5.49 35.19 -6.06
CA GLY B 155 5.38 35.98 -7.27
C GLY B 155 4.20 35.43 -8.06
N ASP B 156 3.74 36.20 -9.03
CA ASP B 156 2.53 35.88 -9.78
C ASP B 156 2.55 34.51 -10.45
N LYS B 157 1.48 33.76 -10.27
CA LYS B 157 1.27 32.48 -10.94
C LYS B 157 -0.23 32.17 -11.05
N LYS B 158 -0.61 31.44 -12.09
CA LYS B 158 -2.01 31.13 -12.38
C LYS B 158 -2.61 30.15 -11.37
N THR B 159 -3.71 30.52 -10.72
CA THR B 159 -4.35 29.63 -9.75
C THR B 159 -4.78 28.31 -10.43
N TRP B 160 -5.80 28.37 -11.27
CA TRP B 160 -6.26 27.27 -12.08
C TRP B 160 -6.90 27.84 -13.35
N ARG B 161 -6.64 27.22 -14.49
CA ARG B 161 -7.47 27.41 -15.66
C ARG B 161 -7.93 26.02 -15.96
N TRP B 162 -7.09 25.22 -16.61
CA TRP B 162 -7.17 23.80 -16.36
C TRP B 162 -5.87 22.93 -16.38
N GLY B 163 -5.28 22.77 -17.57
CA GLY B 163 -4.58 21.53 -17.95
C GLY B 163 -3.14 21.14 -17.65
N PRO B 164 -2.58 20.25 -18.51
CA PRO B 164 -1.27 19.59 -18.37
C PRO B 164 -0.11 20.57 -18.27
N GLU B 165 -0.37 21.81 -18.69
CA GLU B 165 0.53 22.92 -18.43
C GLU B 165 0.80 23.04 -16.93
N GLY B 166 -0.20 22.69 -16.14
CA GLY B 166 -0.06 22.27 -14.76
C GLY B 166 -0.15 23.40 -13.76
N TYR B 167 -0.92 23.19 -12.69
CA TYR B 167 -1.56 24.29 -11.96
C TYR B 167 -1.85 23.93 -10.51
N GLY B 168 -2.54 24.81 -9.80
CA GLY B 168 -2.54 24.85 -8.35
C GLY B 168 -2.98 23.61 -7.59
N ALA B 169 -2.88 23.68 -6.27
CA ALA B 169 -3.04 22.51 -5.40
C ALA B 169 -4.40 21.83 -5.50
N ILE B 170 -4.37 20.52 -5.30
CA ILE B 170 -5.58 19.70 -5.29
C ILE B 170 -5.92 19.29 -3.85
N LEU B 171 -7.20 19.35 -3.51
CA LEU B 171 -7.64 18.96 -2.18
C LEU B 171 -8.66 17.83 -2.24
N LEU B 172 -8.33 16.70 -1.63
CA LEU B 172 -9.27 15.60 -1.53
C LEU B 172 -10.37 15.92 -0.53
N VAL B 173 -11.63 15.79 -0.97
CA VAL B 173 -12.72 15.76 -0.02
C VAL B 173 -12.46 14.54 0.85
N ASN B 174 -12.43 14.73 2.16
CA ASN B 174 -12.04 13.60 3.00
C ASN B 174 -13.29 12.97 3.56
N CYS B 175 -13.67 11.85 2.96
CA CYS B 175 -14.79 11.06 3.45
C CYS B 175 -14.41 9.60 3.45
N ASP B 176 -14.26 9.05 4.65
CA ASP B 176 -13.89 7.66 4.87
C ASP B 176 -13.68 7.51 6.36
N ARG B 177 -13.64 6.28 6.84
CA ARG B 177 -13.25 6.10 8.23
C ARG B 177 -11.90 5.41 8.32
N ASP B 178 -10.85 6.20 8.57
CA ASP B 178 -9.53 5.69 8.92
C ASP B 178 -9.58 5.56 10.42
N ASN B 179 -10.77 5.87 10.90
CA ASN B 179 -11.18 5.85 12.27
C ASN B 179 -12.18 4.71 12.42
N HIS B 180 -11.91 3.78 13.34
CA HIS B 180 -12.91 2.74 13.63
C HIS B 180 -13.75 3.07 14.86
N ARG B 181 -13.46 4.20 15.50
CA ARG B 181 -14.33 4.75 16.55
C ARG B 181 -15.72 5.06 16.05
N SER B 182 -15.78 6.13 15.28
CA SER B 182 -17.01 6.80 14.88
C SER B 182 -17.69 6.08 13.73
N ALA B 183 -18.99 6.29 13.59
CA ALA B 183 -19.75 5.69 12.50
C ALA B 183 -19.68 6.55 11.24
N GLU B 184 -19.12 7.75 11.37
CA GLU B 184 -19.15 8.71 10.28
C GLU B 184 -17.76 9.02 9.72
N PRO B 185 -17.69 9.43 8.44
CA PRO B 185 -16.42 9.85 7.85
C PRO B 185 -15.75 10.98 8.62
N ASP B 186 -14.42 11.06 8.53
CA ASP B 186 -13.63 12.05 9.28
C ASP B 186 -13.99 13.48 8.87
N LEU B 187 -14.76 13.58 7.80
CA LEU B 187 -15.29 14.84 7.28
C LEU B 187 -16.02 15.66 8.33
N THR B 188 -16.66 14.98 9.28
CA THR B 188 -17.58 15.61 10.20
C THR B 188 -16.95 16.03 11.53
N HIS B 189 -15.66 15.77 11.71
CA HIS B 189 -15.07 15.88 13.04
C HIS B 189 -14.15 17.09 13.24
N SER B 190 -14.28 17.68 14.44
CA SER B 190 -13.62 18.92 14.82
C SER B 190 -12.13 18.67 15.05
N TRP B 191 -11.80 17.43 15.38
CA TRP B 191 -10.49 17.08 15.89
C TRP B 191 -9.92 15.93 15.09
N LEU B 192 -8.63 15.66 15.26
CA LEU B 192 -8.00 14.58 14.51
C LEU B 192 -8.18 13.27 15.27
N MET B 193 -8.92 12.34 14.66
CA MET B 193 -9.22 11.07 15.30
C MET B 193 -8.05 10.10 15.17
N SER B 194 -7.28 10.24 14.09
CA SER B 194 -6.22 9.29 13.78
C SER B 194 -5.06 9.93 13.03
N LEU B 195 -3.86 9.37 13.21
CA LEU B 195 -2.68 9.82 12.49
C LEU B 195 -2.79 9.50 11.01
N ALA B 196 -3.43 8.37 10.71
CA ALA B 196 -3.58 7.90 9.32
C ALA B 196 -4.37 8.90 8.47
N ASP B 197 -5.31 9.58 9.12
CA ASP B 197 -6.17 10.55 8.44
C ASP B 197 -5.34 11.63 7.74
N LEU B 198 -4.19 11.95 8.31
CA LEU B 198 -3.29 12.96 7.76
C LEU B 198 -2.85 12.63 6.33
N GLN B 199 -2.86 11.34 5.99
CA GLN B 199 -2.44 10.91 4.66
C GLN B 199 -3.46 11.31 3.60
N ASP B 200 -4.66 11.69 4.04
CA ASP B 200 -5.72 12.09 3.12
C ASP B 200 -5.78 13.60 2.90
N MET B 201 -4.84 14.33 3.49
CA MET B 201 -4.90 15.78 3.50
C MET B 201 -3.78 16.42 2.68
N SER B 202 -4.04 17.62 2.17
CA SER B 202 -3.07 18.37 1.39
C SER B 202 -2.18 19.22 2.30
N PRO B 203 -0.86 19.18 2.05
CA PRO B 203 0.12 19.95 2.82
C PRO B 203 0.09 21.43 2.49
N MET B 204 0.23 22.28 3.50
CA MET B 204 0.38 23.72 3.28
C MET B 204 1.48 24.27 4.17
N LEU B 205 2.55 24.78 3.56
CA LEU B 205 3.68 25.31 4.33
C LEU B 205 3.55 26.80 4.52
N LEU B 206 3.95 27.28 5.71
CA LEU B 206 3.95 28.71 5.98
C LEU B 206 5.34 29.18 6.34
N SER B 207 5.91 30.05 5.49
CA SER B 207 7.24 30.59 5.74
C SER B 207 7.12 31.93 6.47
N CYS B 208 7.58 31.91 7.73
CA CYS B 208 7.52 33.04 8.64
C CYS B 208 8.83 33.83 8.75
N ASN B 209 9.83 33.49 7.95
CA ASN B 209 11.21 33.92 8.19
C ASN B 209 11.41 35.41 8.48
N GLY B 210 12.09 35.70 9.58
CA GLY B 210 12.29 37.06 10.06
C GLY B 210 12.63 37.11 11.55
N PRO B 211 12.95 38.32 12.06
CA PRO B 211 13.34 38.53 13.46
C PRO B 211 12.19 38.31 14.45
N ASP B 212 12.52 37.83 15.64
CA ASP B 212 11.51 37.50 16.65
C ASP B 212 10.85 38.73 17.25
N LYS B 213 11.63 39.77 17.53
CA LYS B 213 11.11 40.99 18.12
C LYS B 213 10.05 41.64 17.23
N LEU B 214 10.20 41.43 15.93
CA LEU B 214 9.22 41.90 14.96
C LEU B 214 7.85 41.30 15.23
N PHE B 215 7.84 40.00 15.49
CA PHE B 215 6.59 39.27 15.70
C PHE B 215 5.93 39.62 17.04
N ASP B 216 6.63 40.40 17.85
CA ASP B 216 6.08 40.85 19.11
C ASP B 216 4.97 41.88 18.89
N SER B 217 5.22 42.88 18.05
CA SER B 217 4.18 43.86 17.73
C SER B 217 3.43 43.63 16.41
N HIS B 218 3.86 42.64 15.63
CA HIS B 218 3.22 42.36 14.34
C HIS B 218 2.82 40.90 14.24
N LYS B 219 1.52 40.65 14.05
CA LYS B 219 1.00 39.29 14.18
C LYS B 219 0.56 38.66 12.87
N LEU B 220 0.76 37.35 12.77
CA LEU B 220 0.31 36.58 11.62
C LEU B 220 -1.07 35.98 11.88
N VAL B 221 -1.98 36.13 10.92
CA VAL B 221 -3.33 35.64 11.07
C VAL B 221 -3.74 34.86 9.82
N LEU B 222 -4.34 33.69 10.02
CA LEU B 222 -4.66 32.78 8.93
C LEU B 222 -6.18 32.66 8.77
N ASN B 223 -6.67 32.96 7.57
CA ASN B 223 -8.10 33.09 7.33
C ASN B 223 -8.66 32.25 6.20
N VAL B 224 -9.95 31.95 6.31
CA VAL B 224 -10.73 31.36 5.22
C VAL B 224 -12.03 32.15 5.11
N PRO B 225 -12.49 32.41 3.87
CA PRO B 225 -13.76 33.12 3.69
C PRO B 225 -14.94 32.37 4.29
N PHE B 226 -15.98 33.11 4.66
CA PHE B 226 -17.19 32.51 5.22
C PHE B 226 -17.87 31.61 4.18
N SER B 227 -17.74 31.98 2.92
CA SER B 227 -18.29 31.19 1.83
C SER B 227 -17.71 29.78 1.81
N ASP B 228 -16.40 29.71 2.01
CA ASP B 228 -15.68 28.44 1.98
C ASP B 228 -15.48 27.84 3.37
N SER B 229 -16.04 28.50 4.38
CA SER B 229 -15.85 28.09 5.78
C SER B 229 -16.24 26.64 6.03
N LYS B 230 -17.37 26.22 5.48
CA LYS B 230 -17.90 24.89 5.73
C LYS B 230 -17.36 23.86 4.75
N ARG B 231 -16.50 24.28 3.85
CA ARG B 231 -15.95 23.38 2.84
C ARG B 231 -14.56 22.83 3.15
N VAL B 232 -13.95 23.31 4.23
CA VAL B 232 -12.56 22.98 4.48
C VAL B 232 -12.19 22.98 5.97
N ARG B 233 -11.32 22.06 6.37
CA ARG B 233 -10.73 22.12 7.70
C ARG B 233 -9.21 22.22 7.61
N VAL B 234 -8.63 23.08 8.44
CA VAL B 234 -7.19 23.19 8.55
C VAL B 234 -6.75 22.84 9.97
N PHE B 235 -5.93 21.80 10.05
CA PHE B 235 -5.35 21.32 11.30
C PHE B 235 -3.87 21.68 11.39
N CYS B 236 -3.40 21.93 12.60
CA CYS B 236 -1.99 22.21 12.85
C CYS B 236 -1.58 21.70 14.22
N ALA B 237 -0.36 21.20 14.33
CA ALA B 237 0.10 20.69 15.61
C ALA B 237 0.87 21.77 16.37
N ARG B 238 0.26 22.30 17.43
CA ARG B 238 0.93 23.22 18.33
C ARG B 238 1.04 22.58 19.71
N GLY B 239 2.26 22.18 20.02
CA GLY B 239 2.55 21.14 20.98
C GLY B 239 3.73 20.64 20.17
N GLY B 240 3.97 19.35 20.15
CA GLY B 240 4.43 18.88 18.87
C GLY B 240 4.20 17.47 18.41
N ASN B 241 3.91 17.38 17.11
CA ASN B 241 4.03 16.19 16.30
C ASN B 241 3.56 14.89 16.96
N SER B 242 2.41 14.98 17.63
CA SER B 242 1.76 13.80 18.20
C SER B 242 0.24 13.98 18.08
N LEU B 243 -0.48 12.87 17.97
CA LEU B 243 -1.92 12.88 17.69
C LEU B 243 -2.71 13.84 18.59
N SER B 244 -2.37 13.88 19.87
CA SER B 244 -3.10 14.70 20.83
C SER B 244 -2.83 16.19 20.64
N ASP B 245 -1.65 16.51 20.10
CA ASP B 245 -1.22 17.89 19.98
C ASP B 245 -1.90 18.64 18.84
N TYR B 246 -2.45 17.89 17.88
CA TYR B 246 -3.12 18.51 16.75
C TYR B 246 -4.42 19.21 17.15
N LYS B 247 -4.70 20.32 16.48
CA LYS B 247 -5.91 21.10 16.75
C LYS B 247 -6.42 21.67 15.43
N GLN B 248 -7.71 21.95 15.36
CA GLN B 248 -8.25 22.58 14.16
C GLN B 248 -8.07 24.09 14.28
N VAL B 249 -7.23 24.64 13.40
CA VAL B 249 -7.02 26.08 13.37
C VAL B 249 -8.12 26.75 12.53
N LEU B 250 -8.57 26.07 11.49
CA LEU B 250 -9.65 26.64 10.66
C LEU B 250 -10.76 25.63 10.39
N GLY B 251 -12.00 26.10 10.46
CA GLY B 251 -13.15 25.22 10.30
C GLY B 251 -14.41 25.98 9.96
N PRO B 252 -15.56 25.27 9.99
CA PRO B 252 -16.84 25.85 9.58
C PRO B 252 -17.23 27.12 10.32
N GLN B 253 -17.16 27.10 11.65
CA GLN B 253 -17.48 28.30 12.44
C GLN B 253 -16.27 29.08 12.94
N CYS B 254 -15.07 28.62 12.63
CA CYS B 254 -13.87 29.37 12.96
C CYS B 254 -13.21 29.91 11.69
N LEU B 255 -13.34 31.21 11.46
CA LEU B 255 -12.85 31.83 10.23
C LEU B 255 -11.41 32.31 10.31
N SER B 256 -10.89 32.41 11.52
CA SER B 256 -9.58 33.00 11.71
C SER B 256 -8.79 32.27 12.79
N TYR B 257 -7.54 31.97 12.48
CA TYR B 257 -6.62 31.43 13.46
C TYR B 257 -5.42 32.32 13.58
N GLU B 258 -5.22 32.91 14.75
CA GLU B 258 -4.01 33.66 14.99
C GLU B 258 -2.86 32.68 15.15
N VAL B 259 -1.87 32.83 14.27
CA VAL B 259 -0.74 31.93 14.28
C VAL B 259 0.02 32.05 15.60
N GLU B 260 0.20 30.90 16.27
CA GLU B 260 1.02 30.87 17.45
C GLU B 260 2.42 30.52 16.99
N ARG B 261 3.30 31.50 17.04
CA ARG B 261 4.65 31.35 16.51
C ARG B 261 5.66 31.54 17.63
N GLN B 262 6.64 30.65 17.69
CA GLN B 262 7.59 30.64 18.78
C GLN B 262 9.00 30.85 18.21
N PRO B 263 9.88 31.51 18.98
CA PRO B 263 11.02 32.30 18.47
C PRO B 263 11.89 31.65 17.39
N GLY B 264 12.24 30.39 17.54
CA GLY B 264 13.15 29.75 16.60
C GLY B 264 12.49 29.27 15.33
N GLU B 265 11.16 29.31 15.31
CA GLU B 265 10.39 28.65 14.25
C GLU B 265 10.06 29.61 13.10
N GLN B 266 10.72 29.40 11.97
CA GLN B 266 10.51 30.21 10.78
C GLN B 266 9.60 29.54 9.74
N GLU B 267 9.20 28.29 10.01
CA GLU B 267 8.32 27.56 9.11
C GLU B 267 7.32 26.70 9.88
N ILE B 268 6.05 26.81 9.50
CA ILE B 268 4.99 26.06 10.18
C ILE B 268 4.19 25.24 9.16
N LYS B 269 4.00 23.95 9.46
CA LYS B 269 3.27 23.08 8.56
C LYS B 269 1.79 22.99 8.94
N PHE B 270 0.93 23.01 7.93
CA PHE B 270 -0.50 22.91 8.10
C PHE B 270 -1.07 21.78 7.24
N TYR B 271 -2.17 21.19 7.68
CA TYR B 271 -2.82 20.11 6.94
C TYR B 271 -4.25 20.52 6.60
N VAL B 272 -4.63 20.34 5.33
CA VAL B 272 -5.91 20.82 4.85
C VAL B 272 -6.78 19.68 4.30
N GLU B 273 -8.06 19.66 4.65
CA GLU B 273 -8.97 18.61 4.19
C GLU B 273 -10.31 19.15 3.68
N GLY B 274 -10.72 18.64 2.52
CA GLY B 274 -12.00 19.00 1.90
C GLY B 274 -13.24 18.44 2.55
N LEU B 275 -14.18 19.32 2.89
CA LEU B 275 -15.48 18.91 3.43
C LEU B 275 -16.53 18.58 2.36
N THR B 276 -16.53 19.27 1.24
CA THR B 276 -17.59 19.09 0.24
C THR B 276 -17.10 18.93 -1.20
N PHE B 277 -17.73 18.00 -1.92
CA PHE B 277 -17.50 17.84 -3.35
C PHE B 277 -18.07 19.04 -4.11
N PRO B 278 -17.55 19.30 -5.32
CA PRO B 278 -18.11 20.37 -6.16
C PRO B 278 -19.59 20.15 -6.44
N ASP B 279 -20.40 21.20 -6.31
CA ASP B 279 -21.84 21.07 -6.50
C ASP B 279 -22.42 22.36 -7.11
N ALA B 280 -23.75 22.46 -7.13
CA ALA B 280 -24.43 23.61 -7.72
C ALA B 280 -23.99 24.93 -7.10
N ASP B 281 -23.68 24.91 -5.80
CA ASP B 281 -23.23 26.10 -5.10
C ASP B 281 -21.71 26.19 -5.02
N PHE B 282 -21.02 25.19 -5.55
CA PHE B 282 -19.57 25.11 -5.39
C PHE B 282 -18.84 24.71 -6.68
N LEU B 283 -17.97 25.58 -7.18
CA LEU B 283 -17.21 25.30 -8.39
C LEU B 283 -15.93 24.53 -8.08
N GLY B 284 -15.60 24.43 -6.80
CA GLY B 284 -14.45 23.64 -6.38
C GLY B 284 -13.23 24.42 -5.93
N LEU B 285 -13.26 25.75 -6.02
CA LEU B 285 -12.11 26.55 -5.64
C LEU B 285 -12.22 27.09 -4.22
N VAL B 286 -11.21 26.79 -3.40
CA VAL B 286 -11.17 27.26 -2.03
C VAL B 286 -9.88 28.05 -1.77
N SER B 287 -10.03 29.26 -1.25
CA SER B 287 -8.88 30.13 -1.01
C SER B 287 -8.55 30.25 0.47
N LEU B 288 -7.26 30.13 0.79
CA LEU B 288 -6.79 30.32 2.15
C LEU B 288 -5.81 31.50 2.19
N SER B 289 -5.88 32.30 3.24
CA SER B 289 -5.09 33.52 3.27
C SER B 289 -4.19 33.65 4.49
N VAL B 290 -2.95 34.10 4.28
CA VAL B 290 -2.08 34.49 5.37
C VAL B 290 -1.91 36.00 5.34
N SER B 291 -2.33 36.65 6.43
CA SER B 291 -2.21 38.10 6.54
C SER B 291 -1.28 38.46 7.69
N LEU B 292 -0.61 39.60 7.55
CA LEU B 292 0.26 40.11 8.60
C LEU B 292 -0.24 41.47 9.04
N VAL B 293 -0.73 41.56 10.28
CA VAL B 293 -1.41 42.76 10.74
C VAL B 293 -0.75 43.38 11.96
N ASP B 294 -1.10 44.63 12.24
CA ASP B 294 -0.52 45.34 13.37
C ASP B 294 -1.61 45.84 14.32
N PRO B 295 -1.92 45.04 15.35
CA PRO B 295 -2.92 45.36 16.39
C PRO B 295 -2.59 46.64 17.15
N GLY B 296 -1.34 47.08 17.07
CA GLY B 296 -0.89 48.29 17.74
C GLY B 296 -1.37 49.57 17.10
N THR B 297 -2.21 49.44 16.07
CA THR B 297 -2.83 50.59 15.42
C THR B 297 -4.32 50.37 15.25
N LEU B 298 -5.10 51.45 15.38
CA LEU B 298 -6.50 51.40 15.01
C LEU B 298 -6.81 52.50 13.99
N PRO B 299 -7.62 52.19 12.97
CA PRO B 299 -8.14 50.85 12.64
C PRO B 299 -7.02 49.89 12.24
N GLU B 300 -7.08 48.67 12.76
CA GLU B 300 -6.02 47.69 12.60
C GLU B 300 -5.64 47.51 11.14
N VAL B 301 -4.33 47.57 10.86
CA VAL B 301 -3.88 47.56 9.48
C VAL B 301 -3.27 46.23 9.07
N THR B 302 -3.66 45.78 7.88
CA THR B 302 -3.05 44.61 7.25
C THR B 302 -1.94 45.09 6.33
N LEU B 303 -0.70 44.78 6.68
CA LEU B 303 0.45 45.21 5.91
C LEU B 303 0.64 44.36 4.66
N PHE B 304 0.36 43.07 4.78
CA PHE B 304 0.57 42.14 3.68
C PHE B 304 -0.37 40.94 3.71
N THR B 305 -0.72 40.44 2.53
CA THR B 305 -1.54 39.24 2.42
C THR B 305 -1.08 38.35 1.27
N ASP B 306 -0.90 37.06 1.55
CA ASP B 306 -0.63 36.08 0.49
C ASP B 306 -1.79 35.10 0.44
N THR B 307 -2.36 34.94 -0.75
CA THR B 307 -3.51 34.05 -0.92
C THR B 307 -3.11 32.79 -1.68
N VAL B 308 -3.55 31.65 -1.16
CA VAL B 308 -3.29 30.35 -1.75
C VAL B 308 -4.63 29.71 -2.11
N GLY B 309 -4.64 28.73 -3.01
CA GLY B 309 -5.90 28.10 -3.37
C GLY B 309 -5.83 26.63 -3.72
N PHE B 310 -6.98 25.96 -3.59
CA PHE B 310 -7.10 24.53 -3.84
C PHE B 310 -8.25 24.26 -4.80
N ARG B 311 -8.24 23.07 -5.40
CA ARG B 311 -9.39 22.60 -6.14
C ARG B 311 -9.77 21.20 -5.67
N MET B 312 -11.05 21.02 -5.31
CA MET B 312 -11.53 19.73 -4.85
C MET B 312 -11.43 18.68 -5.95
N ALA B 313 -10.80 17.56 -5.63
CA ALA B 313 -10.75 16.44 -6.55
C ALA B 313 -12.17 15.91 -6.76
N PRO B 314 -12.62 15.89 -8.03
CA PRO B 314 -14.01 15.52 -8.33
C PRO B 314 -14.29 14.05 -8.10
N TRP B 315 -15.55 13.65 -8.31
CA TRP B 315 -15.94 12.26 -8.21
C TRP B 315 -16.01 11.64 -9.60
N ILE B 316 -15.27 10.56 -9.81
CA ILE B 316 -15.16 9.96 -11.13
C ILE B 316 -15.76 8.56 -11.17
N MET B 317 -16.61 8.30 -12.15
CA MET B 317 -17.18 6.98 -12.35
C MET B 317 -16.24 6.10 -13.15
N THR B 318 -16.63 4.85 -13.35
CA THR B 318 -15.90 3.95 -14.24
C THR B 318 -16.85 3.20 -15.15
N PRO B 319 -16.49 3.08 -16.44
CA PRO B 319 -17.25 2.34 -17.45
C PRO B 319 -17.04 0.84 -17.35
N ASN B 320 -17.94 0.06 -17.92
CA ASN B 320 -17.82 -1.40 -17.93
C ASN B 320 -16.54 -1.86 -18.64
N THR B 321 -15.96 -1.00 -19.46
CA THR B 321 -14.75 -1.31 -20.19
C THR B 321 -13.52 -1.36 -19.27
N GLN B 322 -13.67 -0.86 -18.05
CA GLN B 322 -12.59 -0.89 -17.08
C GLN B 322 -12.45 -2.29 -16.46
N PRO B 323 -11.22 -2.66 -16.08
CA PRO B 323 -10.97 -3.97 -15.44
C PRO B 323 -11.69 -4.12 -14.11
N PRO B 324 -12.40 -5.26 -13.94
CA PRO B 324 -13.14 -5.53 -12.70
C PRO B 324 -12.23 -5.80 -11.52
N GLU B 325 -12.69 -5.46 -10.32
CA GLU B 325 -11.96 -5.71 -9.09
C GLU B 325 -12.83 -6.51 -8.12
N GLU B 326 -13.94 -5.92 -7.73
CA GLU B 326 -14.87 -6.59 -6.81
C GLU B 326 -16.31 -6.55 -7.36
N LEU B 327 -16.97 -7.70 -7.37
CA LEU B 327 -18.35 -7.79 -7.84
C LEU B 327 -19.29 -8.05 -6.66
N TYR B 328 -20.35 -7.25 -6.59
CA TYR B 328 -21.27 -7.34 -5.46
C TYR B 328 -22.57 -8.03 -5.82
N VAL B 329 -22.94 -9.02 -5.00
CA VAL B 329 -24.14 -9.80 -5.25
C VAL B 329 -24.90 -10.03 -3.94
N CYS B 330 -26.21 -10.00 -3.99
CA CYS B 330 -27.03 -10.21 -2.80
C CYS B 330 -27.52 -11.65 -2.71
N ARG B 331 -27.43 -12.24 -1.53
CA ARG B 331 -28.10 -13.52 -1.32
C ARG B 331 -29.50 -13.22 -0.83
N VAL B 332 -30.48 -13.50 -1.66
CA VAL B 332 -31.86 -13.18 -1.34
C VAL B 332 -32.74 -14.39 -1.49
N MET B 333 -33.93 -14.25 -0.92
CA MET B 333 -34.81 -15.37 -0.77
C MET B 333 -36.26 -15.01 -1.15
N ASP B 334 -36.69 -15.54 -2.30
CA ASP B 334 -37.76 -16.52 -2.50
C ASP B 334 -37.88 -16.79 -4.01
N THR B 335 -37.97 -18.06 -4.35
CA THR B 335 -38.77 -18.66 -5.41
C THR B 335 -39.81 -19.36 -4.59
N HIS B 336 -39.74 -19.03 -3.29
CA HIS B 336 -39.92 -19.96 -2.17
C HIS B 336 -38.81 -21.00 -2.35
N GLY B 337 -37.59 -20.46 -2.45
CA GLY B 337 -36.36 -21.19 -2.67
C GLY B 337 -35.34 -20.12 -3.03
N SER B 338 -34.05 -20.47 -3.06
CA SER B 338 -32.99 -19.44 -2.98
C SER B 338 -32.22 -19.25 -4.28
N ASN B 339 -31.63 -18.07 -4.41
CA ASN B 339 -30.88 -17.69 -5.60
C ASN B 339 -29.46 -18.24 -5.56
N GLU B 340 -29.19 -19.06 -4.55
CA GLU B 340 -27.89 -19.69 -4.33
C GLU B 340 -27.27 -20.29 -5.59
N LYS B 341 -28.10 -20.91 -6.43
CA LYS B 341 -27.65 -21.42 -7.72
C LYS B 341 -27.02 -20.30 -8.55
N PHE B 342 -27.75 -19.20 -8.70
CA PHE B 342 -27.27 -18.01 -9.39
C PHE B 342 -25.97 -17.48 -8.75
N LEU B 343 -25.85 -17.67 -7.45
CA LEU B 343 -24.67 -17.22 -6.71
C LEU B 343 -23.48 -18.12 -7.04
N GLU B 344 -23.74 -19.39 -7.30
CA GLU B 344 -22.69 -20.31 -7.73
C GLU B 344 -22.24 -19.93 -9.13
N ASP B 345 -23.21 -19.63 -9.98
CA ASP B 345 -22.92 -19.14 -11.33
C ASP B 345 -22.03 -17.91 -11.25
N MET B 346 -22.32 -17.05 -10.28
CA MET B 346 -21.61 -15.79 -10.12
C MET B 346 -20.22 -15.98 -9.56
N SER B 347 -20.06 -16.94 -8.66
CA SER B 347 -18.74 -17.27 -8.12
C SER B 347 -17.85 -17.82 -9.23
N TYR B 348 -18.43 -18.72 -10.01
CA TYR B 348 -17.77 -19.31 -11.17
C TYR B 348 -17.30 -18.20 -12.12
N LEU B 349 -18.26 -17.41 -12.59
CA LEU B 349 -17.97 -16.31 -13.53
C LEU B 349 -16.92 -15.34 -12.99
N THR B 350 -17.04 -14.96 -11.73
CA THR B 350 -16.11 -13.99 -11.13
C THR B 350 -14.70 -14.54 -11.03
N LEU B 351 -14.55 -15.75 -10.48
CA LEU B 351 -13.20 -16.27 -10.27
C LEU B 351 -12.59 -16.80 -11.56
N LYS B 352 -13.39 -16.90 -12.63
CA LYS B 352 -12.81 -17.16 -13.94
C LYS B 352 -12.20 -15.87 -14.51
N ALA B 353 -12.79 -14.74 -14.15
CA ALA B 353 -12.30 -13.43 -14.59
C ALA B 353 -11.27 -12.89 -13.62
N ASN B 354 -10.95 -13.69 -12.60
CA ASN B 354 -9.98 -13.34 -11.57
C ASN B 354 -10.31 -12.01 -10.89
N CYS B 355 -11.39 -12.03 -10.11
CA CYS B 355 -11.79 -10.87 -9.33
C CYS B 355 -12.49 -11.30 -8.05
N LYS B 356 -12.49 -10.43 -7.05
CA LYS B 356 -13.12 -10.73 -5.78
C LYS B 356 -14.64 -10.72 -5.91
N LEU B 357 -15.29 -11.63 -5.19
CA LEU B 357 -16.75 -11.71 -5.16
C LEU B 357 -17.27 -11.46 -3.75
N THR B 358 -18.08 -10.41 -3.59
CA THR B 358 -18.66 -10.06 -2.31
C THR B 358 -20.15 -10.36 -2.27
N ILE B 359 -20.56 -11.18 -1.31
CA ILE B 359 -21.97 -11.53 -1.16
C ILE B 359 -22.58 -10.90 0.08
N CYS B 360 -23.47 -9.94 -0.15
CA CYS B 360 -24.22 -9.31 0.93
C CYS B 360 -25.28 -10.27 1.47
N PRO B 361 -25.16 -10.65 2.75
CA PRO B 361 -26.11 -11.58 3.38
C PRO B 361 -27.53 -11.04 3.40
N GLN B 362 -28.50 -11.94 3.47
CA GLN B 362 -29.91 -11.57 3.43
C GLN B 362 -30.31 -10.68 4.60
N VAL B 363 -29.57 -10.82 5.71
CA VAL B 363 -29.86 -10.04 6.91
C VAL B 363 -29.61 -8.55 6.65
N GLU B 364 -28.64 -8.25 5.81
CA GLU B 364 -28.29 -6.86 5.50
C GLU B 364 -29.18 -6.24 4.42
N ASN B 365 -29.51 -7.01 3.40
CA ASN B 365 -30.25 -6.47 2.25
C ASN B 365 -31.77 -6.53 2.36
N ARG B 366 -32.28 -7.30 3.33
CA ARG B 366 -33.72 -7.46 3.52
C ARG B 366 -34.45 -7.85 2.23
N ASN B 367 -33.91 -8.86 1.55
CA ASN B 367 -34.46 -9.34 0.28
C ASN B 367 -34.55 -8.26 -0.80
N ASP B 368 -33.60 -7.32 -0.78
CA ASP B 368 -33.49 -6.36 -1.86
C ASP B 368 -32.35 -6.80 -2.76
N ARG B 369 -32.69 -7.31 -3.94
CA ARG B 369 -31.73 -7.97 -4.80
C ARG B 369 -31.06 -7.02 -5.78
N TRP B 370 -31.57 -5.81 -5.90
CA TRP B 370 -30.99 -4.91 -6.88
C TRP B 370 -29.93 -4.07 -6.19
N ILE B 371 -28.68 -4.42 -6.45
CA ILE B 371 -27.55 -3.76 -5.83
C ILE B 371 -26.91 -2.78 -6.81
N GLN B 372 -27.42 -2.76 -8.03
CA GLN B 372 -26.98 -1.84 -9.06
C GLN B 372 -27.65 -0.48 -8.86
N ASP B 373 -28.86 -0.52 -8.32
CA ASP B 373 -29.68 0.67 -8.15
C ASP B 373 -29.30 1.51 -6.91
N GLU B 374 -28.81 0.83 -5.88
CA GLU B 374 -28.60 1.49 -4.60
C GLU B 374 -27.37 2.39 -4.56
N MET B 375 -26.35 2.03 -5.33
CA MET B 375 -25.08 2.74 -5.25
C MET B 375 -24.30 2.70 -6.56
N GLU B 376 -23.44 3.70 -6.75
CA GLU B 376 -22.51 3.68 -7.87
C GLU B 376 -21.08 3.83 -7.37
N PHE B 377 -20.21 2.93 -7.81
CA PHE B 377 -18.81 2.95 -7.40
C PHE B 377 -18.03 3.97 -8.21
N GLY B 378 -17.02 4.57 -7.56
CA GLY B 378 -16.24 5.63 -8.16
C GLY B 378 -14.93 5.78 -7.39
N TYR B 379 -14.22 6.87 -7.63
CA TYR B 379 -12.98 7.12 -6.91
C TYR B 379 -12.61 8.60 -6.86
N ILE B 380 -11.77 8.95 -5.89
CA ILE B 380 -11.23 10.31 -5.78
C ILE B 380 -9.70 10.22 -5.75
N GLU B 381 -9.04 11.22 -6.33
CA GLU B 381 -7.61 11.11 -6.63
C GLU B 381 -6.83 12.42 -6.46
N ALA B 382 -5.65 12.31 -5.87
CA ALA B 382 -4.79 13.47 -5.61
C ALA B 382 -3.46 13.25 -6.34
N PRO B 383 -2.48 14.17 -6.18
CA PRO B 383 -1.19 13.85 -6.80
C PRO B 383 -0.70 12.48 -6.47
N HIS B 384 -0.64 12.13 -5.20
CA HIS B 384 -0.79 10.72 -4.91
C HIS B 384 -1.52 10.72 -3.55
N LYS B 385 -2.84 10.61 -3.47
CA LYS B 385 -3.54 9.82 -2.45
C LYS B 385 -4.79 9.54 -3.22
N SER B 386 -5.10 8.28 -3.41
CA SER B 386 -6.21 7.99 -4.29
C SER B 386 -6.99 6.85 -3.71
N PHE B 387 -8.27 7.08 -3.47
CA PHE B 387 -9.09 6.02 -2.93
C PHE B 387 -10.51 6.07 -3.48
N PRO B 388 -11.11 4.89 -3.70
CA PRO B 388 -12.48 4.73 -4.19
C PRO B 388 -13.54 5.35 -3.27
N VAL B 389 -14.62 5.79 -3.88
CA VAL B 389 -15.72 6.45 -3.17
C VAL B 389 -17.05 5.89 -3.68
N VAL B 390 -18.00 5.71 -2.77
CA VAL B 390 -19.32 5.23 -3.15
C VAL B 390 -20.35 6.35 -3.17
N PHE B 391 -21.07 6.47 -4.28
CA PHE B 391 -22.18 7.39 -4.34
C PHE B 391 -23.43 6.62 -3.95
N ASP B 392 -23.97 6.94 -2.78
CA ASP B 392 -25.14 6.26 -2.26
C ASP B 392 -26.41 6.92 -2.76
N SER B 393 -27.23 6.16 -3.49
CA SER B 393 -28.44 6.69 -4.07
C SER B 393 -29.49 6.98 -2.98
N PRO B 394 -30.32 8.00 -3.21
CA PRO B 394 -31.50 8.37 -2.42
C PRO B 394 -32.56 7.26 -2.35
N ARG B 395 -32.39 6.23 -3.17
CA ARG B 395 -33.37 5.16 -3.37
C ARG B 395 -34.03 4.64 -2.08
N ASN B 396 -33.21 4.30 -1.08
CA ASN B 396 -33.71 3.96 0.26
C ASN B 396 -34.76 2.87 0.32
N ARG B 397 -34.42 1.62 0.02
CA ARG B 397 -35.44 0.57 0.15
C ARG B 397 -35.08 -0.57 1.11
N GLY B 398 -34.32 -1.56 0.64
CA GLY B 398 -33.83 -2.60 1.53
C GLY B 398 -32.34 -2.51 1.77
N LEU B 399 -31.66 -1.80 0.88
CA LEU B 399 -30.21 -1.67 0.89
C LEU B 399 -29.74 -0.37 1.53
N LYS B 400 -30.67 0.39 2.10
CA LYS B 400 -30.42 1.76 2.55
C LYS B 400 -29.12 1.92 3.34
N ASP B 401 -28.83 0.97 4.23
CA ASP B 401 -27.69 1.10 5.13
C ASP B 401 -26.43 0.38 4.65
N PHE B 402 -26.49 -0.28 3.50
CA PHE B 402 -25.35 -1.07 3.02
C PHE B 402 -24.13 -0.22 2.66
N PRO B 403 -24.30 0.87 1.90
CA PRO B 403 -23.11 1.68 1.64
C PRO B 403 -22.53 2.35 2.89
N TYR B 404 -23.41 2.83 3.76
CA TYR B 404 -22.97 3.57 4.95
C TYR B 404 -22.32 2.66 5.98
N LYS B 405 -22.88 1.48 6.19
CA LYS B 405 -22.37 0.54 7.19
C LYS B 405 -21.29 -0.36 6.64
N ARG B 406 -21.65 -1.20 5.67
CA ARG B 406 -20.80 -2.30 5.23
C ARG B 406 -19.65 -1.88 4.33
N ILE B 407 -19.84 -0.78 3.60
CA ILE B 407 -18.85 -0.35 2.61
C ILE B 407 -17.89 0.69 3.16
N LEU B 408 -18.42 1.82 3.61
CA LEU B 408 -17.62 2.92 4.10
C LEU B 408 -16.59 2.43 5.12
N GLY B 409 -15.34 2.79 4.88
CA GLY B 409 -14.21 2.22 5.61
C GLY B 409 -12.98 3.07 5.41
N PRO B 410 -11.79 2.53 5.77
CA PRO B 410 -10.58 3.36 5.78
C PRO B 410 -10.20 3.99 4.45
N ASP B 411 -10.09 3.19 3.41
CA ASP B 411 -9.78 3.73 2.09
C ASP B 411 -11.01 3.81 1.17
N PHE B 412 -12.18 3.49 1.67
CA PHE B 412 -13.40 3.65 0.87
C PHE B 412 -14.18 4.89 1.27
N GLY B 413 -14.65 5.63 0.26
CA GLY B 413 -15.36 6.87 0.51
C GLY B 413 -16.87 6.75 0.49
N TYR B 414 -17.53 7.74 1.08
CA TYR B 414 -18.99 7.82 1.07
C TYR B 414 -19.45 9.22 0.70
N VAL B 415 -20.41 9.30 -0.21
CA VAL B 415 -21.04 10.56 -0.56
C VAL B 415 -22.47 10.30 -1.00
N THR B 416 -23.37 11.23 -0.72
CA THR B 416 -24.76 11.06 -1.11
C THR B 416 -25.48 12.39 -1.29
N ARG B 417 -26.73 12.31 -1.72
CA ARG B 417 -27.60 13.48 -1.83
C ARG B 417 -29.01 13.08 -1.41
N GLU B 418 -29.66 13.91 -0.62
CA GLU B 418 -30.99 13.59 -0.14
C GLU B 418 -32.07 14.39 -0.87
N ILE B 419 -32.89 13.66 -1.64
CA ILE B 419 -34.00 14.26 -2.37
C ILE B 419 -35.04 14.82 -1.40
N PRO B 420 -35.67 15.94 -1.77
CA PRO B 420 -36.91 16.36 -1.09
C PRO B 420 -38.05 15.38 -1.38
N LEU B 421 -39.25 15.71 -0.92
CA LEU B 421 -40.41 14.87 -1.20
C LEU B 421 -40.99 15.25 -2.56
N PRO B 422 -41.70 14.30 -3.21
CA PRO B 422 -41.92 12.90 -2.85
C PRO B 422 -40.93 11.94 -3.52
N GLY B 423 -39.63 12.14 -3.32
CA GLY B 423 -38.64 11.27 -3.94
C GLY B 423 -38.53 9.94 -3.22
N PRO B 424 -37.85 8.96 -3.85
CA PRO B 424 -37.33 9.01 -5.22
C PRO B 424 -38.30 8.42 -6.24
N SER B 425 -37.86 8.39 -7.50
CA SER B 425 -38.57 7.63 -8.54
C SER B 425 -37.65 6.51 -9.01
N SER B 426 -38.11 5.74 -9.99
CA SER B 426 -37.30 4.63 -10.51
C SER B 426 -36.09 5.14 -11.27
N LEU B 427 -36.19 6.37 -11.80
CA LEU B 427 -35.10 6.97 -12.55
C LEU B 427 -33.97 7.39 -11.62
N ASP B 428 -34.25 7.43 -10.32
CA ASP B 428 -33.23 7.76 -9.32
C ASP B 428 -32.39 6.54 -8.97
N SER B 429 -32.90 5.36 -9.30
CA SER B 429 -32.14 4.14 -9.14
C SER B 429 -30.91 4.23 -10.05
N PHE B 430 -29.78 3.74 -9.56
CA PHE B 430 -28.51 4.01 -10.22
C PHE B 430 -28.20 3.04 -11.34
N GLY B 431 -29.13 2.15 -11.64
CA GLY B 431 -29.08 1.39 -12.87
C GLY B 431 -29.28 2.34 -14.03
N ASN B 432 -29.93 3.47 -13.74
CA ASN B 432 -30.13 4.53 -14.70
C ASN B 432 -28.89 5.41 -14.84
N LEU B 433 -27.92 5.18 -13.95
CA LEU B 433 -26.68 5.94 -13.96
C LEU B 433 -25.52 5.09 -14.47
N ASP B 434 -24.97 5.48 -15.62
CA ASP B 434 -23.84 4.76 -16.20
C ASP B 434 -22.82 5.76 -16.74
N VAL B 435 -21.76 5.25 -17.37
CA VAL B 435 -20.76 6.14 -17.97
C VAL B 435 -20.06 5.44 -19.14
N SER B 436 -19.65 6.23 -20.13
CA SER B 436 -19.04 5.71 -21.35
C SER B 436 -17.52 5.57 -21.21
N PRO B 437 -16.92 4.70 -22.04
CA PRO B 437 -15.46 4.59 -22.16
C PRO B 437 -14.85 5.86 -22.74
N PRO B 438 -13.52 6.06 -22.58
CA PRO B 438 -12.86 7.27 -23.07
C PRO B 438 -13.11 7.55 -24.54
N VAL B 439 -13.51 8.78 -24.87
CA VAL B 439 -13.81 9.13 -26.26
C VAL B 439 -13.18 10.45 -26.67
N THR B 440 -13.38 10.83 -27.93
CA THR B 440 -13.06 12.17 -28.42
C THR B 440 -14.16 12.61 -29.38
N VAL B 441 -14.65 13.83 -29.21
CA VAL B 441 -15.72 14.34 -30.07
C VAL B 441 -15.38 15.70 -30.66
N GLY B 442 -15.30 15.76 -31.98
CA GLY B 442 -15.07 17.00 -32.70
C GLY B 442 -13.87 17.81 -32.26
N GLY B 443 -12.81 17.11 -31.85
CA GLY B 443 -11.59 17.76 -31.41
C GLY B 443 -11.51 17.96 -29.91
N THR B 444 -12.67 17.95 -29.25
CA THR B 444 -12.70 18.03 -27.79
C THR B 444 -12.82 16.63 -27.21
N GLU B 445 -11.82 16.22 -26.45
CA GLU B 445 -11.75 14.83 -26.01
C GLU B 445 -12.16 14.65 -24.55
N TYR B 446 -12.78 13.49 -24.28
CA TYR B 446 -13.23 13.11 -22.95
C TYR B 446 -12.51 11.85 -22.51
N PRO B 447 -11.33 12.01 -21.88
CA PRO B 447 -10.47 10.91 -21.46
C PRO B 447 -11.08 10.04 -20.38
N LEU B 448 -11.90 10.65 -19.51
CA LEU B 448 -12.54 9.92 -18.43
C LEU B 448 -13.93 9.45 -18.83
N GLY B 449 -14.30 9.70 -20.08
CA GLY B 449 -15.58 9.25 -20.61
C GLY B 449 -16.68 10.26 -20.39
N ARG B 450 -17.90 9.88 -20.70
CA ARG B 450 -19.05 10.76 -20.49
C ARG B 450 -20.16 10.04 -19.72
N ILE B 451 -20.68 10.70 -18.68
CA ILE B 451 -21.73 10.12 -17.86
C ILE B 451 -23.06 10.06 -18.61
N LEU B 452 -23.73 8.92 -18.51
CA LEU B 452 -25.04 8.74 -19.16
C LEU B 452 -26.12 8.51 -18.12
N ILE B 453 -27.14 9.38 -18.13
CA ILE B 453 -28.30 9.21 -17.27
C ILE B 453 -29.59 9.36 -18.08
N GLY B 454 -30.50 8.41 -17.89
CA GLY B 454 -31.76 8.44 -18.61
C GLY B 454 -32.79 9.35 -17.96
N SER B 455 -33.58 10.01 -18.80
CA SER B 455 -34.67 10.83 -18.33
C SER B 455 -35.90 10.53 -19.16
N SER B 456 -36.99 11.21 -18.87
CA SER B 456 -38.14 11.17 -19.77
C SER B 456 -37.75 11.91 -21.04
N PHE B 457 -38.48 11.64 -22.12
CA PHE B 457 -38.27 12.38 -23.35
C PHE B 457 -38.41 13.85 -23.03
N PRO B 458 -37.63 14.71 -23.70
CA PRO B 458 -37.73 16.15 -23.43
C PRO B 458 -39.16 16.66 -23.63
N LYS B 459 -39.45 17.79 -23.01
CA LYS B 459 -40.76 18.45 -23.04
C LYS B 459 -41.78 17.69 -22.18
N SER B 460 -41.39 16.57 -21.59
CA SER B 460 -42.34 15.71 -20.90
C SER B 460 -41.90 15.16 -19.54
N GLY B 461 -42.78 15.36 -18.55
CA GLY B 461 -42.78 14.57 -17.32
C GLY B 461 -41.53 14.47 -16.47
N GLY B 462 -41.46 13.41 -15.68
CA GLY B 462 -40.40 13.19 -14.73
C GLY B 462 -39.03 12.89 -15.32
N ARG B 463 -38.06 13.71 -14.94
CA ARG B 463 -36.65 13.46 -15.27
C ARG B 463 -36.10 12.57 -14.16
N GLN B 464 -34.79 12.43 -14.08
CA GLN B 464 -34.22 11.82 -12.88
C GLN B 464 -34.73 12.69 -11.74
N MET B 465 -35.45 12.07 -10.80
CA MET B 465 -36.31 12.83 -9.89
C MET B 465 -35.51 13.61 -8.87
N ALA B 466 -34.20 13.39 -8.86
CA ALA B 466 -33.31 14.21 -8.06
C ALA B 466 -32.59 15.22 -8.93
N ARG B 467 -32.93 16.49 -8.77
CA ARG B 467 -32.14 17.55 -9.38
C ARG B 467 -30.85 17.68 -8.58
N ALA B 468 -30.88 17.18 -7.35
CA ALA B 468 -29.69 17.18 -6.49
C ALA B 468 -28.56 16.36 -7.10
N VAL B 469 -28.83 15.09 -7.39
CA VAL B 469 -27.80 14.20 -7.91
C VAL B 469 -27.40 14.61 -9.32
N ARG B 470 -28.34 15.14 -10.09
CA ARG B 470 -28.00 15.64 -11.42
C ARG B 470 -26.99 16.75 -11.26
N ASN B 471 -27.37 17.79 -10.50
CA ASN B 471 -26.51 18.92 -10.19
C ASN B 471 -25.13 18.47 -9.75
N PHE B 472 -25.08 17.48 -8.86
CA PHE B 472 -23.83 16.91 -8.40
C PHE B 472 -22.99 16.40 -9.57
N LEU B 473 -23.59 15.53 -10.37
CA LEU B 473 -22.89 14.89 -11.48
C LEU B 473 -22.36 15.89 -12.52
N LYS B 474 -23.16 16.88 -12.90
CA LYS B 474 -22.68 17.85 -13.89
C LYS B 474 -21.67 18.80 -13.26
N ALA B 475 -21.83 19.08 -11.97
CA ALA B 475 -20.93 19.99 -11.28
C ALA B 475 -19.56 19.37 -11.06
N GLN B 476 -19.47 18.05 -11.09
CA GLN B 476 -18.17 17.39 -11.07
C GLN B 476 -17.36 17.86 -12.27
N GLN B 477 -18.07 18.21 -13.35
CA GLN B 477 -17.56 18.96 -14.50
C GLN B 477 -16.62 18.13 -15.37
N VAL B 478 -16.15 17.01 -14.83
CA VAL B 478 -15.47 16.01 -15.62
C VAL B 478 -16.52 14.98 -16.01
N GLN B 479 -16.39 14.43 -17.21
CA GLN B 479 -17.29 13.40 -17.76
C GLN B 479 -18.63 13.99 -18.24
N ALA B 480 -18.84 15.28 -17.99
CA ALA B 480 -19.82 16.10 -18.73
C ALA B 480 -21.09 15.36 -19.17
N PRO B 481 -21.92 14.96 -18.21
CA PRO B 481 -23.05 14.05 -18.44
C PRO B 481 -23.99 14.43 -19.57
N VAL B 482 -24.38 13.44 -20.37
CA VAL B 482 -25.41 13.61 -21.38
C VAL B 482 -26.65 12.83 -20.97
N GLU B 483 -27.82 13.30 -21.39
CA GLU B 483 -29.06 12.69 -20.95
C GLU B 483 -29.73 11.90 -22.05
N LEU B 484 -30.05 10.64 -21.75
CA LEU B 484 -30.68 9.74 -22.71
C LEU B 484 -32.17 9.62 -22.44
N TYR B 485 -32.86 8.82 -23.23
CA TYR B 485 -34.30 8.65 -23.04
C TYR B 485 -34.61 7.21 -22.61
N SER B 486 -34.85 7.04 -21.31
CA SER B 486 -35.18 5.74 -20.73
C SER B 486 -36.64 5.52 -20.36
N ASP B 487 -37.48 6.55 -20.46
CA ASP B 487 -38.77 6.52 -19.80
C ASP B 487 -39.84 5.79 -20.59
N TRP B 488 -39.50 5.34 -21.80
CA TRP B 488 -40.40 4.51 -22.57
C TRP B 488 -40.43 3.11 -21.94
N LEU B 489 -39.36 2.78 -21.24
CA LEU B 489 -39.29 1.53 -20.46
C LEU B 489 -40.03 1.70 -19.14
N SER B 490 -40.67 0.63 -18.68
CA SER B 490 -41.45 0.67 -17.44
C SER B 490 -40.56 0.97 -16.24
N VAL B 491 -39.47 0.23 -16.11
CA VAL B 491 -38.50 0.46 -15.04
C VAL B 491 -37.72 1.74 -15.34
N GLY B 492 -37.39 1.94 -16.61
CA GLY B 492 -36.79 3.18 -17.06
C GLY B 492 -35.34 3.40 -16.68
N HIS B 493 -34.51 2.40 -16.90
CA HIS B 493 -33.07 2.55 -16.67
C HIS B 493 -32.32 2.39 -17.98
N VAL B 494 -31.20 3.10 -18.11
CA VAL B 494 -30.40 3.03 -19.34
C VAL B 494 -29.70 1.68 -19.48
N ASP B 495 -29.52 0.98 -18.38
CA ASP B 495 -28.78 -0.28 -18.38
C ASP B 495 -29.56 -1.40 -19.07
N GLU B 496 -30.83 -1.13 -19.36
CA GLU B 496 -31.67 -2.11 -20.05
C GLU B 496 -31.30 -2.23 -21.53
N PHE B 497 -31.26 -1.11 -22.23
CA PHE B 497 -30.98 -1.12 -23.67
C PHE B 497 -29.53 -0.77 -24.03
N LEU B 498 -28.69 -0.54 -23.04
CA LEU B 498 -27.34 -0.02 -23.29
C LEU B 498 -26.25 -0.74 -22.49
N THR B 499 -25.11 -0.99 -23.13
CA THR B 499 -23.90 -1.36 -22.39
C THR B 499 -22.63 -1.14 -23.22
N PHE B 500 -21.48 -1.49 -22.63
CA PHE B 500 -20.20 -1.35 -23.31
C PHE B 500 -19.31 -2.56 -23.05
N VAL B 501 -18.53 -2.96 -24.05
CA VAL B 501 -17.59 -4.06 -23.89
C VAL B 501 -16.19 -3.67 -24.37
N PRO B 502 -15.15 -4.15 -23.67
CA PRO B 502 -13.76 -3.84 -24.05
C PRO B 502 -13.32 -4.60 -25.30
N THR B 503 -12.45 -3.97 -26.09
CA THR B 503 -12.00 -4.57 -27.35
C THR B 503 -10.53 -4.22 -27.61
N SER B 504 -9.81 -5.14 -28.26
CA SER B 504 -8.40 -4.92 -28.59
C SER B 504 -8.25 -3.78 -29.58
N ASP B 505 -9.03 -3.82 -30.65
CA ASP B 505 -9.25 -2.69 -31.54
C ASP B 505 -10.41 -1.90 -30.92
N GLN B 506 -10.83 -0.76 -31.45
CA GLN B 506 -10.07 0.13 -32.32
C GLN B 506 -9.79 1.36 -31.48
N LYS B 507 -10.89 2.00 -31.05
CA LYS B 507 -10.85 3.04 -30.01
C LYS B 507 -10.02 2.63 -28.77
N GLY B 508 -10.41 1.57 -28.04
CA GLY B 508 -11.39 0.59 -28.50
C GLY B 508 -12.28 -0.06 -27.48
N PHE B 509 -13.46 -0.44 -27.98
CA PHE B 509 -14.59 -0.87 -27.21
C PHE B 509 -15.73 -1.03 -28.22
N ARG B 510 -16.83 -1.64 -27.80
CA ARG B 510 -18.04 -1.62 -28.61
C ARG B 510 -19.26 -1.40 -27.73
N LEU B 511 -20.09 -0.44 -28.14
CA LEU B 511 -21.36 -0.16 -27.49
C LEU B 511 -22.38 -1.19 -27.92
N LEU B 512 -23.08 -1.79 -26.97
CA LEU B 512 -24.13 -2.74 -27.31
C LEU B 512 -25.50 -2.13 -27.07
N LEU B 513 -26.34 -2.17 -28.10
CA LEU B 513 -27.70 -1.64 -28.04
C LEU B 513 -28.74 -2.75 -28.19
N ALA B 514 -29.88 -2.59 -27.53
CA ALA B 514 -31.00 -3.50 -27.70
C ALA B 514 -31.63 -3.29 -29.07
N SER B 515 -31.84 -4.37 -29.81
CA SER B 515 -32.33 -4.28 -31.17
C SER B 515 -33.46 -5.26 -31.50
N PRO B 516 -34.71 -4.84 -31.29
CA PRO B 516 -35.89 -5.63 -31.66
C PRO B 516 -35.87 -6.03 -33.14
N SER B 517 -35.50 -5.08 -34.00
CA SER B 517 -35.47 -5.31 -35.43
C SER B 517 -34.47 -6.40 -35.81
N ALA B 518 -33.35 -6.45 -35.09
CA ALA B 518 -32.34 -7.47 -35.35
C ALA B 518 -32.82 -8.84 -34.88
N CYS B 519 -33.70 -8.85 -33.88
CA CYS B 519 -34.24 -10.09 -33.36
C CYS B 519 -35.31 -10.66 -34.28
N LEU B 520 -36.16 -9.78 -34.81
CA LEU B 520 -37.14 -10.19 -35.80
C LEU B 520 -36.41 -10.65 -37.07
N LYS B 521 -35.40 -9.89 -37.44
CA LYS B 521 -34.55 -10.21 -38.59
C LYS B 521 -33.92 -11.58 -38.44
N LEU B 522 -33.39 -11.88 -37.26
CA LEU B 522 -32.84 -13.20 -36.99
C LEU B 522 -33.92 -14.27 -37.04
N PHE B 523 -35.09 -13.92 -36.52
CA PHE B 523 -36.20 -14.86 -36.42
C PHE B 523 -36.67 -15.35 -37.78
N GLN B 524 -36.95 -14.44 -38.70
CA GLN B 524 -37.37 -14.92 -40.01
C GLN B 524 -36.17 -15.16 -40.91
N GLU B 525 -34.97 -14.81 -40.43
CA GLU B 525 -33.74 -15.34 -41.03
C GLU B 525 -33.83 -16.84 -40.96
N LYS B 526 -34.17 -17.32 -39.78
CA LYS B 526 -34.27 -18.74 -39.53
C LYS B 526 -35.64 -19.30 -39.93
N LYS B 527 -36.60 -18.43 -40.23
CA LYS B 527 -37.84 -18.90 -40.86
C LYS B 527 -37.58 -19.14 -42.34
N GLU B 528 -36.60 -18.44 -42.90
CA GLU B 528 -36.13 -18.75 -44.24
C GLU B 528 -35.18 -19.93 -44.17
N GLU B 529 -34.80 -20.30 -42.95
CA GLU B 529 -34.28 -21.63 -42.69
C GLU B 529 -35.46 -22.52 -42.29
N GLY B 530 -35.19 -23.72 -41.78
CA GLY B 530 -36.16 -24.81 -41.89
C GLY B 530 -37.55 -24.99 -41.28
N TYR B 531 -37.78 -25.09 -39.96
CA TYR B 531 -37.08 -24.57 -38.78
C TYR B 531 -37.24 -23.06 -38.61
N GLY B 532 -38.44 -22.60 -38.93
CA GLY B 532 -38.98 -21.38 -38.40
C GLY B 532 -40.04 -21.75 -37.38
N GLU B 533 -40.16 -23.05 -37.11
CA GLU B 533 -41.16 -23.58 -36.18
C GLU B 533 -40.61 -23.76 -34.77
N ALA B 534 -39.34 -23.42 -34.57
CA ALA B 534 -38.76 -23.42 -33.23
C ALA B 534 -39.45 -22.34 -32.40
N ALA B 535 -39.61 -22.61 -31.10
CA ALA B 535 -40.44 -21.75 -30.27
C ALA B 535 -39.64 -20.96 -29.25
N GLN B 536 -40.14 -19.78 -28.89
CA GLN B 536 -39.56 -19.01 -27.81
C GLN B 536 -39.82 -19.76 -26.51
N PHE B 537 -38.94 -19.58 -25.54
CA PHE B 537 -39.09 -20.22 -24.24
C PHE B 537 -39.01 -21.75 -24.38
N ASP B 538 -38.04 -22.23 -25.15
CA ASP B 538 -37.87 -23.68 -25.33
C ASP B 538 -37.07 -24.36 -24.23
N GLY B 539 -36.15 -23.63 -23.61
CA GLY B 539 -35.26 -24.21 -22.62
C GLY B 539 -35.95 -24.70 -21.36
N LEU B 540 -36.91 -23.93 -20.90
CA LEU B 540 -37.66 -24.26 -19.70
C LEU B 540 -38.79 -25.33 -20.10
N LYS B 541 -39.85 -25.72 -19.33
CA LYS B 541 -40.69 -24.90 -18.48
C LYS B 541 -42.02 -25.54 -17.92
N HIS B 542 -42.77 -24.74 -17.16
CA HIS B 542 -44.23 -24.79 -16.93
C HIS B 542 -45.25 -23.89 -17.79
N GLN B 543 -44.84 -23.19 -18.88
CA GLN B 543 -45.45 -22.00 -19.63
C GLN B 543 -46.60 -22.22 -20.63
N ALA B 544 -46.83 -21.13 -21.39
CA ALA B 544 -47.22 -21.19 -22.81
C ALA B 544 -46.02 -20.76 -23.69
N LYS B 545 -45.76 -21.47 -24.80
CA LYS B 545 -44.61 -21.15 -25.67
C LYS B 545 -45.04 -20.56 -27.01
N ARG B 546 -44.18 -19.74 -27.60
CA ARG B 546 -44.54 -19.02 -28.82
C ARG B 546 -43.53 -19.30 -29.92
N SER B 547 -43.98 -19.91 -31.00
CA SER B 547 -43.12 -20.22 -32.13
C SER B 547 -42.71 -18.94 -32.84
N ILE B 548 -41.63 -19.02 -33.62
CA ILE B 548 -41.21 -17.89 -34.45
C ILE B 548 -42.36 -17.47 -35.35
N ASN B 549 -43.02 -18.47 -35.95
CA ASN B 549 -44.17 -18.21 -36.81
C ASN B 549 -45.28 -17.46 -36.08
N GLU B 550 -45.62 -17.91 -34.87
CA GLU B 550 -46.66 -17.24 -34.09
C GLU B 550 -46.24 -15.81 -33.77
N MET B 551 -45.04 -15.65 -33.23
CA MET B 551 -44.55 -14.32 -32.85
C MET B 551 -44.56 -13.35 -34.03
N LEU B 552 -44.10 -13.80 -35.19
CA LEU B 552 -44.05 -12.94 -36.36
C LEU B 552 -45.44 -12.67 -36.95
N ALA B 553 -46.32 -13.66 -36.91
CA ALA B 553 -47.67 -13.51 -37.45
C ALA B 553 -48.52 -12.61 -36.57
N ASP B 554 -48.04 -12.35 -35.36
CA ASP B 554 -48.74 -11.50 -34.41
C ASP B 554 -48.25 -10.07 -34.56
N ARG B 555 -49.09 -9.17 -35.06
CA ARG B 555 -48.73 -7.78 -34.89
C ARG B 555 -49.62 -7.18 -33.81
N HIS B 556 -49.08 -7.24 -32.60
CA HIS B 556 -49.44 -6.43 -31.45
C HIS B 556 -48.07 -6.14 -30.90
N LEU B 557 -47.42 -7.26 -30.57
CA LEU B 557 -46.01 -7.34 -30.19
C LEU B 557 -45.09 -6.55 -31.11
N GLN B 558 -45.39 -6.55 -32.41
CA GLN B 558 -44.52 -5.86 -33.36
C GLN B 558 -44.76 -4.35 -33.39
N ARG B 559 -45.95 -3.91 -32.97
CA ARG B 559 -46.13 -2.49 -32.70
C ARG B 559 -45.21 -2.11 -31.57
N ASP B 560 -45.21 -2.94 -30.53
CA ASP B 560 -44.37 -2.76 -29.36
C ASP B 560 -42.89 -2.71 -29.72
N ASN B 561 -42.46 -3.63 -30.57
CA ASN B 561 -41.05 -3.75 -30.91
C ASN B 561 -40.58 -2.71 -31.92
N LEU B 562 -41.46 -2.29 -32.81
CA LEU B 562 -41.13 -1.20 -33.72
C LEU B 562 -41.04 0.10 -32.94
N HIS B 563 -41.96 0.26 -32.00
CA HIS B 563 -41.93 1.40 -31.06
C HIS B 563 -40.60 1.44 -30.32
N ALA B 564 -40.33 0.38 -29.55
CA ALA B 564 -39.10 0.24 -28.80
C ALA B 564 -37.87 0.50 -29.67
N GLN B 565 -37.86 -0.11 -30.85
CA GLN B 565 -36.74 0.07 -31.78
C GLN B 565 -36.59 1.54 -32.18
N LYS B 566 -37.70 2.24 -32.32
CA LYS B 566 -37.65 3.66 -32.70
C LYS B 566 -37.11 4.52 -31.55
N CYS B 567 -37.46 4.14 -30.32
CA CYS B 567 -36.93 4.83 -29.14
C CYS B 567 -35.42 4.64 -29.05
N ILE B 568 -35.01 3.38 -29.14
CA ILE B 568 -33.59 3.02 -29.14
C ILE B 568 -32.87 3.68 -30.32
N ASP B 569 -33.61 3.99 -31.38
CA ASP B 569 -33.06 4.71 -32.52
C ASP B 569 -32.80 6.16 -32.17
N TRP B 570 -33.74 6.80 -31.48
CA TRP B 570 -33.54 8.16 -30.99
C TRP B 570 -32.29 8.21 -30.11
N ASN B 571 -32.23 7.27 -29.17
CA ASN B 571 -31.06 7.15 -28.29
C ASN B 571 -29.78 6.87 -29.07
N ARG B 572 -29.92 6.18 -30.20
CA ARG B 572 -28.78 5.88 -31.06
C ARG B 572 -28.24 7.16 -31.69
N ASN B 573 -29.16 7.99 -32.16
CA ASN B 573 -28.81 9.31 -32.67
C ASN B 573 -28.07 10.13 -31.63
N VAL B 574 -28.68 10.28 -30.46
CA VAL B 574 -28.09 11.07 -29.40
C VAL B 574 -26.70 10.55 -28.98
N LEU B 575 -26.60 9.24 -28.80
CA LEU B 575 -25.34 8.62 -28.40
C LEU B 575 -24.25 8.81 -29.45
N LYS B 576 -24.59 8.58 -30.72
CA LYS B 576 -23.63 8.76 -31.80
C LYS B 576 -23.15 10.19 -31.88
N ARG B 577 -24.05 11.14 -31.65
CA ARG B 577 -23.68 12.55 -31.67
C ARG B 577 -22.76 12.92 -30.50
N GLU B 578 -23.19 12.58 -29.29
CA GLU B 578 -22.50 13.05 -28.09
C GLU B 578 -21.20 12.30 -27.79
N LEU B 579 -21.15 11.02 -28.16
CA LEU B 579 -19.95 10.22 -27.89
C LEU B 579 -19.04 10.15 -29.10
N GLY B 580 -19.44 10.79 -30.20
CA GLY B 580 -18.64 10.80 -31.41
C GLY B 580 -18.44 9.40 -31.97
N LEU B 581 -19.54 8.71 -32.23
CA LEU B 581 -19.49 7.31 -32.63
C LEU B 581 -19.89 7.08 -34.08
N ALA B 582 -19.32 6.03 -34.67
CA ALA B 582 -19.70 5.60 -36.00
C ALA B 582 -20.21 4.16 -35.91
N GLU B 583 -20.92 3.71 -36.93
CA GLU B 583 -21.59 2.40 -36.90
C GLU B 583 -20.64 1.24 -36.57
N SER B 584 -19.35 1.43 -36.81
CA SER B 584 -18.35 0.44 -36.46
C SER B 584 -18.32 0.19 -34.95
N ASP B 585 -18.58 1.24 -34.18
CA ASP B 585 -18.55 1.17 -32.72
C ASP B 585 -19.79 0.50 -32.16
N ILE B 586 -20.90 0.62 -32.88
CA ILE B 586 -22.18 0.10 -32.41
C ILE B 586 -22.38 -1.37 -32.80
N VAL B 587 -22.91 -2.14 -31.87
CA VAL B 587 -23.32 -3.52 -32.12
C VAL B 587 -24.75 -3.72 -31.63
N ASP B 588 -25.57 -4.36 -32.45
CA ASP B 588 -26.98 -4.55 -32.11
C ASP B 588 -27.24 -5.97 -31.60
N ILE B 589 -27.53 -6.07 -30.31
CA ILE B 589 -27.88 -7.34 -29.68
C ILE B 589 -29.38 -7.54 -29.77
N PRO B 590 -29.82 -8.69 -30.32
CA PRO B 590 -31.26 -8.90 -30.50
C PRO B 590 -31.99 -8.93 -29.17
N GLN B 591 -33.01 -8.08 -29.03
CA GLN B 591 -33.82 -8.04 -27.82
C GLN B 591 -35.28 -7.72 -28.13
N LEU B 592 -36.21 -8.49 -27.62
CA LEU B 592 -37.62 -8.23 -27.85
C LEU B 592 -38.30 -7.62 -26.63
N PHE B 593 -39.25 -6.73 -26.89
CA PHE B 593 -40.01 -6.10 -25.81
C PHE B 593 -41.50 -6.28 -26.01
N PHE B 594 -42.26 -6.12 -24.93
CA PHE B 594 -43.72 -6.10 -25.01
C PHE B 594 -44.24 -4.92 -24.20
N LEU B 595 -45.46 -4.49 -24.50
CA LEU B 595 -46.03 -3.31 -23.86
C LEU B 595 -47.08 -3.64 -22.80
N LYS B 596 -46.90 -3.05 -21.63
CA LYS B 596 -47.86 -3.15 -20.54
C LYS B 596 -48.12 -1.76 -20.00
N ASN B 597 -49.37 -1.34 -20.01
CA ASN B 597 -49.77 0.01 -19.59
C ASN B 597 -48.94 1.07 -20.30
N PHE B 598 -48.81 0.92 -21.62
CA PHE B 598 -48.09 1.85 -22.49
C PHE B 598 -46.57 1.84 -22.26
N TYR B 599 -46.10 1.05 -21.29
CA TYR B 599 -44.67 1.04 -20.98
C TYR B 599 -43.99 -0.28 -21.38
N ALA B 600 -42.71 -0.19 -21.71
CA ALA B 600 -41.98 -1.32 -22.27
C ALA B 600 -41.38 -2.24 -21.21
N GLU B 601 -41.51 -3.54 -21.43
CA GLU B 601 -40.87 -4.55 -20.59
C GLU B 601 -40.22 -5.60 -21.47
N ALA B 602 -39.32 -6.40 -20.90
CA ALA B 602 -38.59 -7.40 -21.67
C ALA B 602 -39.45 -8.63 -21.95
N PHE B 603 -39.49 -9.06 -23.21
CA PHE B 603 -40.25 -10.24 -23.61
C PHE B 603 -39.54 -11.51 -23.16
N PHE B 604 -38.25 -11.59 -23.48
CA PHE B 604 -37.38 -12.61 -22.93
C PHE B 604 -36.28 -11.88 -22.15
N PRO B 605 -35.59 -12.58 -21.23
CA PRO B 605 -34.60 -11.91 -20.38
C PRO B 605 -33.64 -11.01 -21.17
N ASP B 606 -33.43 -9.79 -20.67
CA ASP B 606 -32.74 -8.77 -21.44
C ASP B 606 -31.24 -9.06 -21.44
N MET B 607 -30.71 -9.34 -22.63
CA MET B 607 -29.31 -9.74 -22.77
C MET B 607 -28.38 -8.54 -22.68
N VAL B 608 -28.87 -7.39 -23.13
CA VAL B 608 -28.09 -6.16 -23.09
C VAL B 608 -27.78 -5.79 -21.64
N ASN B 609 -28.72 -6.07 -20.75
CA ASN B 609 -28.43 -5.90 -19.34
C ASN B 609 -27.63 -7.11 -18.91
N MET B 610 -26.37 -6.88 -18.55
CA MET B 610 -25.42 -7.95 -18.35
C MET B 610 -24.23 -7.47 -17.54
N VAL B 611 -23.46 -8.39 -16.97
CA VAL B 611 -22.29 -7.97 -16.22
C VAL B 611 -21.00 -8.15 -17.05
N VAL B 612 -20.23 -7.08 -17.15
CA VAL B 612 -19.01 -7.11 -17.96
C VAL B 612 -17.76 -7.19 -17.08
N LEU B 613 -17.11 -8.35 -17.07
CA LEU B 613 -15.81 -8.45 -16.42
C LEU B 613 -14.75 -8.81 -17.44
N GLY B 614 -13.91 -7.84 -17.80
CA GLY B 614 -12.90 -8.06 -18.84
C GLY B 614 -13.49 -8.62 -20.12
N LYS B 615 -12.90 -9.71 -20.61
CA LYS B 615 -13.37 -10.37 -21.83
C LYS B 615 -14.46 -11.40 -21.50
N TYR B 616 -14.73 -11.58 -20.22
CA TYR B 616 -15.78 -12.48 -19.75
C TYR B 616 -17.08 -11.72 -19.50
N LEU B 617 -18.15 -12.14 -20.16
CA LEU B 617 -19.41 -11.42 -20.09
C LEU B 617 -20.51 -12.30 -19.51
N GLY B 618 -20.94 -12.01 -18.28
CA GLY B 618 -22.12 -12.68 -17.75
C GLY B 618 -23.35 -12.17 -18.48
N ILE B 619 -24.02 -13.06 -19.18
CA ILE B 619 -25.20 -12.74 -19.96
C ILE B 619 -26.42 -13.53 -19.52
N PRO B 620 -27.47 -12.85 -19.05
CA PRO B 620 -28.73 -13.52 -18.73
C PRO B 620 -29.22 -14.37 -19.90
N LYS B 621 -29.62 -15.60 -19.61
CA LYS B 621 -29.91 -16.56 -20.66
C LYS B 621 -31.30 -16.36 -21.25
N PRO B 622 -31.37 -15.95 -22.53
CA PRO B 622 -32.67 -15.93 -23.18
C PRO B 622 -33.09 -17.35 -23.50
N TYR B 623 -34.37 -17.67 -23.35
CA TYR B 623 -34.81 -18.97 -23.78
C TYR B 623 -35.52 -18.76 -25.10
N GLY B 624 -34.83 -19.12 -26.17
CA GLY B 624 -35.27 -18.80 -27.51
C GLY B 624 -35.67 -20.00 -28.33
N PRO B 625 -35.77 -19.81 -29.65
CA PRO B 625 -35.99 -20.91 -30.60
C PRO B 625 -34.84 -21.90 -30.53
N ILE B 626 -35.16 -23.19 -30.37
CA ILE B 626 -34.10 -24.20 -30.30
C ILE B 626 -33.87 -24.80 -31.67
N ILE B 627 -32.64 -24.65 -32.16
CA ILE B 627 -32.28 -25.15 -33.48
C ILE B 627 -30.92 -25.83 -33.42
N ASN B 628 -30.88 -27.08 -33.87
CA ASN B 628 -29.66 -27.89 -33.87
C ASN B 628 -29.08 -28.04 -32.46
N GLY B 629 -29.96 -28.14 -31.47
CA GLY B 629 -29.53 -28.25 -30.09
C GLY B 629 -28.87 -26.98 -29.60
N ARG B 630 -29.24 -25.86 -30.22
CA ARG B 630 -28.64 -24.57 -29.92
C ARG B 630 -29.72 -23.50 -29.79
N CYS B 631 -29.44 -22.47 -29.00
CA CYS B 631 -30.33 -21.32 -28.93
C CYS B 631 -29.86 -20.27 -29.95
N CYS B 632 -30.71 -20.00 -30.94
CA CYS B 632 -30.32 -19.14 -32.06
C CYS B 632 -30.02 -17.70 -31.63
N LEU B 633 -30.67 -17.26 -30.55
CA LEU B 633 -30.37 -15.95 -30.00
C LEU B 633 -28.97 -15.96 -29.40
N GLU B 634 -28.70 -17.00 -28.60
CA GLU B 634 -27.37 -17.19 -28.02
C GLU B 634 -26.31 -17.30 -29.11
N GLU B 635 -26.58 -18.07 -30.15
CA GLU B 635 -25.61 -18.25 -31.23
C GLU B 635 -25.36 -16.95 -31.98
N LYS B 636 -26.41 -16.14 -32.14
CA LYS B 636 -26.27 -14.86 -32.83
C LYS B 636 -25.39 -13.94 -32.00
N VAL B 637 -25.65 -13.93 -30.70
CA VAL B 637 -24.86 -13.14 -29.76
C VAL B 637 -23.38 -13.54 -29.79
N GLN B 638 -23.12 -14.84 -29.67
CA GLN B 638 -21.75 -15.35 -29.69
C GLN B 638 -21.05 -14.98 -30.99
N SER B 639 -21.76 -15.17 -32.10
CA SER B 639 -21.22 -14.83 -33.42
C SER B 639 -20.89 -13.35 -33.53
N LEU B 640 -21.66 -12.52 -32.83
CA LEU B 640 -21.41 -11.08 -32.84
C LEU B 640 -20.22 -10.68 -31.97
N LEU B 641 -20.20 -11.16 -30.73
CA LEU B 641 -19.23 -10.71 -29.73
C LEU B 641 -17.86 -11.38 -29.82
N GLU B 642 -17.84 -12.68 -30.05
CA GLU B 642 -16.59 -13.46 -29.98
C GLU B 642 -15.46 -13.03 -30.92
N PRO B 643 -15.78 -12.54 -32.14
CA PRO B 643 -14.70 -11.94 -32.95
C PRO B 643 -13.91 -10.85 -32.23
N LEU B 644 -14.50 -10.23 -31.22
CA LEU B 644 -13.79 -9.25 -30.41
C LEU B 644 -12.96 -9.94 -29.32
N GLY B 645 -13.25 -11.21 -29.09
CA GLY B 645 -12.54 -11.99 -28.08
C GLY B 645 -13.34 -12.15 -26.80
N LEU B 646 -14.58 -11.67 -26.81
CA LEU B 646 -15.43 -11.75 -25.63
C LEU B 646 -16.07 -13.12 -25.50
N HIS B 647 -15.80 -13.79 -24.39
CA HIS B 647 -16.42 -15.09 -24.13
C HIS B 647 -17.80 -14.88 -23.53
N CYS B 648 -18.81 -15.51 -24.12
CA CYS B 648 -20.18 -15.32 -23.68
C CYS B 648 -20.65 -16.44 -22.77
N ILE B 649 -20.83 -16.12 -21.49
CA ILE B 649 -21.33 -17.07 -20.51
C ILE B 649 -22.78 -16.76 -20.20
N PHE B 650 -23.66 -17.72 -20.47
CA PHE B 650 -25.08 -17.50 -20.30
C PHE B 650 -25.61 -18.07 -18.99
N ILE B 651 -26.03 -17.18 -18.11
CA ILE B 651 -26.47 -17.53 -16.75
C ILE B 651 -27.98 -17.37 -16.62
N ASP B 652 -28.64 -18.30 -15.93
CA ASP B 652 -30.07 -18.21 -15.72
C ASP B 652 -30.36 -17.26 -14.55
N ASP B 653 -30.99 -16.13 -14.86
CA ASP B 653 -31.53 -15.25 -13.82
C ASP B 653 -33.05 -15.34 -13.67
N TYR B 654 -33.68 -16.20 -14.47
CA TYR B 654 -35.12 -16.08 -14.76
C TYR B 654 -36.03 -15.87 -13.55
N LEU B 655 -36.15 -16.88 -12.70
CA LEU B 655 -37.16 -16.87 -11.65
C LEU B 655 -36.91 -15.79 -10.60
N SER B 656 -35.67 -15.67 -10.14
CA SER B 656 -35.35 -14.77 -9.03
C SER B 656 -35.03 -13.36 -9.49
N TYR B 657 -34.94 -13.13 -10.80
CA TYR B 657 -34.65 -11.78 -11.30
C TYR B 657 -35.59 -11.31 -12.41
N HIS B 658 -35.58 -12.00 -13.55
CA HIS B 658 -36.33 -11.55 -14.73
C HIS B 658 -37.82 -11.33 -14.46
N GLU B 659 -38.43 -12.22 -13.68
CA GLU B 659 -39.85 -12.10 -13.36
C GLU B 659 -40.13 -10.87 -12.49
N LEU B 660 -39.06 -10.35 -11.89
CA LEU B 660 -39.13 -9.13 -11.09
C LEU B 660 -38.77 -7.91 -11.95
N GLN B 661 -38.64 -8.15 -13.26
CA GLN B 661 -38.31 -7.12 -14.24
C GLN B 661 -36.92 -6.54 -14.03
N GLY B 662 -35.94 -7.42 -13.89
CA GLY B 662 -34.54 -7.04 -13.80
C GLY B 662 -33.65 -8.18 -14.23
N GLU B 663 -32.42 -7.87 -14.62
CA GLU B 663 -31.51 -8.89 -15.12
C GLU B 663 -30.19 -8.89 -14.35
N ILE B 664 -29.23 -9.68 -14.83
CA ILE B 664 -27.97 -9.90 -14.14
C ILE B 664 -27.23 -8.62 -13.73
N HIS B 665 -27.16 -7.64 -14.62
CA HIS B 665 -26.48 -6.38 -14.31
C HIS B 665 -27.19 -5.62 -13.19
N CYS B 666 -28.50 -5.80 -13.07
CA CYS B 666 -29.26 -5.14 -12.03
C CYS B 666 -29.01 -5.80 -10.67
N GLY B 667 -28.85 -7.12 -10.67
CA GLY B 667 -28.61 -7.85 -9.44
C GLY B 667 -27.15 -7.88 -9.03
N THR B 668 -26.30 -7.24 -9.85
CA THR B 668 -24.87 -7.19 -9.57
C THR B 668 -24.35 -5.76 -9.59
N ASN B 669 -23.26 -5.51 -8.88
CA ASN B 669 -22.59 -4.22 -8.92
C ASN B 669 -21.08 -4.40 -8.92
N VAL B 670 -20.40 -3.73 -9.84
CA VAL B 670 -18.98 -3.94 -10.04
C VAL B 670 -18.15 -2.70 -9.78
N ARG B 671 -17.12 -2.85 -8.95
CA ARG B 671 -16.12 -1.81 -8.76
C ARG B 671 -14.88 -2.10 -9.60
N ARG B 672 -14.34 -1.05 -10.23
CA ARG B 672 -13.27 -1.26 -11.21
C ARG B 672 -12.04 -0.39 -10.95
N LYS B 673 -10.94 -0.75 -11.61
CA LYS B 673 -9.70 0.01 -11.52
C LYS B 673 -9.86 1.40 -12.10
N PRO B 674 -9.46 2.43 -11.34
CA PRO B 674 -9.54 3.83 -11.77
C PRO B 674 -8.73 4.10 -13.02
N PHE B 675 -9.12 5.13 -13.77
CA PHE B 675 -8.40 5.53 -14.98
C PHE B 675 -6.97 5.93 -14.67
N PRO B 676 -6.01 5.43 -15.47
CA PRO B 676 -4.61 5.81 -15.32
C PRO B 676 -4.39 7.28 -15.68
N PHE B 677 -5.27 7.82 -16.52
CA PHE B 677 -5.22 9.24 -16.88
C PHE B 677 -5.60 10.08 -15.67
N LYS B 678 -4.78 11.07 -15.35
CA LYS B 678 -5.01 11.91 -14.19
C LYS B 678 -6.00 12.99 -14.56
N TRP B 679 -7.07 13.12 -13.79
CA TRP B 679 -8.19 13.98 -14.15
C TRP B 679 -7.75 15.41 -14.44
N TRP B 680 -6.74 15.90 -13.71
CA TRP B 680 -6.32 17.28 -13.84
C TRP B 680 -5.61 17.59 -15.17
N ASN B 681 -5.38 16.56 -15.98
CA ASN B 681 -4.69 16.73 -17.27
C ASN B 681 -5.56 16.82 -18.55
N MET B 682 -6.88 16.73 -18.43
CA MET B 682 -7.78 16.84 -19.58
C MET B 682 -7.95 18.31 -19.93
N VAL B 683 -8.98 18.69 -20.71
CA VAL B 683 -9.49 20.07 -20.72
C VAL B 683 -11.02 20.12 -20.85
N PRO B 684 -11.75 20.08 -19.72
CA PRO B 684 -13.22 20.04 -19.79
C PRO B 684 -13.84 21.28 -20.45
#